data_4PEI
#
_entry.id   4PEI
#
_cell.length_a   73.037
_cell.length_b   142.479
_cell.length_c   214.665
_cell.angle_alpha   90.00
_cell.angle_beta   90.00
_cell.angle_gamma   90.00
#
_symmetry.space_group_name_H-M   'P 21 21 21'
#
loop_
_entity.id
_entity.type
_entity.pdbx_description
1 polymer 'RNA lariat debranching enzyme, putative'
2 polymer "RNA (5'-R(*UP*AP*AP*CP*A)-3')"
3 polymer "RNA (5'-R(*(G46)P*U)-3')"
4 non-polymer 'NICKEL (II) ION'
5 non-polymer 'SULFATE ION'
6 non-polymer GLYCEROL
7 non-polymer 'TETRAETHYLENE GLYCOL'
8 water water
#
loop_
_entity_poly.entity_id
_entity_poly.type
_entity_poly.pdbx_seq_one_letter_code
_entity_poly.pdbx_strand_id
1 'polypeptide(L)'
;GAMATEQIQHIAIVGSVHGKYREMYRQLSEYEKSTGKEISFVICTGDMQTLRYEADLVYLKVPPKYKQMGDFHLYYEGKE
KAPYLTLFIGGNHESSNVLLHLYNGGFVCFNMYYLGVCSCININGLRIVGVSGIYKSFDEKKPYTYPPSPNDVVSLFHTR
NYVIQMLSNLSQSSQIDISLSHDWPQGIVMKGNYKQLYRFQPGFKKDGASLGSPINKVILNTLKPKYWISGHMHCEYHAE
EGPTHFIALGKIGYKNAISYLDLPLKQKTDLEYDKDWVCNLIMTWPAFSNKAQFPDLSYSISELLSKRTKELDKKIIELW
EKYIGLKIIYDSDTFDIQFTSRRFYIEKIYNELNIN
;
A,B,C,D,E
2 'polyribonucleotide' UAACA V,W,X,Y,Z
3 'polyribonucleotide' (G46)U Q,R,S,T,U
#
# COMPACT_ATOMS: atom_id res chain seq x y z
N GLN A 7 34.08 41.60 0.66
CA GLN A 7 34.40 40.27 1.14
C GLN A 7 35.16 39.45 0.10
N ILE A 8 36.23 38.79 0.54
CA ILE A 8 37.12 38.06 -0.36
C ILE A 8 37.19 36.57 -0.06
N GLN A 9 37.27 35.77 -1.12
CA GLN A 9 37.52 34.35 -1.00
C GLN A 9 38.89 34.01 -1.59
N HIS A 10 39.66 33.21 -0.87
CA HIS A 10 40.95 32.80 -1.29
C HIS A 10 40.86 31.41 -1.82
N ILE A 11 41.25 31.24 -3.05
CA ILE A 11 41.18 29.96 -3.73
C ILE A 11 42.59 29.47 -4.06
N ALA A 12 42.96 28.35 -3.46
CA ALA A 12 44.26 27.76 -3.78
C ALA A 12 44.22 27.18 -5.22
N ILE A 13 45.21 27.53 -6.03
CA ILE A 13 45.31 26.91 -7.34
C ILE A 13 46.61 26.09 -7.43
N VAL A 14 46.50 24.84 -7.88
CA VAL A 14 47.62 23.89 -7.84
C VAL A 14 47.92 23.29 -9.21
N GLY A 15 49.20 23.14 -9.53
CA GLY A 15 49.61 22.42 -10.75
C GLY A 15 49.55 20.91 -10.54
N SER A 16 50.58 20.15 -10.93
CA SER A 16 50.53 18.68 -10.90
C SER A 16 50.70 18.05 -9.51
N VAL A 17 49.74 17.26 -9.06
CA VAL A 17 49.83 16.69 -7.72
C VAL A 17 50.75 15.45 -7.62
N HIS A 18 50.65 14.58 -8.63
CA HIS A 18 51.46 13.36 -8.72
C HIS A 18 51.41 12.50 -7.45
N GLY A 19 50.22 12.39 -6.86
CA GLY A 19 50.04 11.56 -5.68
C GLY A 19 50.76 12.09 -4.45
N LYS A 20 51.14 13.36 -4.42
CA LYS A 20 51.70 13.95 -3.20
C LYS A 20 50.63 14.73 -2.43
N TYR A 21 49.56 14.05 -2.02
CA TYR A 21 48.43 14.71 -1.35
C TYR A 21 48.75 15.23 0.05
N ARG A 22 49.40 14.42 0.88
CA ARG A 22 49.73 14.90 2.23
C ARG A 22 50.64 16.13 2.15
N GLU A 23 51.66 16.09 1.31
CA GLU A 23 52.50 17.25 1.12
CA GLU A 23 52.50 17.26 1.11
C GLU A 23 51.69 18.48 0.68
N MET A 24 50.86 18.32 -0.34
CA MET A 24 50.04 19.44 -0.84
C MET A 24 49.24 20.09 0.29
N TYR A 25 48.49 19.27 1.01
CA TYR A 25 47.71 19.78 2.14
C TYR A 25 48.51 20.47 3.27
N ARG A 26 49.64 19.87 3.65
CA ARG A 26 50.52 20.51 4.63
C ARG A 26 50.89 21.90 4.13
N GLN A 27 51.22 21.99 2.85
CA GLN A 27 51.67 23.25 2.29
C GLN A 27 50.52 24.28 2.30
N LEU A 28 49.32 23.86 1.91
CA LEU A 28 48.15 24.74 2.02
C LEU A 28 47.87 25.11 3.50
N SER A 29 48.03 24.15 4.40
CA SER A 29 47.87 24.44 5.81
C SER A 29 48.86 25.55 6.26
N GLU A 30 50.09 25.50 5.76
CA GLU A 30 51.11 26.49 6.10
C GLU A 30 50.72 27.89 5.66
N TYR A 31 50.05 27.98 4.51
CA TYR A 31 49.51 29.25 4.01
C TYR A 31 48.52 29.88 4.99
N GLU A 32 47.60 29.07 5.52
CA GLU A 32 46.59 29.62 6.40
C GLU A 32 47.25 30.01 7.72
N LYS A 33 48.23 29.22 8.15
CA LYS A 33 48.92 29.50 9.41
C LYS A 33 49.80 30.74 9.25
N SER A 34 50.55 30.77 8.16
CA SER A 34 51.45 31.87 7.88
C SER A 34 50.80 33.20 7.47
N THR A 35 49.58 33.18 6.94
CA THR A 35 48.96 34.45 6.55
C THR A 35 47.73 34.82 7.35
N GLY A 36 47.15 33.85 8.07
CA GLY A 36 45.91 34.06 8.79
C GLY A 36 44.65 34.05 7.92
N LYS A 37 44.84 33.82 6.62
CA LYS A 37 43.70 33.73 5.70
C LYS A 37 43.10 32.33 5.74
N GLU A 38 41.83 32.24 5.33
CA GLU A 38 41.14 30.98 5.08
C GLU A 38 41.02 30.65 3.58
N ILE A 39 41.42 29.43 3.24
CA ILE A 39 41.20 28.85 1.92
C ILE A 39 39.73 28.47 1.79
N SER A 40 39.02 29.05 0.81
CA SER A 40 37.63 28.63 0.55
C SER A 40 37.59 27.25 -0.08
N PHE A 41 38.36 27.08 -1.15
CA PHE A 41 38.56 25.74 -1.69
C PHE A 41 39.79 25.70 -2.61
N VAL A 42 40.05 24.52 -3.14
CA VAL A 42 41.26 24.24 -3.88
C VAL A 42 40.94 23.72 -5.27
N ILE A 43 41.69 24.18 -6.25
CA ILE A 43 41.53 23.71 -7.62
C ILE A 43 42.87 23.13 -8.08
N CYS A 44 42.82 21.95 -8.71
CA CYS A 44 44.04 21.26 -9.12
C CYS A 44 43.92 20.94 -10.57
N THR A 45 45.02 21.14 -11.31
CA THR A 45 44.95 21.09 -12.76
C THR A 45 45.49 19.77 -13.32
N GLY A 46 45.59 18.74 -12.48
CA GLY A 46 45.85 17.42 -13.06
C GLY A 46 47.03 16.59 -12.57
N ASP A 47 47.23 15.44 -13.24
CA ASP A 47 48.09 14.35 -12.80
C ASP A 47 47.79 14.01 -11.36
N MET A 48 46.51 13.74 -11.09
CA MET A 48 46.03 13.44 -9.74
C MET A 48 46.44 12.04 -9.25
N GLN A 49 46.61 11.08 -10.15
CA GLN A 49 47.06 9.73 -9.75
C GLN A 49 46.24 9.14 -8.60
N THR A 50 44.92 9.07 -8.81
CA THR A 50 43.98 8.64 -7.80
C THR A 50 43.85 7.13 -7.85
N LEU A 51 44.95 6.43 -7.53
CA LEU A 51 44.97 4.98 -7.59
C LEU A 51 44.38 4.46 -6.30
N ARG A 52 43.30 3.67 -6.41
CA ARG A 52 42.66 3.19 -5.20
C ARG A 52 43.48 2.10 -4.47
N TYR A 53 44.11 1.25 -5.24
CA TYR A 53 44.84 0.06 -4.75
C TYR A 53 45.82 -0.44 -5.81
N GLU A 54 46.63 -1.44 -5.46
CA GLU A 54 47.75 -1.82 -6.32
C GLU A 54 47.33 -2.13 -7.73
N ALA A 55 46.20 -2.84 -7.85
CA ALA A 55 45.68 -3.20 -9.16
C ALA A 55 45.59 -1.99 -10.12
N ASP A 56 45.27 -0.80 -9.61
CA ASP A 56 45.09 0.34 -10.52
C ASP A 56 46.40 0.77 -11.14
N LEU A 57 47.55 0.31 -10.61
CA LEU A 57 48.83 0.71 -11.21
C LEU A 57 48.82 0.43 -12.71
N VAL A 58 48.04 -0.58 -13.11
CA VAL A 58 47.96 -0.97 -14.53
C VAL A 58 47.49 0.17 -15.45
N TYR A 59 46.77 1.12 -14.88
CA TYR A 59 46.16 2.16 -15.69
C TYR A 59 46.94 3.50 -15.70
N LEU A 60 48.06 3.54 -15.00
CA LEU A 60 48.82 4.77 -14.81
C LEU A 60 49.87 4.72 -15.89
N LYS A 61 49.77 5.59 -16.87
CA LYS A 61 50.74 5.57 -17.94
C LYS A 61 51.90 6.43 -17.48
N VAL A 62 52.98 5.79 -17.05
CA VAL A 62 54.16 6.52 -16.61
C VAL A 62 55.35 5.65 -16.92
N PRO A 63 56.54 6.25 -16.93
CA PRO A 63 57.71 5.41 -17.08
C PRO A 63 57.91 4.59 -15.82
N PRO A 64 58.54 3.43 -15.98
CA PRO A 64 58.65 2.42 -14.91
C PRO A 64 59.07 3.05 -13.60
N LYS A 65 60.03 3.95 -13.59
CA LYS A 65 60.50 4.44 -12.29
C LYS A 65 59.41 5.20 -11.55
N TYR A 66 58.32 5.54 -12.24
CA TYR A 66 57.25 6.25 -11.57
C TYR A 66 56.00 5.40 -11.35
N LYS A 67 56.15 4.09 -11.48
CA LYS A 67 55.05 3.21 -11.13
C LYS A 67 54.96 3.10 -9.61
N GLN A 68 54.35 4.11 -8.98
CA GLN A 68 54.29 4.23 -7.52
C GLN A 68 52.86 4.51 -7.14
N MET A 69 52.44 4.05 -5.95
CA MET A 69 51.05 4.24 -5.53
C MET A 69 50.75 5.69 -5.19
N GLY A 70 51.72 6.32 -4.52
CA GLY A 70 51.50 7.65 -3.99
C GLY A 70 50.52 7.65 -2.83
N ASP A 71 49.98 8.84 -2.56
CA ASP A 71 49.21 9.11 -1.32
C ASP A 71 47.71 8.81 -1.43
N PHE A 72 47.19 8.89 -2.65
CA PHE A 72 45.74 8.89 -2.80
C PHE A 72 44.99 7.81 -2.01
N HIS A 73 45.52 6.60 -2.04
CA HIS A 73 44.80 5.49 -1.37
C HIS A 73 44.51 5.74 0.11
N LEU A 74 45.40 6.47 0.79
CA LEU A 74 45.17 6.86 2.21
C LEU A 74 43.86 7.60 2.38
N TYR A 75 43.63 8.53 1.45
CA TYR A 75 42.40 9.33 1.43
C TYR A 75 41.21 8.46 1.02
N TYR A 76 41.42 7.59 0.03
CA TYR A 76 40.36 6.69 -0.46
C TYR A 76 39.90 5.79 0.68
N GLU A 77 40.86 5.39 1.52
CA GLU A 77 40.61 4.51 2.67
C GLU A 77 40.06 5.20 3.91
N GLY A 78 40.14 6.53 3.97
CA GLY A 78 39.63 7.22 5.15
C GLY A 78 40.69 7.38 6.24
N LYS A 79 41.91 6.94 5.95
CA LYS A 79 43.00 7.11 6.90
C LYS A 79 43.43 8.56 6.99
N GLU A 80 43.29 9.28 5.88
CA GLU A 80 43.55 10.72 5.86
C GLU A 80 42.27 11.33 5.37
N LYS A 81 42.08 12.62 5.64
CA LYS A 81 40.84 13.28 5.29
C LYS A 81 41.22 14.62 4.71
N ALA A 82 40.86 14.86 3.45
CA ALA A 82 41.19 16.13 2.82
C ALA A 82 40.51 17.27 3.59
N PRO A 83 41.30 18.27 4.06
CA PRO A 83 40.77 19.38 4.87
C PRO A 83 40.18 20.51 4.06
N TYR A 84 40.25 20.44 2.72
CA TYR A 84 39.56 21.47 1.91
C TYR A 84 38.84 20.80 0.76
N LEU A 85 37.69 21.35 0.37
CA LEU A 85 37.03 20.85 -0.82
C LEU A 85 38.02 21.06 -2.01
N THR A 86 38.30 19.99 -2.74
CA THR A 86 39.32 20.00 -3.77
C THR A 86 38.70 19.61 -5.09
N LEU A 87 38.66 20.54 -6.05
CA LEU A 87 38.08 20.24 -7.37
C LEU A 87 39.21 20.02 -8.34
N PHE A 88 39.05 19.05 -9.24
CA PHE A 88 40.14 18.77 -10.18
C PHE A 88 39.71 18.23 -11.55
N ILE A 89 40.62 18.34 -12.51
CA ILE A 89 40.50 17.67 -13.81
C ILE A 89 41.61 16.63 -13.95
N GLY A 90 41.52 15.79 -14.99
CA GLY A 90 42.57 14.79 -15.21
C GLY A 90 43.67 15.38 -16.08
N GLY A 91 44.89 14.88 -15.89
CA GLY A 91 46.00 15.21 -16.77
C GLY A 91 46.42 13.95 -17.52
N ASN A 92 47.71 13.66 -17.54
CA ASN A 92 48.18 12.54 -18.38
C ASN A 92 48.78 11.43 -17.55
N HIS A 93 48.84 11.66 -16.24
CA HIS A 93 49.32 10.68 -15.29
C HIS A 93 48.17 10.40 -14.31
N GLU A 94 47.36 9.39 -14.60
CA GLU A 94 46.11 9.24 -13.87
C GLU A 94 45.83 7.78 -13.75
N SER A 95 45.01 7.42 -12.77
CA SER A 95 44.43 6.08 -12.74
C SER A 95 43.28 6.22 -13.73
N SER A 96 43.57 6.04 -15.02
CA SER A 96 42.61 6.41 -16.07
C SER A 96 41.30 5.62 -16.00
N ASN A 97 41.39 4.38 -15.54
CA ASN A 97 40.16 3.60 -15.33
C ASN A 97 39.16 4.29 -14.38
N VAL A 98 39.67 4.81 -13.28
CA VAL A 98 38.79 5.49 -12.30
C VAL A 98 38.10 6.71 -12.95
N LEU A 99 38.88 7.50 -13.69
CA LEU A 99 38.32 8.71 -14.27
C LEU A 99 37.26 8.41 -15.33
N LEU A 100 37.41 7.30 -16.06
CA LEU A 100 36.42 6.87 -17.07
C LEU A 100 35.09 6.46 -16.43
N HIS A 101 35.16 5.68 -15.35
CA HIS A 101 33.96 5.39 -14.57
C HIS A 101 33.27 6.71 -14.22
N LEU A 102 34.08 7.74 -13.93
CA LEU A 102 33.57 9.06 -13.52
C LEU A 102 33.61 10.07 -14.65
N TYR A 103 33.38 9.63 -15.89
CA TYR A 103 33.53 10.58 -16.99
C TYR A 103 32.53 11.73 -16.87
N ASN A 104 31.44 11.48 -16.13
CA ASN A 104 30.46 12.52 -15.88
C ASN A 104 30.71 13.20 -14.55
N GLY A 105 31.92 13.01 -14.02
CA GLY A 105 32.30 13.67 -12.78
C GLY A 105 31.92 12.85 -11.59
N GLY A 106 32.50 13.21 -10.44
CA GLY A 106 32.18 12.50 -9.21
C GLY A 106 33.26 12.64 -8.16
N PHE A 107 32.89 12.36 -6.92
CA PHE A 107 33.87 12.36 -5.87
C PHE A 107 34.66 11.05 -5.88
N VAL A 108 35.98 11.14 -5.89
CA VAL A 108 36.83 9.94 -5.82
C VAL A 108 36.99 9.61 -4.35
N CYS A 109 36.71 10.58 -3.49
CA CYS A 109 36.69 10.35 -2.04
C CYS A 109 36.22 11.63 -1.40
N PHE A 110 36.05 11.63 -0.06
CA PHE A 110 35.51 12.80 0.61
C PHE A 110 36.33 14.05 0.27
N ASN A 111 35.66 15.13 -0.09
CA ASN A 111 36.34 16.42 -0.39
C ASN A 111 37.14 16.49 -1.70
N MET A 112 37.16 15.41 -2.48
CA MET A 112 37.85 15.48 -3.77
C MET A 112 36.90 15.21 -4.95
N TYR A 113 36.61 16.25 -5.70
CA TYR A 113 35.60 16.13 -6.78
C TYR A 113 36.22 16.30 -8.17
N TYR A 114 36.07 15.27 -9.02
CA TYR A 114 36.60 15.25 -10.39
C TYR A 114 35.55 15.81 -11.30
N LEU A 115 35.94 16.71 -12.21
CA LEU A 115 34.95 17.40 -13.05
C LEU A 115 34.51 16.58 -14.25
N GLY A 116 35.11 15.40 -14.48
CA GLY A 116 34.68 14.62 -15.62
C GLY A 116 35.60 14.84 -16.81
N VAL A 117 35.26 14.23 -17.92
CA VAL A 117 35.95 14.58 -19.17
C VAL A 117 35.95 16.11 -19.36
N CYS A 118 34.79 16.71 -19.15
CA CYS A 118 34.64 18.18 -19.14
C CYS A 118 33.31 18.48 -18.47
N SER A 119 33.20 19.68 -17.88
CA SER A 119 31.93 20.18 -17.34
C SER A 119 32.10 21.59 -16.80
N CYS A 120 30.98 22.15 -16.36
CA CYS A 120 31.00 23.41 -15.65
C CYS A 120 30.32 23.16 -14.31
N ILE A 121 30.92 23.67 -13.25
CA ILE A 121 30.26 23.65 -11.94
C ILE A 121 30.04 25.07 -11.45
N ASN A 122 29.30 25.16 -10.35
CA ASN A 122 29.06 26.40 -9.63
C ASN A 122 29.56 26.29 -8.20
N ILE A 123 30.20 27.34 -7.72
CA ILE A 123 30.57 27.42 -6.31
C ILE A 123 30.79 28.87 -5.93
N ASN A 124 30.27 29.30 -4.75
CA ASN A 124 30.46 30.68 -4.26
C ASN A 124 30.21 31.76 -5.33
N GLY A 125 29.23 31.55 -6.21
CA GLY A 125 28.84 32.56 -7.19
C GLY A 125 29.73 32.50 -8.41
N LEU A 126 30.63 31.50 -8.45
CA LEU A 126 31.58 31.32 -9.58
C LEU A 126 31.12 30.20 -10.53
N ARG A 127 31.45 30.34 -11.81
CA ARG A 127 31.24 29.27 -12.75
C ARG A 127 32.61 28.80 -13.22
N ILE A 128 32.89 27.51 -12.99
CA ILE A 128 34.22 26.95 -13.24
C ILE A 128 34.15 25.81 -14.28
N VAL A 129 34.86 25.97 -15.39
CA VAL A 129 34.89 25.01 -16.48
C VAL A 129 36.17 24.18 -16.40
N GLY A 130 36.08 22.90 -16.75
CA GLY A 130 37.22 21.99 -16.68
C GLY A 130 37.31 21.14 -17.95
N VAL A 131 38.54 20.97 -18.45
CA VAL A 131 38.84 20.17 -19.64
C VAL A 131 39.97 19.19 -19.28
N SER A 132 39.67 17.90 -19.20
CA SER A 132 40.67 16.94 -18.78
C SER A 132 41.57 16.48 -19.93
N GLY A 133 42.71 15.89 -19.60
CA GLY A 133 43.60 15.27 -20.57
C GLY A 133 44.67 16.16 -21.20
N ILE A 134 45.48 15.54 -22.04
CA ILE A 134 46.36 16.27 -22.92
C ILE A 134 46.07 15.84 -24.36
N TYR A 135 46.49 16.72 -25.27
CA TYR A 135 46.19 16.59 -26.68
C TYR A 135 47.17 15.70 -27.48
N LYS A 136 46.62 14.73 -28.20
CA LYS A 136 47.33 14.04 -29.28
C LYS A 136 46.38 13.89 -30.46
N SER A 137 46.71 14.54 -31.58
CA SER A 137 45.85 14.55 -32.78
C SER A 137 45.42 13.15 -33.23
N PHE A 138 46.31 12.16 -33.13
CA PHE A 138 45.92 10.79 -33.52
C PHE A 138 44.72 10.20 -32.75
N ASP A 139 44.36 10.78 -31.61
CA ASP A 139 43.32 10.23 -30.75
C ASP A 139 42.13 11.17 -30.55
N GLU A 140 42.15 12.33 -31.18
CA GLU A 140 41.13 13.38 -30.87
C GLU A 140 39.71 13.05 -31.34
N LYS A 141 39.58 12.02 -32.19
CA LYS A 141 38.28 11.57 -32.69
C LYS A 141 38.00 10.14 -32.26
N LYS A 142 38.80 9.65 -31.32
CA LYS A 142 38.59 8.31 -30.80
C LYS A 142 37.43 8.34 -29.82
N PRO A 143 36.54 7.34 -29.90
CA PRO A 143 35.52 7.22 -28.85
C PRO A 143 36.15 6.69 -27.57
N TYR A 144 35.46 6.84 -26.44
CA TYR A 144 35.75 6.04 -25.25
C TYR A 144 35.11 4.66 -25.41
N THR A 145 35.80 3.62 -24.95
CA THR A 145 35.24 2.27 -24.87
C THR A 145 35.15 1.87 -23.41
N TYR A 146 34.05 1.21 -23.04
CA TYR A 146 33.77 0.88 -21.65
C TYR A 146 33.21 -0.55 -21.59
N PRO A 147 33.57 -1.29 -20.55
CA PRO A 147 34.40 -0.80 -19.44
C PRO A 147 35.87 -0.63 -19.80
N PRO A 148 36.63 0.01 -18.89
CA PRO A 148 38.06 0.26 -19.12
C PRO A 148 38.80 -1.04 -19.37
N SER A 149 39.77 -1.00 -20.29
CA SER A 149 40.61 -2.14 -20.59
C SER A 149 42.10 -1.73 -20.47
N PRO A 150 42.96 -2.62 -19.95
CA PRO A 150 44.39 -2.29 -19.76
C PRO A 150 45.01 -1.86 -21.07
N ASN A 151 44.52 -2.36 -22.18
CA ASN A 151 45.02 -1.90 -23.45
C ASN A 151 44.80 -0.40 -23.67
N ASP A 152 43.91 0.20 -22.88
CA ASP A 152 43.53 1.59 -23.14
C ASP A 152 44.40 2.56 -22.34
N VAL A 153 45.35 2.02 -21.60
CA VAL A 153 46.19 2.85 -20.74
C VAL A 153 46.85 3.98 -21.54
N VAL A 154 47.20 3.70 -22.78
CA VAL A 154 47.90 4.71 -23.58
C VAL A 154 47.03 5.81 -24.15
N SER A 155 45.71 5.62 -24.21
CA SER A 155 44.84 6.55 -24.92
C SER A 155 43.75 7.26 -24.12
N LEU A 156 43.38 6.69 -22.98
CA LEU A 156 42.28 7.21 -22.15
C LEU A 156 42.42 8.68 -21.79
N PHE A 157 43.65 9.14 -21.63
CA PHE A 157 43.85 10.48 -21.09
C PHE A 157 44.05 11.51 -22.17
N HIS A 158 43.92 11.11 -23.43
CA HIS A 158 44.01 12.07 -24.53
C HIS A 158 42.70 12.78 -24.71
N THR A 159 42.79 14.09 -24.81
CA THR A 159 41.62 14.93 -24.91
C THR A 159 40.97 14.76 -26.28
N ARG A 160 39.66 14.49 -26.27
CA ARG A 160 38.85 14.38 -27.50
C ARG A 160 38.34 15.72 -27.99
N ASN A 161 38.35 15.90 -29.31
CA ASN A 161 37.79 17.09 -29.97
C ASN A 161 36.36 17.44 -29.55
N TYR A 162 35.59 16.42 -29.20
CA TYR A 162 34.18 16.70 -28.97
C TYR A 162 33.92 17.61 -27.79
N VAL A 163 34.90 17.79 -26.89
CA VAL A 163 34.60 18.60 -25.73
C VAL A 163 34.36 20.02 -26.19
N ILE A 164 34.94 20.37 -27.35
CA ILE A 164 34.78 21.72 -27.86
C ILE A 164 33.29 22.00 -28.10
N GLN A 165 32.63 21.09 -28.77
CA GLN A 165 31.20 21.22 -28.95
C GLN A 165 30.39 21.18 -27.64
N MET A 166 30.87 20.45 -26.64
CA MET A 166 30.09 20.33 -25.39
C MET A 166 30.14 21.61 -24.56
N LEU A 167 31.21 22.39 -24.72
CA LEU A 167 31.51 23.48 -23.80
C LEU A 167 31.19 24.83 -24.44
N SER A 168 31.19 24.86 -25.77
CA SER A 168 31.28 26.13 -26.51
C SER A 168 30.11 27.11 -26.27
N ASN A 169 28.93 26.61 -25.95
CA ASN A 169 27.80 27.53 -25.66
C ASN A 169 27.71 28.03 -24.21
N LEU A 170 28.63 27.59 -23.33
CA LEU A 170 28.46 27.82 -21.89
C LEU A 170 28.56 29.29 -21.43
N SER A 171 29.09 30.19 -22.26
CA SER A 171 29.14 31.62 -21.86
C SER A 171 28.02 32.45 -22.44
N GLN A 172 26.98 31.78 -22.94
CA GLN A 172 25.87 32.50 -23.56
C GLN A 172 25.12 33.34 -22.53
N SER A 173 24.85 32.75 -21.36
CA SER A 173 24.01 33.40 -20.35
C SER A 173 24.73 34.17 -19.28
N SER A 174 25.95 33.77 -18.97
CA SER A 174 26.75 34.59 -18.08
C SER A 174 28.21 34.25 -18.35
N GLN A 175 29.13 34.95 -17.74
CA GLN A 175 30.51 34.68 -18.10
C GLN A 175 31.03 33.44 -17.34
N ILE A 176 32.17 32.93 -17.79
CA ILE A 176 32.90 31.91 -17.08
C ILE A 176 34.04 32.50 -16.22
N ASP A 177 34.03 32.24 -14.91
CA ASP A 177 35.07 32.85 -14.06
C ASP A 177 36.45 32.22 -14.22
N ILE A 178 36.48 30.89 -14.20
CA ILE A 178 37.75 30.17 -14.26
C ILE A 178 37.58 28.97 -15.17
N SER A 179 38.59 28.72 -16.00
CA SER A 179 38.62 27.46 -16.73
C SER A 179 39.94 26.75 -16.45
N LEU A 180 39.90 25.42 -16.40
CA LEU A 180 41.03 24.60 -15.97
C LEU A 180 41.38 23.62 -17.08
N SER A 181 42.67 23.41 -17.32
CA SER A 181 43.06 22.37 -18.26
C SER A 181 44.41 21.84 -17.80
N HIS A 182 44.85 20.76 -18.40
CA HIS A 182 46.15 20.21 -18.07
C HIS A 182 47.22 20.81 -18.99
N ASP A 183 47.26 20.44 -20.27
CA ASP A 183 48.23 21.08 -21.13
C ASP A 183 47.74 22.50 -21.43
N TRP A 184 48.68 23.35 -21.84
CA TRP A 184 48.39 24.77 -22.08
C TRP A 184 47.57 24.99 -23.33
N PRO A 185 46.70 26.02 -23.31
CA PRO A 185 46.07 26.47 -24.58
C PRO A 185 47.17 26.81 -25.63
N GLN A 186 47.05 26.24 -26.82
CA GLN A 186 48.12 26.32 -27.81
C GLN A 186 48.36 27.80 -28.13
N GLY A 187 49.62 28.22 -28.23
CA GLY A 187 49.92 29.60 -28.57
C GLY A 187 50.07 30.56 -27.41
N ILE A 188 49.44 30.25 -26.27
CA ILE A 188 49.41 31.21 -25.17
C ILE A 188 50.81 31.48 -24.61
N VAL A 189 51.73 30.54 -24.85
CA VAL A 189 53.14 30.74 -24.46
C VAL A 189 53.69 32.07 -25.03
N MET A 190 53.20 32.43 -26.22
CA MET A 190 53.66 33.66 -26.88
C MET A 190 53.11 34.93 -26.22
N LYS A 191 52.16 34.76 -25.29
CA LYS A 191 51.41 35.91 -24.78
C LYS A 191 51.89 36.41 -23.40
N GLY A 192 53.05 35.91 -22.95
CA GLY A 192 53.70 36.36 -21.72
C GLY A 192 55.17 36.63 -22.00
N ASN A 193 55.99 36.71 -20.96
CA ASN A 193 57.43 36.89 -21.10
C ASN A 193 58.10 35.58 -21.50
N TYR A 194 58.01 35.23 -22.78
CA TYR A 194 58.48 33.94 -23.24
C TYR A 194 60.00 33.79 -23.23
N LYS A 195 60.72 34.90 -23.44
CA LYS A 195 62.19 34.87 -23.38
C LYS A 195 62.61 34.41 -21.98
N GLN A 196 62.10 35.08 -20.95
CA GLN A 196 62.38 34.71 -19.56
C GLN A 196 62.00 33.25 -19.29
N LEU A 197 60.90 32.79 -19.89
CA LEU A 197 60.51 31.39 -19.80
C LEU A 197 61.52 30.51 -20.52
N TYR A 198 61.85 30.83 -21.76
CA TYR A 198 62.81 29.99 -22.49
C TYR A 198 64.17 29.96 -21.77
N ARG A 199 64.48 31.01 -21.00
CA ARG A 199 65.73 31.02 -20.22
C ARG A 199 65.71 29.80 -19.29
N PHE A 200 64.56 29.54 -18.69
CA PHE A 200 64.44 28.50 -17.67
C PHE A 200 64.01 27.13 -18.23
N GLN A 201 63.31 27.16 -19.36
CA GLN A 201 62.85 25.95 -20.02
C GLN A 201 63.22 26.04 -21.49
N PRO A 202 64.54 25.99 -21.79
CA PRO A 202 65.04 26.06 -23.18
C PRO A 202 64.39 25.01 -24.10
N GLY A 203 64.01 23.86 -23.54
CA GLY A 203 63.27 22.84 -24.29
C GLY A 203 61.91 23.30 -24.82
N PHE A 204 61.26 24.23 -24.14
CA PHE A 204 59.98 24.74 -24.66
C PHE A 204 60.19 25.42 -26.01
N LYS A 205 61.40 25.86 -26.28
CA LYS A 205 61.60 26.77 -27.42
C LYS A 205 61.33 26.15 -28.79
N LYS A 206 61.67 24.88 -28.98
CA LYS A 206 61.48 24.28 -30.30
C LYS A 206 60.03 24.36 -30.78
N ASP A 207 59.08 24.13 -29.88
CA ASP A 207 57.67 24.10 -30.25
C ASP A 207 57.14 25.47 -30.71
N GLY A 208 57.81 26.55 -30.33
CA GLY A 208 57.38 27.88 -30.75
C GLY A 208 55.93 28.08 -30.30
N ALA A 209 55.12 28.74 -31.12
CA ALA A 209 53.72 28.99 -30.82
C ALA A 209 52.88 27.73 -30.80
N SER A 210 53.39 26.64 -31.38
CA SER A 210 52.55 25.44 -31.50
C SER A 210 52.47 24.69 -30.15
N LEU A 211 53.26 25.12 -29.18
CA LEU A 211 53.27 24.40 -27.90
C LEU A 211 51.86 24.43 -27.29
N GLY A 212 51.35 23.29 -26.83
CA GLY A 212 50.03 23.28 -26.22
C GLY A 212 48.93 22.67 -27.06
N SER A 213 47.73 22.70 -26.49
CA SER A 213 46.62 21.98 -27.06
C SER A 213 45.78 22.93 -27.94
N PRO A 214 45.58 22.53 -29.19
CA PRO A 214 44.65 23.32 -30.02
C PRO A 214 43.21 23.26 -29.48
N ILE A 215 42.89 22.17 -28.77
CA ILE A 215 41.55 22.07 -28.19
C ILE A 215 41.37 23.19 -27.16
N ASN A 216 42.33 23.32 -26.25
CA ASN A 216 42.26 24.35 -25.21
C ASN A 216 42.35 25.77 -25.79
N LYS A 217 43.12 25.93 -26.86
CA LYS A 217 43.13 27.21 -27.55
C LYS A 217 41.71 27.59 -28.00
N VAL A 218 41.02 26.69 -28.68
CA VAL A 218 39.70 27.04 -29.20
C VAL A 218 38.79 27.39 -28.03
N ILE A 219 38.75 26.53 -27.01
CA ILE A 219 37.80 26.69 -25.88
C ILE A 219 38.04 28.05 -25.20
N LEU A 220 39.31 28.39 -24.99
CA LEU A 220 39.64 29.70 -24.42
C LEU A 220 39.21 30.84 -25.33
N ASN A 221 39.40 30.71 -26.64
CA ASN A 221 39.07 31.81 -27.56
CA ASN A 221 39.08 31.80 -27.58
C ASN A 221 37.56 31.97 -27.64
N THR A 222 36.85 30.88 -27.46
CA THR A 222 35.40 30.90 -27.52
C THR A 222 34.71 31.45 -26.23
N LEU A 223 35.11 30.94 -25.06
CA LEU A 223 34.53 31.31 -23.76
C LEU A 223 35.14 32.52 -23.07
N LYS A 224 36.40 32.83 -23.40
CA LYS A 224 37.06 34.01 -22.80
C LYS A 224 36.89 34.14 -21.27
N PRO A 225 37.22 33.07 -20.50
CA PRO A 225 37.09 33.12 -19.03
C PRO A 225 38.01 34.20 -18.41
N LYS A 226 37.70 34.67 -17.20
CA LYS A 226 38.58 35.64 -16.52
C LYS A 226 39.95 35.02 -16.32
N TYR A 227 39.96 33.74 -15.95
CA TYR A 227 41.20 33.00 -15.74
C TYR A 227 41.19 31.69 -16.51
N TRP A 228 42.37 31.29 -16.95
CA TRP A 228 42.58 29.92 -17.41
C TRP A 228 43.81 29.35 -16.72
N ILE A 229 43.67 28.18 -16.10
CA ILE A 229 44.72 27.70 -15.23
C ILE A 229 45.15 26.39 -15.79
N SER A 230 46.47 26.14 -15.87
CA SER A 230 47.00 24.89 -16.45
C SER A 230 48.23 24.37 -15.68
N GLY A 231 48.45 23.04 -15.71
N GLY A 231 48.43 23.06 -15.66
CA GLY A 231 49.49 22.40 -14.89
CA GLY A 231 49.70 22.61 -15.17
C GLY A 231 50.53 21.39 -15.43
C GLY A 231 50.53 22.20 -16.35
N HIS A 232 50.37 20.92 -16.65
CA HIS A 232 51.34 20.05 -17.38
C HIS A 232 52.86 20.36 -17.39
N MET A 233 53.24 21.63 -17.41
CA MET A 233 54.62 22.02 -17.82
C MET A 233 55.76 22.07 -16.78
N HIS A 234 55.44 22.04 -15.49
CA HIS A 234 56.46 22.10 -14.44
C HIS A 234 57.17 23.43 -14.40
N CYS A 235 56.42 24.52 -14.49
CA CYS A 235 57.01 25.82 -14.31
C CYS A 235 55.87 26.72 -13.93
N GLU A 236 56.17 27.91 -13.44
CA GLU A 236 55.10 28.86 -13.30
C GLU A 236 55.22 29.76 -14.53
N TYR A 237 54.11 30.34 -14.97
CA TYR A 237 54.11 31.22 -16.11
C TYR A 237 52.83 32.02 -16.04
N HIS A 238 52.88 33.27 -16.48
CA HIS A 238 51.69 34.10 -16.60
C HIS A 238 51.65 34.69 -18.00
N ALA A 239 50.45 34.89 -18.54
CA ALA A 239 50.30 35.52 -19.83
C ALA A 239 48.92 36.10 -19.88
N GLU A 240 48.69 36.99 -20.83
CA GLU A 240 47.36 37.56 -21.01
C GLU A 240 46.92 37.43 -22.46
N GLU A 241 45.73 36.85 -22.67
CA GLU A 241 45.14 36.73 -24.01
C GLU A 241 43.80 37.44 -23.98
N GLY A 242 43.77 38.65 -24.53
CA GLY A 242 42.63 39.55 -24.35
C GLY A 242 42.24 39.64 -22.88
N PRO A 243 40.96 39.44 -22.58
CA PRO A 243 40.48 39.58 -21.20
C PRO A 243 40.80 38.39 -20.26
N THR A 244 41.53 37.40 -20.76
CA THR A 244 41.78 36.19 -19.99
C THR A 244 43.17 36.16 -19.35
N HIS A 245 43.21 35.92 -18.04
CA HIS A 245 44.49 35.83 -17.35
C HIS A 245 44.94 34.38 -17.35
N PHE A 246 46.01 34.07 -18.07
CA PHE A 246 46.55 32.71 -18.05
C PHE A 246 47.54 32.53 -16.91
N ILE A 247 47.38 31.43 -16.18
CA ILE A 247 48.36 31.03 -15.17
C ILE A 247 48.74 29.57 -15.33
N ALA A 248 50.05 29.27 -15.39
CA ALA A 248 50.53 27.90 -15.37
C ALA A 248 51.23 27.62 -14.04
N LEU A 249 51.13 26.39 -13.53
CA LEU A 249 51.71 26.04 -12.24
C LEU A 249 52.56 24.78 -12.30
N GLY A 250 53.54 24.68 -11.41
CA GLY A 250 54.52 23.60 -11.42
C GLY A 250 54.02 22.38 -10.66
N LYS A 251 54.92 21.48 -10.27
CA LYS A 251 54.45 20.29 -9.56
C LYS A 251 54.75 20.28 -8.08
N ILE A 252 53.84 19.69 -7.32
CA ILE A 252 53.92 19.62 -5.87
C ILE A 252 55.34 19.17 -5.50
N GLY A 253 55.93 19.79 -4.47
CA GLY A 253 57.35 19.59 -4.15
C GLY A 253 58.24 20.75 -4.59
N TYR A 254 57.77 21.61 -5.51
CA TYR A 254 58.46 22.84 -5.91
C TYR A 254 57.63 24.07 -5.61
N LYS A 255 58.28 25.23 -5.36
CA LYS A 255 57.53 26.35 -4.78
C LYS A 255 56.59 27.03 -5.80
N ASN A 256 56.78 26.70 -7.08
CA ASN A 256 55.93 27.24 -8.15
C ASN A 256 54.70 26.34 -8.47
N ALA A 257 54.31 25.50 -7.51
CA ALA A 257 53.20 24.54 -7.70
C ALA A 257 51.83 25.05 -7.24
N ILE A 258 51.84 25.97 -6.28
CA ILE A 258 50.60 26.44 -5.65
C ILE A 258 50.60 27.93 -5.67
N SER A 259 49.44 28.49 -5.99
CA SER A 259 49.28 29.91 -5.98
C SER A 259 47.89 30.14 -5.44
N TYR A 260 47.45 31.40 -5.42
CA TYR A 260 46.16 31.75 -4.82
C TYR A 260 45.51 32.87 -5.61
N LEU A 261 44.20 32.76 -5.76
CA LEU A 261 43.42 33.79 -6.40
C LEU A 261 42.59 34.41 -5.28
N ASP A 262 42.67 35.73 -5.15
CA ASP A 262 41.83 36.39 -4.17
C ASP A 262 40.69 37.05 -4.93
N LEU A 263 39.49 36.47 -4.75
CA LEU A 263 38.33 36.85 -5.54
C LEU A 263 37.21 37.46 -4.68
N PRO A 264 36.44 38.39 -5.26
CA PRO A 264 35.27 38.88 -4.54
C PRO A 264 34.37 37.72 -4.15
N LEU A 265 33.85 37.73 -2.93
CA LEU A 265 32.86 36.75 -2.54
C LEU A 265 31.48 37.43 -2.43
N LYS A 266 30.65 37.25 -3.46
CA LYS A 266 29.31 37.87 -3.53
C LYS A 266 28.32 37.03 -2.74
N GLN A 267 28.67 35.76 -2.55
CA GLN A 267 27.77 34.79 -1.91
C GLN A 267 28.57 33.54 -1.56
N LYS A 268 28.25 32.91 -0.43
CA LYS A 268 28.88 31.65 -0.11
C LYS A 268 27.85 30.55 -0.36
N THR A 269 28.16 29.63 -1.26
CA THR A 269 27.17 28.66 -1.75
C THR A 269 27.83 27.35 -2.00
N ASP A 270 27.18 26.26 -1.58
CA ASP A 270 27.79 24.93 -1.73
C ASP A 270 28.09 24.62 -3.20
N LEU A 271 28.92 23.61 -3.42
CA LEU A 271 29.22 23.15 -4.77
C LEU A 271 27.94 22.68 -5.47
N GLU A 272 27.70 23.16 -6.71
CA GLU A 272 26.47 22.86 -7.45
C GLU A 272 26.78 22.51 -8.91
N TYR A 273 25.93 21.69 -9.51
CA TYR A 273 26.00 21.49 -10.97
C TYR A 273 25.63 22.80 -11.62
N ASP A 274 26.30 23.15 -12.73
CA ASP A 274 25.95 24.33 -13.54
C ASP A 274 24.71 24.02 -14.40
N LYS A 275 23.72 24.91 -14.41
CA LYS A 275 22.46 24.59 -15.09
C LYS A 275 22.61 24.48 -16.61
N ASP A 276 23.39 25.39 -17.20
CA ASP A 276 23.62 25.28 -18.64
C ASP A 276 24.31 23.98 -19.00
N TRP A 277 25.30 23.60 -18.18
CA TRP A 277 26.01 22.32 -18.35
C TRP A 277 25.06 21.13 -18.26
N VAL A 278 24.23 21.12 -17.21
CA VAL A 278 23.22 20.06 -17.08
C VAL A 278 22.35 19.94 -18.31
N CYS A 279 21.90 21.08 -18.84
CA CYS A 279 21.10 21.10 -20.05
C CYS A 279 21.81 20.47 -21.27
N ASN A 280 23.09 20.80 -21.45
CA ASN A 280 23.91 20.23 -22.52
C ASN A 280 24.05 18.73 -22.31
N LEU A 281 24.31 18.36 -21.05
CA LEU A 281 24.46 16.95 -20.69
C LEU A 281 23.22 16.14 -21.06
N ILE A 282 22.02 16.64 -20.69
CA ILE A 282 20.81 15.90 -21.01
C ILE A 282 20.58 15.86 -22.51
N MET A 283 20.69 17.02 -23.16
CA MET A 283 20.35 17.12 -24.57
C MET A 283 21.26 16.30 -25.48
N THR A 284 22.49 16.05 -25.06
CA THR A 284 23.39 15.22 -25.86
C THR A 284 23.26 13.70 -25.59
N TRP A 285 22.35 13.30 -24.74
CA TRP A 285 22.27 11.88 -24.38
C TRP A 285 22.22 10.91 -25.61
N PRO A 286 21.46 11.26 -26.64
CA PRO A 286 21.40 10.31 -27.76
C PRO A 286 22.80 9.94 -28.28
N ALA A 287 23.74 10.88 -28.27
CA ALA A 287 25.14 10.56 -28.67
C ALA A 287 25.90 9.68 -27.69
N PHE A 288 25.38 9.57 -26.46
CA PHE A 288 26.04 8.81 -25.39
C PHE A 288 25.25 7.56 -24.98
N SER A 289 24.26 7.22 -25.79
CA SER A 289 23.33 6.18 -25.43
C SER A 289 23.91 4.74 -25.38
N ASN A 290 25.06 4.52 -26.02
CA ASN A 290 25.70 3.20 -26.05
C ASN A 290 26.79 3.15 -25.00
N LYS A 291 26.56 2.44 -23.90
CA LYS A 291 27.48 2.49 -22.76
C LYS A 291 28.82 1.82 -23.05
N ALA A 292 28.90 1.07 -24.15
CA ALA A 292 30.13 0.35 -24.46
C ALA A 292 31.06 1.20 -25.31
N GLN A 293 30.52 2.27 -25.87
CA GLN A 293 31.29 3.10 -26.77
C GLN A 293 30.62 4.47 -27.03
N PHE A 294 31.27 5.54 -26.57
CA PHE A 294 30.69 6.88 -26.66
C PHE A 294 31.80 7.92 -26.74
N PRO A 295 31.50 9.10 -27.30
CA PRO A 295 30.19 9.38 -27.92
C PRO A 295 30.05 8.72 -29.29
N ASP A 296 28.81 8.50 -29.75
CA ASP A 296 28.57 8.10 -31.14
C ASP A 296 28.55 9.35 -32.02
N LEU A 297 29.63 9.57 -32.74
CA LEU A 297 29.74 10.83 -33.47
C LEU A 297 29.09 10.80 -34.85
N SER A 298 28.38 9.71 -35.14
CA SER A 298 27.43 9.77 -36.24
C SER A 298 26.38 10.85 -35.88
N TYR A 299 26.19 11.13 -34.59
CA TYR A 299 25.38 12.30 -34.23
C TYR A 299 26.26 13.54 -34.28
N SER A 300 25.62 14.69 -34.49
CA SER A 300 26.29 15.98 -34.39
C SER A 300 25.99 16.54 -32.99
N ILE A 301 27.02 16.71 -32.17
CA ILE A 301 26.82 17.36 -30.87
C ILE A 301 26.15 18.73 -30.99
N SER A 302 26.67 19.61 -31.86
CA SER A 302 26.09 20.95 -31.94
C SER A 302 24.63 20.88 -32.46
N GLU A 303 24.37 19.95 -33.37
CA GLU A 303 22.99 19.75 -33.82
C GLU A 303 22.09 19.41 -32.63
N LEU A 304 22.52 18.43 -31.84
CA LEU A 304 21.71 18.08 -30.67
C LEU A 304 21.51 19.28 -29.72
N LEU A 305 22.56 20.07 -29.48
CA LEU A 305 22.50 21.22 -28.54
C LEU A 305 21.68 22.39 -29.12
N SER A 306 21.59 22.44 -30.46
CA SER A 306 20.79 23.49 -31.12
C SER A 306 19.32 23.34 -30.73
N LYS A 307 18.93 22.13 -30.31
CA LYS A 307 17.54 21.91 -29.93
C LYS A 307 17.19 22.52 -28.58
N ARG A 308 18.18 23.08 -27.87
CA ARG A 308 17.91 23.65 -26.53
C ARG A 308 16.88 24.74 -26.61
N THR A 309 15.94 24.76 -25.65
CA THR A 309 15.04 25.91 -25.53
C THR A 309 14.88 26.38 -24.09
N LYS A 310 14.44 27.61 -23.91
CA LYS A 310 14.08 28.14 -22.60
C LYS A 310 13.19 27.17 -21.81
N GLU A 311 12.11 26.70 -22.45
CA GLU A 311 11.10 25.87 -21.81
C GLU A 311 11.70 24.54 -21.49
N LEU A 312 12.40 23.99 -22.49
CA LEU A 312 13.05 22.70 -22.32
C LEU A 312 14.11 22.76 -21.21
N ASP A 313 14.87 23.86 -21.17
CA ASP A 313 15.92 23.97 -20.14
C ASP A 313 15.29 23.91 -18.74
N LYS A 314 14.16 24.58 -18.62
CA LYS A 314 13.44 24.73 -17.37
C LYS A 314 13.00 23.36 -16.88
N LYS A 315 12.43 22.57 -17.77
CA LYS A 315 11.95 21.24 -17.42
C LYS A 315 13.15 20.38 -17.07
N ILE A 316 14.21 20.49 -17.85
CA ILE A 316 15.42 19.70 -17.56
C ILE A 316 15.91 19.95 -16.13
N ILE A 317 16.10 21.21 -15.77
CA ILE A 317 16.58 21.58 -14.45
C ILE A 317 15.61 21.10 -13.38
N GLU A 318 14.32 21.22 -13.69
CA GLU A 318 13.32 20.72 -12.76
C GLU A 318 13.56 19.23 -12.48
N LEU A 319 13.61 18.41 -13.53
CA LEU A 319 13.85 16.99 -13.40
C LEU A 319 15.22 16.63 -12.79
N TRP A 320 16.24 17.40 -13.14
CA TRP A 320 17.55 17.13 -12.55
C TRP A 320 17.40 17.34 -11.06
N GLU A 321 16.82 18.46 -10.69
CA GLU A 321 16.64 18.73 -9.27
C GLU A 321 15.89 17.59 -8.56
N LYS A 322 14.88 17.03 -9.23
CA LYS A 322 14.07 15.95 -8.63
C LYS A 322 14.89 14.68 -8.40
N TYR A 323 15.61 14.24 -9.43
CA TYR A 323 16.27 12.92 -9.39
C TYR A 323 17.67 12.91 -8.76
N ILE A 324 18.42 13.97 -9.03
CA ILE A 324 19.83 14.05 -8.66
C ILE A 324 20.11 15.17 -7.68
N GLY A 325 19.44 16.30 -7.86
CA GLY A 325 19.66 17.44 -6.97
C GLY A 325 20.67 18.37 -7.62
N LEU A 326 20.59 19.64 -7.29
CA LEU A 326 21.53 20.60 -7.84
C LEU A 326 22.82 20.65 -7.04
N LYS A 327 22.74 20.34 -5.75
CA LYS A 327 23.95 20.20 -4.96
C LYS A 327 24.71 18.97 -5.40
N ILE A 328 26.03 19.12 -5.51
CA ILE A 328 26.89 17.99 -5.82
C ILE A 328 27.28 17.37 -4.49
N ILE A 329 26.77 16.19 -4.20
CA ILE A 329 26.96 15.67 -2.86
C ILE A 329 27.80 14.43 -2.91
N TYR A 330 28.45 14.14 -1.78
CA TYR A 330 29.31 12.98 -1.70
C TYR A 330 28.53 11.69 -1.73
N ASP A 331 28.99 10.76 -2.55
CA ASP A 331 28.33 9.46 -2.72
C ASP A 331 29.43 8.38 -2.61
N SER A 332 29.27 7.38 -1.76
CA SER A 332 30.34 6.39 -1.56
C SER A 332 30.16 5.09 -2.35
N ASP A 333 29.20 5.04 -3.27
CA ASP A 333 29.13 3.83 -4.07
C ASP A 333 30.39 3.70 -4.91
N THR A 334 30.71 2.48 -5.30
CA THR A 334 31.88 2.25 -6.14
C THR A 334 31.73 2.95 -7.51
N PHE A 335 32.85 3.28 -8.13
CA PHE A 335 32.77 4.12 -9.28
C PHE A 335 31.99 3.51 -10.45
N ASP A 336 32.02 2.18 -10.56
CA ASP A 336 31.31 1.53 -11.68
C ASP A 336 29.80 1.63 -11.45
N ILE A 337 29.41 1.56 -10.18
CA ILE A 337 28.03 1.83 -9.78
C ILE A 337 27.63 3.29 -10.12
N GLN A 338 28.52 4.26 -9.83
CA GLN A 338 28.22 5.68 -10.12
C GLN A 338 28.03 5.99 -11.61
N PHE A 339 28.81 5.31 -12.43
CA PHE A 339 28.81 5.49 -13.86
C PHE A 339 27.42 5.12 -14.37
N THR A 340 26.92 4.00 -13.86
CA THR A 340 25.64 3.44 -14.34
C THR A 340 24.50 4.31 -13.82
N SER A 341 24.63 4.68 -12.56
CA SER A 341 23.61 5.50 -11.92
C SER A 341 23.44 6.89 -12.55
N ARG A 342 24.54 7.57 -12.88
CA ARG A 342 24.39 8.91 -13.43
C ARG A 342 23.81 8.84 -14.86
N ARG A 343 24.23 7.84 -15.64
CA ARG A 343 23.70 7.70 -17.01
C ARG A 343 22.22 7.28 -17.01
N PHE A 344 21.85 6.45 -16.05
CA PHE A 344 20.46 6.05 -15.88
C PHE A 344 19.56 7.29 -15.80
N TYR A 345 19.93 8.22 -14.95
CA TYR A 345 19.12 9.41 -14.72
C TYR A 345 19.21 10.39 -15.88
N ILE A 346 20.39 10.52 -16.46
CA ILE A 346 20.48 11.33 -17.68
C ILE A 346 19.48 10.78 -18.74
N GLU A 347 19.55 9.48 -19.00
CA GLU A 347 18.59 8.88 -19.93
C GLU A 347 17.13 9.10 -19.51
N LYS A 348 16.83 8.87 -18.23
CA LYS A 348 15.45 9.00 -17.73
C LYS A 348 14.95 10.43 -17.97
N ILE A 349 15.77 11.42 -17.60
CA ILE A 349 15.42 12.83 -17.85
C ILE A 349 15.19 13.11 -19.33
N TYR A 350 16.09 12.61 -20.18
CA TYR A 350 16.02 12.93 -21.60
C TYR A 350 14.69 12.39 -22.09
N ASN A 351 14.42 11.14 -21.74
CA ASN A 351 13.18 10.53 -22.24
C ASN A 351 11.88 11.09 -21.69
N GLU A 352 11.97 11.80 -20.58
CA GLU A 352 10.84 12.50 -20.01
C GLU A 352 10.51 13.78 -20.80
N LEU A 353 11.50 14.29 -21.52
CA LEU A 353 11.32 15.51 -22.29
C LEU A 353 10.38 15.29 -23.47
N ASN A 354 10.38 14.07 -23.99
CA ASN A 354 9.56 13.72 -25.15
C ASN A 354 10.00 14.40 -26.45
N ILE A 355 11.03 13.86 -27.07
CA ILE A 355 11.49 14.31 -28.37
C ILE A 355 11.72 13.14 -29.31
N GLN D 7 -4.61 -24.07 12.33
CA GLN D 7 -3.41 -24.03 11.52
C GLN D 7 -2.42 -23.01 12.03
N ILE D 8 -1.36 -22.83 11.28
CA ILE D 8 -0.28 -21.98 11.64
C ILE D 8 0.15 -21.12 10.47
N GLN D 9 0.61 -19.92 10.77
CA GLN D 9 1.21 -18.98 9.83
C GLN D 9 2.69 -18.75 10.22
N HIS D 10 3.60 -18.78 9.27
CA HIS D 10 5.00 -18.55 9.57
C HIS D 10 5.36 -17.13 9.08
N ILE D 11 5.76 -16.30 10.04
CA ILE D 11 5.98 -14.89 9.81
C ILE D 11 7.44 -14.61 10.02
N ALA D 12 8.08 -14.09 8.97
CA ALA D 12 9.49 -13.76 9.08
C ALA D 12 9.55 -12.44 9.83
N ILE D 13 10.35 -12.41 10.89
CA ILE D 13 10.67 -11.16 11.54
C ILE D 13 12.14 -10.82 11.33
N VAL D 14 12.40 -9.55 11.01
CA VAL D 14 13.70 -9.07 10.54
C VAL D 14 14.13 -7.82 11.28
N GLY D 15 15.39 -7.75 11.65
CA GLY D 15 15.91 -6.54 12.27
C GLY D 15 16.19 -5.44 11.25
N SER D 16 17.40 -4.94 11.28
CA SER D 16 17.79 -3.77 10.53
C SER D 16 18.15 -4.15 9.10
N VAL D 17 17.45 -3.57 8.12
CA VAL D 17 17.68 -3.95 6.73
C VAL D 17 18.85 -3.23 6.07
N HIS D 18 18.97 -1.94 6.36
CA HIS D 18 20.05 -1.11 5.81
CA HIS D 18 20.10 -1.19 5.83
C HIS D 18 20.30 -1.30 4.33
N GLY D 19 19.21 -1.32 3.56
CA GLY D 19 19.29 -1.29 2.11
C GLY D 19 19.67 -2.60 1.44
N LYS D 20 19.81 -3.66 2.23
CA LYS D 20 20.19 -4.94 1.65
C LYS D 20 19.00 -5.83 1.35
N TYR D 21 18.12 -5.33 0.49
CA TYR D 21 16.91 -6.04 0.17
C TYR D 21 17.11 -7.37 -0.56
N ARG D 22 17.90 -7.34 -1.62
CA ARG D 22 18.14 -8.57 -2.37
C ARG D 22 18.70 -9.65 -1.44
N GLU D 23 19.65 -9.26 -0.60
CA GLU D 23 20.21 -10.25 0.31
C GLU D 23 19.16 -10.79 1.28
N MET D 24 18.31 -9.90 1.81
CA MET D 24 17.27 -10.34 2.73
C MET D 24 16.33 -11.37 2.11
N TYR D 25 15.89 -11.07 0.91
CA TYR D 25 14.87 -11.87 0.22
C TYR D 25 15.51 -13.14 -0.26
N ARG D 26 16.82 -13.08 -0.50
CA ARG D 26 17.55 -14.29 -0.83
C ARG D 26 17.51 -15.25 0.37
N GLN D 27 17.90 -14.74 1.55
CA GLN D 27 17.88 -15.51 2.80
C GLN D 27 16.51 -16.10 3.13
N LEU D 28 15.48 -15.27 2.96
CA LEU D 28 14.11 -15.70 3.21
C LEU D 28 13.74 -16.86 2.28
N SER D 29 14.13 -16.73 1.02
CA SER D 29 13.76 -17.70 0.02
C SER D 29 14.40 -19.04 0.41
N GLU D 30 15.63 -18.96 0.91
CA GLU D 30 16.33 -20.14 1.41
C GLU D 30 15.60 -20.86 2.56
N TYR D 31 15.04 -20.08 3.47
CA TYR D 31 14.22 -20.62 4.54
C TYR D 31 13.13 -21.52 4.00
N GLU D 32 12.37 -21.02 3.02
CA GLU D 32 11.24 -21.79 2.50
C GLU D 32 11.71 -23.08 1.82
N LYS D 33 12.58 -22.91 0.82
CA LYS D 33 13.11 -24.03 0.05
C LYS D 33 13.70 -25.09 0.98
N SER D 34 14.44 -24.62 1.97
CA SER D 34 15.16 -25.51 2.86
C SER D 34 14.24 -26.24 3.82
N THR D 35 13.21 -25.56 4.33
CA THR D 35 12.42 -26.10 5.43
C THR D 35 11.04 -26.60 5.03
N GLY D 36 10.60 -26.28 3.84
CA GLY D 36 9.27 -26.67 3.43
C GLY D 36 8.16 -25.75 3.93
N LYS D 37 8.49 -24.77 4.76
CA LYS D 37 7.46 -23.84 5.22
C LYS D 37 7.28 -22.68 4.24
N GLU D 38 6.05 -22.18 4.17
CA GLU D 38 5.72 -21.03 3.39
C GLU D 38 5.69 -19.81 4.33
N ILE D 39 6.27 -18.72 3.83
CA ILE D 39 6.23 -17.47 4.56
C ILE D 39 4.92 -16.74 4.23
N SER D 40 4.13 -16.43 5.25
CA SER D 40 2.88 -15.70 5.02
C SER D 40 3.19 -14.24 4.70
N PHE D 41 4.16 -13.70 5.42
CA PHE D 41 4.56 -12.31 5.26
C PHE D 41 5.76 -11.99 6.16
N VAL D 42 6.35 -10.82 5.90
CA VAL D 42 7.58 -10.40 6.53
C VAL D 42 7.36 -9.08 7.22
N ILE D 43 8.03 -8.90 8.36
CA ILE D 43 7.96 -7.70 9.14
C ILE D 43 9.38 -7.23 9.34
N CYS D 44 9.67 -5.97 8.98
CA CYS D 44 11.00 -5.40 9.25
C CYS D 44 10.91 -4.30 10.28
N THR D 45 11.94 -4.20 11.12
CA THR D 45 11.90 -3.26 12.23
C THR D 45 12.78 -2.05 12.08
N GLY D 46 13.17 -1.72 10.84
CA GLY D 46 13.68 -0.40 10.59
C GLY D 46 14.98 -0.29 9.82
N ASP D 47 15.44 0.95 9.72
CA ASP D 47 16.62 1.28 8.95
C ASP D 47 16.45 0.75 7.54
N MET D 48 15.36 1.20 6.90
CA MET D 48 14.91 0.63 5.66
C MET D 48 15.59 1.31 4.46
N GLN D 49 16.05 2.55 4.63
CA GLN D 49 16.80 3.22 3.55
C GLN D 49 16.07 3.26 2.18
N THR D 50 14.82 3.71 2.19
CA THR D 50 13.97 3.59 1.00
C THR D 50 14.21 4.82 0.12
N LEU D 51 15.46 5.00 -0.30
CA LEU D 51 15.84 6.11 -1.18
C LEU D 51 15.44 5.75 -2.60
N ARG D 52 14.59 6.61 -3.20
CA ARG D 52 14.00 6.40 -4.56
C ARG D 52 14.98 6.68 -5.65
N TYR D 53 15.73 7.76 -5.45
CA TYR D 53 16.71 8.16 -6.45
C TYR D 53 17.80 9.03 -5.82
N GLU D 54 18.87 9.36 -6.55
CA GLU D 54 20.06 9.94 -5.89
C GLU D 54 19.74 11.11 -4.96
N ALA D 55 18.84 11.97 -5.42
CA ALA D 55 18.57 13.20 -4.68
C ALA D 55 18.14 12.95 -3.27
N ASP D 56 17.59 11.76 -3.01
CA ASP D 56 17.17 11.37 -1.65
C ASP D 56 18.32 11.19 -0.64
N LEU D 57 19.54 11.02 -1.12
CA LEU D 57 20.70 10.84 -0.23
C LEU D 57 20.79 11.96 0.78
N VAL D 58 20.26 13.13 0.40
CA VAL D 58 20.34 14.30 1.25
C VAL D 58 19.57 14.08 2.56
N TYR D 59 18.57 13.20 2.54
CA TYR D 59 17.75 12.97 3.72
C TYR D 59 18.19 11.74 4.54
N LEU D 60 19.27 11.08 4.11
CA LEU D 60 19.81 9.88 4.77
C LEU D 60 20.89 10.27 5.79
N LYS D 61 20.62 9.99 7.06
CA LYS D 61 21.45 10.44 8.14
C LYS D 61 22.48 9.38 8.46
N VAL D 62 23.59 9.44 7.73
CA VAL D 62 24.71 8.52 7.87
C VAL D 62 26.04 9.26 7.74
N PRO D 63 27.12 8.65 8.25
CA PRO D 63 28.44 9.24 7.97
C PRO D 63 28.78 9.03 6.50
N PRO D 64 29.64 9.90 5.94
CA PRO D 64 29.95 9.87 4.52
C PRO D 64 30.20 8.48 3.96
N LYS D 65 30.91 7.64 4.71
CA LYS D 65 31.25 6.33 4.18
C LYS D 65 29.99 5.51 3.88
N TYR D 66 28.85 5.92 4.45
CA TYR D 66 27.62 5.17 4.21
C TYR D 66 26.63 5.87 3.29
N LYS D 67 27.03 6.96 2.66
CA LYS D 67 26.14 7.68 1.76
C LYS D 67 26.03 6.86 0.46
N GLN D 68 25.23 5.79 0.50
CA GLN D 68 25.00 4.88 -0.64
C GLN D 68 23.51 4.67 -0.91
N MET D 69 23.17 4.29 -2.14
CA MET D 69 21.79 4.06 -2.51
C MET D 69 21.20 2.80 -1.90
N GLY D 70 22.01 1.76 -1.81
CA GLY D 70 21.49 0.47 -1.36
C GLY D 70 20.58 -0.08 -2.46
N ASP D 71 19.84 -1.14 -2.12
CA ASP D 71 19.03 -1.90 -3.05
C ASP D 71 17.64 -1.32 -3.29
N PHE D 72 17.17 -0.43 -2.42
CA PHE D 72 15.75 -0.06 -2.55
C PHE D 72 15.33 0.43 -3.94
N HIS D 73 16.10 1.34 -4.54
CA HIS D 73 15.67 1.94 -5.81
C HIS D 73 15.40 0.88 -6.89
N LEU D 74 16.09 -0.26 -6.80
CA LEU D 74 15.86 -1.37 -7.73
C LEU D 74 14.38 -1.84 -7.70
N TYR D 75 13.88 -2.11 -6.49
CA TYR D 75 12.44 -2.37 -6.28
C TYR D 75 11.54 -1.17 -6.68
N TYR D 76 11.91 0.03 -6.28
CA TYR D 76 11.20 1.24 -6.69
C TYR D 76 11.03 1.35 -8.20
N GLU D 77 12.11 1.07 -8.93
CA GLU D 77 12.12 1.12 -10.40
C GLU D 77 11.45 -0.11 -11.00
N GLY D 78 11.32 -1.16 -10.22
CA GLY D 78 10.65 -2.36 -10.73
C GLY D 78 11.58 -3.31 -11.49
N LYS D 79 12.88 -3.04 -11.41
CA LYS D 79 13.84 -4.01 -11.92
C LYS D 79 13.83 -5.23 -11.02
N GLU D 80 13.49 -5.04 -9.76
CA GLU D 80 13.39 -6.16 -8.84
C GLU D 80 11.98 -6.13 -8.25
N LYS D 81 11.51 -7.27 -7.74
CA LYS D 81 10.17 -7.34 -7.23
C LYS D 81 10.13 -8.16 -5.93
N ALA D 82 9.70 -7.52 -4.84
CA ALA D 82 9.59 -8.16 -3.54
C ALA D 82 8.68 -9.41 -3.59
N PRO D 83 9.23 -10.59 -3.24
CA PRO D 83 8.51 -11.87 -3.31
C PRO D 83 7.52 -12.09 -2.17
N TYR D 84 7.68 -11.36 -1.05
CA TYR D 84 6.71 -11.39 0.02
C TYR D 84 6.21 -9.99 0.40
N LEU D 85 4.91 -9.88 0.64
CA LEU D 85 4.38 -8.71 1.34
C LEU D 85 5.25 -8.42 2.58
N THR D 86 5.78 -7.20 2.61
CA THR D 86 6.75 -6.81 3.61
C THR D 86 6.28 -5.54 4.33
N LEU D 87 6.10 -5.64 5.64
CA LEU D 87 5.49 -4.57 6.42
C LEU D 87 6.62 -3.95 7.26
N PHE D 88 6.65 -2.64 7.42
CA PHE D 88 7.80 -2.04 8.12
C PHE D 88 7.50 -0.71 8.82
N ILE D 89 8.37 -0.37 9.76
CA ILE D 89 8.42 0.96 10.41
C ILE D 89 9.74 1.63 10.08
N GLY D 90 9.87 2.90 10.40
CA GLY D 90 11.11 3.61 10.13
C GLY D 90 12.07 3.49 11.32
N GLY D 91 13.37 3.56 11.08
CA GLY D 91 14.35 3.58 12.16
C GLY D 91 15.06 4.92 12.11
N ASN D 92 16.40 4.89 12.15
CA ASN D 92 17.22 6.10 12.27
C ASN D 92 18.03 6.31 10.98
N HIS D 93 17.97 5.43 10.08
CA HIS D 93 18.62 5.52 8.76
C HIS D 93 17.55 5.34 7.69
N GLU D 94 17.05 6.33 7.20
CA GLU D 94 15.91 6.30 6.33
C GLU D 94 16.01 7.40 5.27
N SER D 95 15.24 7.25 4.20
CA SER D 95 14.94 8.41 3.38
C SER D 95 13.81 9.12 4.11
N SER D 96 14.19 9.93 5.09
CA SER D 96 13.21 10.53 5.99
C SER D 96 12.17 11.37 5.26
N ASN D 97 12.54 11.94 4.11
CA ASN D 97 11.56 12.72 3.34
C ASN D 97 10.41 11.85 2.84
N VAL D 98 10.76 10.73 2.22
CA VAL D 98 9.78 9.72 1.84
C VAL D 98 8.86 9.35 3.00
N LEU D 99 9.44 9.00 4.14
CA LEU D 99 8.58 8.53 5.24
C LEU D 99 7.68 9.66 5.75
N LEU D 100 8.14 10.91 5.63
CA LEU D 100 7.25 12.00 6.04
C LEU D 100 6.05 12.17 5.12
N HIS D 101 6.25 12.01 3.80
CA HIS D 101 5.11 12.12 2.89
C HIS D 101 4.11 11.04 3.24
N LEU D 102 4.63 9.89 3.64
CA LEU D 102 3.78 8.75 3.99
C LEU D 102 3.58 8.64 5.50
N TYR D 103 3.48 9.76 6.20
CA TYR D 103 3.40 9.67 7.66
C TYR D 103 2.13 8.95 8.11
N ASN D 104 1.14 8.92 7.22
CA ASN D 104 -0.07 8.17 7.45
C ASN D 104 0.04 6.81 6.80
N GLY D 105 1.27 6.40 6.49
CA GLY D 105 1.48 5.09 5.93
C GLY D 105 1.34 5.02 4.42
N GLY D 106 1.81 3.90 3.86
CA GLY D 106 1.76 3.74 2.43
C GLY D 106 2.78 2.77 1.88
N PHE D 107 2.50 2.30 0.66
CA PHE D 107 3.40 1.38 -0.05
C PHE D 107 4.45 2.25 -0.68
N VAL D 108 5.72 1.96 -0.37
CA VAL D 108 6.81 2.68 -0.99
C VAL D 108 7.08 2.05 -2.34
N CYS D 109 6.67 0.79 -2.53
CA CYS D 109 6.71 0.12 -3.84
C CYS D 109 5.93 -1.19 -3.70
N PHE D 110 5.81 -1.94 -4.78
CA PHE D 110 5.04 -3.17 -4.72
C PHE D 110 5.46 -4.10 -3.56
N ASN D 111 4.46 -4.53 -2.77
CA ASN D 111 4.70 -5.41 -1.62
C ASN D 111 5.52 -4.83 -0.45
N MET D 112 5.77 -3.52 -0.43
CA MET D 112 6.50 -2.93 0.71
C MET D 112 5.67 -1.80 1.33
N TYR D 113 5.05 -2.11 2.47
CA TYR D 113 4.15 -1.19 3.13
C TYR D 113 4.72 -0.65 4.45
N TYR D 114 4.77 0.68 4.50
CA TYR D 114 5.23 1.47 5.60
C TYR D 114 4.08 1.76 6.55
N LEU D 115 4.25 1.45 7.83
CA LEU D 115 3.13 1.66 8.74
C LEU D 115 2.92 3.15 9.16
N GLY D 116 3.77 4.07 8.70
CA GLY D 116 3.68 5.48 9.13
C GLY D 116 4.47 5.85 10.39
N VAL D 117 4.31 7.08 10.89
CA VAL D 117 4.84 7.48 12.21
C VAL D 117 4.35 6.48 13.27
N CYS D 118 3.07 6.18 13.18
CA CYS D 118 2.56 5.04 13.87
C CYS D 118 1.23 4.65 13.29
N SER D 119 0.80 3.45 13.62
CA SER D 119 -0.53 2.95 13.31
C SER D 119 -0.67 1.49 13.75
N CYS D 120 -1.84 0.91 13.54
CA CYS D 120 -2.11 -0.50 13.70
C CYS D 120 -2.78 -1.02 12.43
N ILE D 121 -2.37 -2.19 11.99
CA ILE D 121 -2.98 -2.86 10.85
C ILE D 121 -3.54 -4.23 11.22
N ASN D 122 -4.24 -4.83 10.28
CA ASN D 122 -4.76 -6.18 10.45
C ASN D 122 -4.29 -7.03 9.30
N ILE D 123 -3.92 -8.27 9.61
CA ILE D 123 -3.61 -9.25 8.57
C ILE D 123 -3.75 -10.65 9.19
N ASN D 124 -4.47 -11.52 8.49
CA ASN D 124 -4.54 -12.92 8.90
C ASN D 124 -4.99 -13.01 10.34
N GLY D 125 -5.95 -12.17 10.72
CA GLY D 125 -6.48 -12.25 12.08
C GLY D 125 -5.66 -11.53 13.13
N LEU D 126 -4.48 -11.03 12.76
CA LEU D 126 -3.62 -10.37 13.74
C LEU D 126 -3.80 -8.84 13.78
N ARG D 127 -3.52 -8.24 14.92
CA ARG D 127 -3.51 -6.79 15.04
C ARG D 127 -2.05 -6.39 15.33
N ILE D 128 -1.47 -5.59 14.43
CA ILE D 128 -0.06 -5.23 14.46
C ILE D 128 0.14 -3.70 14.53
N VAL D 129 0.82 -3.25 15.58
CA VAL D 129 1.10 -1.87 15.82
C VAL D 129 2.55 -1.61 15.48
N GLY D 130 2.80 -0.42 14.93
CA GLY D 130 4.16 -0.01 14.62
C GLY D 130 4.44 1.35 15.21
N VAL D 131 5.65 1.54 15.74
CA VAL D 131 6.10 2.85 16.20
C VAL D 131 7.46 3.21 15.54
N SER D 132 7.51 4.29 14.75
CA SER D 132 8.77 4.59 14.05
C SER D 132 9.78 5.47 14.82
N GLY D 133 11.04 5.43 14.37
CA GLY D 133 12.09 6.35 14.82
C GLY D 133 12.91 5.83 16.04
N ILE D 134 13.85 6.63 16.50
CA ILE D 134 14.52 6.37 17.77
C ILE D 134 14.39 7.64 18.61
N TYR D 135 14.62 7.49 19.91
CA TYR D 135 14.20 8.48 20.86
C TYR D 135 15.34 9.47 21.06
N LYS D 136 15.01 10.75 20.95
CA LYS D 136 15.87 11.82 21.45
C LYS D 136 15.05 12.86 22.20
N SER D 137 15.39 13.04 23.47
CA SER D 137 14.61 13.89 24.37
C SER D 137 14.43 15.28 23.80
N PHE D 138 15.47 15.82 23.17
CA PHE D 138 15.35 17.21 22.72
C PHE D 138 14.41 17.40 21.55
N ASP D 139 14.20 16.37 20.74
CA ASP D 139 13.25 16.47 19.62
C ASP D 139 11.85 15.91 19.89
N GLU D 140 11.63 15.31 21.07
CA GLU D 140 10.38 14.55 21.30
C GLU D 140 9.08 15.38 21.34
N LYS D 141 9.20 16.71 21.50
CA LYS D 141 8.00 17.54 21.55
C LYS D 141 7.88 18.42 20.31
N LYS D 142 8.83 18.28 19.40
CA LYS D 142 8.92 19.11 18.20
C LYS D 142 7.92 18.64 17.13
N PRO D 143 7.22 19.57 16.43
CA PRO D 143 6.26 19.03 15.46
C PRO D 143 6.99 18.63 14.20
N TYR D 144 6.24 18.13 13.23
CA TYR D 144 6.80 17.92 11.91
C TYR D 144 6.50 19.15 11.06
N THR D 145 7.44 19.54 10.22
CA THR D 145 7.18 20.63 9.31
C THR D 145 7.19 20.12 7.87
N TYR D 146 6.25 20.60 7.07
CA TYR D 146 6.01 20.03 5.75
C TYR D 146 5.84 21.13 4.71
N PRO D 147 6.35 20.90 3.49
CA PRO D 147 7.07 19.69 3.03
C PRO D 147 8.43 19.55 3.69
N PRO D 148 9.10 18.42 3.45
CA PRO D 148 10.39 18.14 4.09
C PRO D 148 11.50 19.09 3.63
N SER D 149 12.44 19.36 4.51
CA SER D 149 13.60 20.19 4.15
C SER D 149 14.91 19.51 4.53
N PRO D 150 15.92 19.62 3.64
CA PRO D 150 17.20 18.94 3.88
C PRO D 150 17.71 19.21 5.29
N ASN D 151 17.29 20.34 5.85
CA ASN D 151 17.67 20.69 7.22
C ASN D 151 17.14 19.71 8.27
N ASP D 152 15.99 19.10 7.99
CA ASP D 152 15.38 18.26 9.01
C ASP D 152 16.01 16.88 9.04
N VAL D 153 17.06 16.68 8.23
CA VAL D 153 17.68 15.37 8.12
C VAL D 153 18.02 14.79 9.48
N VAL D 154 18.43 15.66 10.40
CA VAL D 154 18.84 15.20 11.73
C VAL D 154 17.69 14.97 12.72
N SER D 155 16.51 15.51 12.44
CA SER D 155 15.45 15.44 13.44
C SER D 155 14.21 14.60 13.02
N LEU D 156 14.01 14.45 11.72
CA LEU D 156 12.81 13.77 11.18
C LEU D 156 12.54 12.38 11.79
N PHE D 157 13.60 11.62 12.04
CA PHE D 157 13.45 10.23 12.44
C PHE D 157 13.41 10.09 13.97
N HIS D 158 13.36 11.21 14.68
CA HIS D 158 13.23 11.14 16.14
C HIS D 158 11.79 10.98 16.57
N THR D 159 11.54 9.93 17.35
CA THR D 159 10.17 9.60 17.75
C THR D 159 9.58 10.75 18.58
N ARG D 160 8.35 11.13 18.26
CA ARG D 160 7.59 12.17 18.98
C ARG D 160 6.76 11.56 20.13
N ASN D 161 6.76 12.25 21.26
CA ASN D 161 5.96 11.88 22.41
C ASN D 161 4.46 11.65 22.09
N TYR D 162 3.89 12.43 21.17
CA TYR D 162 2.44 12.31 20.96
C TYR D 162 1.94 10.95 20.51
N VAL D 163 2.80 10.12 19.91
CA VAL D 163 2.34 8.76 19.52
C VAL D 163 1.82 7.93 20.67
N ILE D 164 2.34 8.19 21.87
CA ILE D 164 1.79 7.49 23.02
C ILE D 164 0.27 7.65 23.03
N GLN D 165 -0.16 8.90 22.86
CA GLN D 165 -1.60 9.23 22.91
CA GLN D 165 -1.59 9.23 22.92
C GLN D 165 -2.40 8.60 21.75
N MET D 166 -1.81 8.62 20.55
CA MET D 166 -2.47 8.01 19.38
C MET D 166 -2.68 6.52 19.55
N LEU D 167 -1.76 5.87 20.29
CA LEU D 167 -1.78 4.40 20.30
C LEU D 167 -2.45 3.85 21.56
N SER D 168 -2.50 4.67 22.62
CA SER D 168 -2.85 4.16 23.95
C SER D 168 -4.11 3.32 24.11
N ASN D 169 -5.18 3.63 23.37
CA ASN D 169 -6.43 2.89 23.58
C ASN D 169 -6.56 1.61 22.73
N LEU D 170 -5.51 1.27 21.99
CA LEU D 170 -5.68 0.24 20.97
C LEU D 170 -5.89 -1.17 21.49
N SER D 171 -5.48 -1.44 22.72
CA SER D 171 -5.73 -2.77 23.27
C SER D 171 -7.12 -2.92 23.94
N GLN D 172 -7.95 -1.88 23.88
CA GLN D 172 -9.20 -1.93 24.63
C GLN D 172 -10.25 -2.91 24.11
N SER D 173 -10.42 -3.00 22.80
CA SER D 173 -11.39 -3.93 22.24
C SER D 173 -10.81 -5.34 22.15
N SER D 174 -9.49 -5.42 21.88
CA SER D 174 -8.75 -6.69 21.94
C SER D 174 -7.26 -6.44 22.10
N GLN D 175 -6.52 -7.47 22.50
CA GLN D 175 -5.08 -7.37 22.77
C GLN D 175 -4.37 -7.20 21.42
N ILE D 176 -3.37 -6.34 21.39
CA ILE D 176 -2.48 -6.25 20.22
C ILE D 176 -1.65 -7.53 20.18
N ASP D 177 -1.60 -8.20 19.03
CA ASP D 177 -0.74 -9.39 18.90
C ASP D 177 0.74 -9.05 18.85
N ILE D 178 1.09 -8.13 17.96
CA ILE D 178 2.48 -7.74 17.76
C ILE D 178 2.65 -6.23 17.72
N SER D 179 3.67 -5.74 18.41
CA SER D 179 4.03 -4.33 18.29
C SER D 179 5.48 -4.16 17.82
N LEU D 180 5.71 -3.17 16.97
CA LEU D 180 7.00 -3.00 16.28
C LEU D 180 7.62 -1.67 16.65
N SER D 181 8.93 -1.63 16.96
CA SER D 181 9.65 -0.38 17.11
C SER D 181 11.12 -0.57 16.71
N HIS D 182 11.83 0.54 16.48
CA HIS D 182 13.22 0.43 16.06
C HIS D 182 14.11 0.27 17.31
N ASP D 183 14.23 1.32 18.12
CA ASP D 183 14.98 1.20 19.39
C ASP D 183 14.13 0.48 20.44
N TRP D 184 14.80 -0.16 21.42
CA TRP D 184 14.11 -1.02 22.38
C TRP D 184 13.34 -0.15 23.33
N PRO D 185 12.25 -0.70 23.90
CA PRO D 185 11.52 -0.04 24.99
C PRO D 185 12.48 0.09 26.16
N GLN D 186 12.76 1.33 26.56
CA GLN D 186 13.64 1.59 27.70
C GLN D 186 13.38 0.60 28.85
N GLY D 187 14.45 0.04 29.44
CA GLY D 187 14.33 -0.85 30.59
C GLY D 187 14.22 -2.34 30.25
N ILE D 188 13.67 -2.66 29.07
CA ILE D 188 13.37 -4.05 28.72
C ILE D 188 14.61 -4.97 28.80
N VAL D 189 15.81 -4.39 28.63
CA VAL D 189 17.06 -5.14 28.76
C VAL D 189 17.16 -5.92 30.08
N MET D 190 16.60 -5.33 31.13
CA MET D 190 16.62 -5.95 32.46
C MET D 190 15.68 -7.14 32.62
N LYS D 191 14.77 -7.31 31.66
CA LYS D 191 13.72 -8.32 31.83
C LYS D 191 14.08 -9.61 31.09
N GLY D 192 15.35 -9.73 30.73
CA GLY D 192 15.83 -10.93 30.08
C GLY D 192 17.17 -11.31 30.72
N ASN D 193 17.89 -12.22 30.08
CA ASN D 193 19.19 -12.66 30.60
C ASN D 193 20.28 -11.64 30.27
N TYR D 194 20.23 -10.50 30.94
CA TYR D 194 21.09 -9.37 30.60
C TYR D 194 22.58 -9.67 30.87
N LYS D 195 22.85 -10.40 31.95
CA LYS D 195 24.24 -10.81 32.27
C LYS D 195 24.94 -11.47 31.08
N GLN D 196 24.22 -12.42 30.47
CA GLN D 196 24.71 -13.17 29.34
C GLN D 196 24.69 -12.27 28.09
N LEU D 197 23.69 -11.39 28.02
CA LEU D 197 23.67 -10.41 26.95
C LEU D 197 24.99 -9.64 26.97
N TYR D 198 25.38 -9.16 28.15
CA TYR D 198 26.62 -8.36 28.27
C TYR D 198 27.90 -9.18 28.02
N ARG D 199 27.84 -10.50 28.23
CA ARG D 199 28.97 -11.36 27.92
C ARG D 199 29.18 -11.45 26.42
N PHE D 200 28.12 -11.20 25.68
CA PHE D 200 28.20 -11.19 24.22
C PHE D 200 28.37 -9.79 23.64
N GLN D 201 27.79 -8.80 24.31
CA GLN D 201 27.76 -7.42 23.82
C GLN D 201 28.14 -6.50 24.97
N PRO D 202 29.42 -6.49 25.32
CA PRO D 202 29.87 -5.75 26.51
C PRO D 202 29.52 -4.27 26.42
N GLY D 203 29.41 -3.71 25.21
CA GLY D 203 29.02 -2.31 25.02
C GLY D 203 27.65 -1.93 25.58
N PHE D 204 26.71 -2.87 25.52
CA PHE D 204 25.36 -2.61 26.01
C PHE D 204 25.40 -2.25 27.49
N LYS D 205 26.45 -2.72 28.13
CA LYS D 205 26.70 -2.54 29.56
C LYS D 205 26.86 -1.06 29.99
N LYS D 206 27.49 -0.25 29.17
CA LYS D 206 27.67 1.15 29.45
C LYS D 206 26.34 1.85 29.61
N ASP D 207 25.38 1.47 28.79
CA ASP D 207 24.05 2.03 28.83
C ASP D 207 23.25 1.73 30.07
N GLY D 208 23.38 0.54 30.63
CA GLY D 208 22.60 0.17 31.79
C GLY D 208 21.14 -0.08 31.54
N ALA D 209 20.35 -0.05 32.61
CA ALA D 209 18.90 -0.20 32.53
C ALA D 209 18.26 0.90 31.71
N SER D 210 19.02 1.96 31.43
CA SER D 210 18.44 3.13 30.78
C SER D 210 18.47 3.03 29.23
N LEU D 211 19.05 1.93 28.74
CA LEU D 211 19.10 1.64 27.31
C LEU D 211 17.70 1.63 26.66
N GLY D 212 17.54 2.40 25.60
CA GLY D 212 16.32 2.38 24.80
C GLY D 212 15.40 3.57 25.00
N SER D 213 14.16 3.44 24.53
CA SER D 213 13.21 4.56 24.34
C SER D 213 12.11 4.62 25.43
N PRO D 214 12.05 5.73 26.17
CA PRO D 214 10.98 5.84 27.16
C PRO D 214 9.60 5.87 26.49
N ILE D 215 9.54 6.31 25.23
CA ILE D 215 8.24 6.36 24.55
C ILE D 215 7.77 4.93 24.31
N ASN D 216 8.67 4.12 23.75
CA ASN D 216 8.33 2.72 23.55
C ASN D 216 8.04 1.98 24.83
N LYS D 217 8.72 2.34 25.92
CA LYS D 217 8.40 1.73 27.22
C LYS D 217 6.94 1.97 27.61
N VAL D 218 6.50 3.21 27.49
CA VAL D 218 5.13 3.53 27.92
C VAL D 218 4.12 2.80 27.05
N ILE D 219 4.32 2.84 25.73
CA ILE D 219 3.47 2.07 24.84
C ILE D 219 3.46 0.57 25.19
N LEU D 220 4.63 0.00 25.47
CA LEU D 220 4.65 -1.41 25.79
C LEU D 220 3.82 -1.65 27.07
N ASN D 221 3.96 -0.77 28.07
CA ASN D 221 3.23 -0.94 29.35
C ASN D 221 1.72 -0.71 29.22
N THR D 222 1.32 0.12 28.26
CA THR D 222 -0.09 0.43 28.02
C THR D 222 -0.78 -0.64 27.16
N LEU D 223 -0.15 -1.04 26.06
CA LEU D 223 -0.76 -2.00 25.12
C LEU D 223 -0.57 -3.47 25.50
N LYS D 224 0.52 -3.77 26.21
CA LYS D 224 0.81 -5.16 26.64
C LYS D 224 0.56 -6.19 25.55
N PRO D 225 1.18 -5.99 24.38
CA PRO D 225 1.01 -6.87 23.21
C PRO D 225 1.55 -8.26 23.55
N LYS D 226 1.13 -9.29 22.82
CA LYS D 226 1.74 -10.62 22.95
C LYS D 226 3.22 -10.63 22.59
N TYR D 227 3.58 -9.93 21.50
CA TYR D 227 5.00 -9.74 21.08
C TYR D 227 5.35 -8.27 20.96
N TRP D 228 6.55 -7.90 21.38
CA TRP D 228 7.16 -6.64 21.00
C TRP D 228 8.49 -6.93 20.28
N ILE D 229 8.64 -6.44 19.04
CA ILE D 229 9.85 -6.73 18.26
C ILE D 229 10.61 -5.42 17.97
N SER D 230 11.93 -5.43 18.16
CA SER D 230 12.76 -4.25 17.95
C SER D 230 14.06 -4.61 17.16
N GLY D 231 14.64 -3.66 16.43
CA GLY D 231 15.79 -3.97 15.58
C GLY D 231 16.93 -2.95 15.43
N HIS D 232 17.04 -2.02 16.36
CA HIS D 232 18.15 -1.05 16.31
C HIS D 232 19.46 -1.61 16.91
N MET D 233 19.35 -2.51 17.92
CA MET D 233 20.52 -3.14 18.58
C MET D 233 20.91 -4.41 17.81
N HIS D 234 22.18 -4.46 17.40
CA HIS D 234 22.64 -5.51 16.51
C HIS D 234 22.93 -6.80 17.26
N CYS D 235 21.88 -7.46 17.75
CA CYS D 235 22.06 -8.72 18.47
C CYS D 235 20.75 -9.44 18.47
N GLU D 236 20.74 -10.69 18.90
CA GLU D 236 19.48 -11.34 19.22
C GLU D 236 19.26 -11.21 20.73
N TYR D 237 18.01 -11.04 21.16
CA TYR D 237 17.75 -11.02 22.59
C TYR D 237 16.27 -11.23 22.79
N HIS D 238 15.93 -11.84 23.90
CA HIS D 238 14.56 -12.14 24.24
C HIS D 238 14.38 -11.68 25.69
N ALA D 239 13.22 -11.09 26.00
CA ALA D 239 12.91 -10.73 27.38
C ALA D 239 11.43 -10.94 27.61
N GLU D 240 11.02 -10.97 28.88
CA GLU D 240 9.61 -11.10 29.22
C GLU D 240 9.18 -10.00 30.17
N GLU D 241 8.03 -9.40 29.86
CA GLU D 241 7.45 -8.31 30.64
C GLU D 241 5.96 -8.57 30.67
N GLY D 242 5.48 -9.18 31.76
CA GLY D 242 4.06 -9.40 31.88
C GLY D 242 3.65 -10.29 30.74
N PRO D 243 2.55 -9.95 30.05
CA PRO D 243 2.21 -10.91 29.00
C PRO D 243 3.03 -10.76 27.70
N THR D 244 4.01 -9.85 27.68
CA THR D 244 4.68 -9.47 26.43
C THR D 244 6.01 -10.21 26.25
N HIS D 245 6.16 -10.97 25.15
CA HIS D 245 7.48 -11.49 24.76
C HIS D 245 8.20 -10.46 23.91
N PHE D 246 9.34 -9.99 24.39
CA PHE D 246 10.14 -9.01 23.66
C PHE D 246 11.17 -9.81 22.86
N ILE D 247 11.41 -9.38 21.62
CA ILE D 247 12.38 -10.01 20.76
C ILE D 247 13.15 -8.90 20.08
N ALA D 248 14.47 -8.94 20.20
CA ALA D 248 15.38 -8.04 19.46
C ALA D 248 16.04 -8.85 18.34
N LEU D 249 16.16 -8.24 17.17
CA LEU D 249 16.78 -8.86 16.01
C LEU D 249 18.02 -8.04 15.57
N GLY D 250 18.97 -8.70 14.91
CA GLY D 250 20.20 -8.05 14.50
C GLY D 250 20.12 -7.50 13.07
N LYS D 251 21.27 -7.41 12.44
CA LYS D 251 21.40 -6.67 11.20
C LYS D 251 21.52 -7.60 9.99
N ILE D 252 20.91 -7.22 8.86
CA ILE D 252 20.95 -8.09 7.66
C ILE D 252 22.42 -8.25 7.30
N GLY D 253 22.84 -9.49 7.06
CA GLY D 253 24.25 -9.79 6.85
C GLY D 253 24.85 -10.46 8.08
N TYR D 254 24.01 -10.69 9.10
CA TYR D 254 24.34 -11.54 10.25
C TYR D 254 23.26 -12.56 10.49
N LYS D 255 23.64 -13.68 11.11
CA LYS D 255 22.70 -14.77 11.40
C LYS D 255 21.55 -14.31 12.29
N ASN D 256 21.83 -13.39 13.23
CA ASN D 256 20.80 -12.99 14.20
C ASN D 256 19.71 -12.04 13.66
N ALA D 257 19.83 -11.69 12.36
CA ALA D 257 19.01 -10.68 11.68
C ALA D 257 17.55 -11.10 11.41
N ILE D 258 17.32 -12.39 11.21
CA ILE D 258 16.02 -12.91 10.82
C ILE D 258 15.59 -14.06 11.71
N SER D 259 14.35 -14.03 12.17
CA SER D 259 13.78 -15.18 12.86
C SER D 259 12.34 -15.32 12.44
N TYR D 260 11.66 -16.34 12.95
CA TYR D 260 10.30 -16.59 12.51
C TYR D 260 9.36 -16.78 13.71
N LEU D 261 8.19 -16.17 13.61
CA LEU D 261 7.12 -16.46 14.57
C LEU D 261 6.22 -17.47 13.91
N ASP D 262 5.87 -18.56 14.59
CA ASP D 262 4.89 -19.48 14.05
C ASP D 262 3.61 -19.26 14.86
N LEU D 263 2.71 -18.43 14.34
CA LEU D 263 1.46 -18.05 15.03
C LEU D 263 0.22 -18.81 14.54
N PRO D 264 -0.77 -19.04 15.44
CA PRO D 264 -2.02 -19.61 14.94
C PRO D 264 -2.58 -18.82 13.76
N LEU D 265 -3.07 -19.57 12.78
CA LEU D 265 -3.80 -18.99 11.67
C LEU D 265 -5.29 -19.33 11.85
N LYS D 266 -6.07 -18.38 12.37
CA LYS D 266 -7.52 -18.59 12.51
C LYS D 266 -8.23 -18.33 11.17
N GLN D 267 -7.91 -17.20 10.52
CA GLN D 267 -8.43 -16.92 9.17
C GLN D 267 -7.39 -16.20 8.34
N LYS D 268 -7.32 -16.51 7.06
CA LYS D 268 -6.38 -15.85 6.17
C LYS D 268 -7.08 -14.61 5.57
N THR D 269 -6.43 -13.44 5.66
CA THR D 269 -7.08 -12.19 5.30
C THR D 269 -6.10 -11.18 4.77
N ASP D 270 -6.44 -10.55 3.67
CA ASP D 270 -5.62 -9.52 3.07
C ASP D 270 -5.25 -8.44 4.08
N LEU D 271 -4.27 -7.63 3.73
CA LEU D 271 -3.81 -6.59 4.62
C LEU D 271 -4.91 -5.54 4.69
N GLU D 272 -5.34 -5.21 5.92
CA GLU D 272 -6.38 -4.18 6.17
C GLU D 272 -5.94 -3.13 7.15
N TYR D 273 -6.60 -1.97 7.10
CA TYR D 273 -6.44 -1.00 8.17
C TYR D 273 -7.17 -1.54 9.41
N ASP D 274 -6.67 -1.19 10.60
CA ASP D 274 -7.30 -1.64 11.81
C ASP D 274 -8.43 -0.66 12.09
N LYS D 275 -9.64 -1.14 12.38
CA LYS D 275 -10.79 -0.25 12.57
C LYS D 275 -10.58 0.75 13.71
N ASP D 276 -10.21 0.24 14.90
CA ASP D 276 -9.92 1.15 16.01
C ASP D 276 -8.92 2.24 15.61
N TRP D 277 -7.91 1.88 14.82
CA TRP D 277 -6.90 2.84 14.48
C TRP D 277 -7.50 3.91 13.59
N VAL D 278 -8.32 3.47 12.64
CA VAL D 278 -8.91 4.39 11.67
C VAL D 278 -9.76 5.40 12.44
N CYS D 279 -10.53 4.88 13.40
CA CYS D 279 -11.34 5.78 14.27
C CYS D 279 -10.47 6.84 14.96
N ASN D 280 -9.36 6.39 15.53
CA ASN D 280 -8.40 7.31 16.14
C ASN D 280 -7.92 8.33 15.18
N LEU D 281 -7.57 7.86 13.99
CA LEU D 281 -6.94 8.74 12.99
C LEU D 281 -7.93 9.86 12.58
N ILE D 282 -9.19 9.51 12.41
CA ILE D 282 -10.20 10.52 12.02
C ILE D 282 -10.59 11.42 13.21
N MET D 283 -10.73 10.83 14.38
CA MET D 283 -11.14 11.65 15.53
C MET D 283 -10.05 12.66 15.92
N THR D 284 -8.83 12.47 15.46
CA THR D 284 -7.78 13.42 15.81
C THR D 284 -7.46 14.43 14.72
N TRP D 285 -8.24 14.39 13.64
CA TRP D 285 -8.04 15.28 12.52
C TRP D 285 -7.77 16.74 12.91
N PRO D 286 -8.53 17.26 13.89
CA PRO D 286 -8.34 18.70 14.18
C PRO D 286 -6.91 19.05 14.65
N ALA D 287 -6.18 18.06 15.19
CA ALA D 287 -4.84 18.29 15.69
C ALA D 287 -3.87 18.23 14.52
N PHE D 288 -4.33 17.65 13.42
CA PHE D 288 -3.49 17.49 12.25
C PHE D 288 -3.92 18.33 11.06
N SER D 289 -4.81 19.30 11.28
CA SER D 289 -5.45 20.03 10.18
C SER D 289 -4.54 21.00 9.47
N ASN D 290 -3.47 21.42 10.11
CA ASN D 290 -2.55 22.30 9.43
C ASN D 290 -1.42 21.57 8.67
N LYS D 291 -1.51 21.50 7.35
CA LYS D 291 -0.63 20.61 6.58
C LYS D 291 0.85 20.98 6.62
N ALA D 292 1.16 22.21 7.05
CA ALA D 292 2.52 22.72 7.04
C ALA D 292 3.25 22.43 8.34
N GLN D 293 2.48 22.21 9.41
CA GLN D 293 3.06 21.93 10.72
C GLN D 293 2.11 21.10 11.57
N PHE D 294 2.53 19.88 11.92
CA PHE D 294 1.65 18.99 12.67
C PHE D 294 2.45 18.00 13.51
N PRO D 295 1.82 17.48 14.57
CA PRO D 295 0.46 17.89 14.97
C PRO D 295 0.51 19.23 15.71
N ASP D 296 -0.65 19.83 15.94
CA ASP D 296 -0.72 21.03 16.76
C ASP D 296 -1.16 20.63 18.17
N LEU D 297 -0.23 20.69 19.12
CA LEU D 297 -0.53 20.11 20.43
C LEU D 297 -1.24 21.04 21.41
N SER D 298 -1.57 22.25 20.94
CA SER D 298 -2.58 23.06 21.60
C SER D 298 -3.80 22.14 21.77
N TYR D 299 -4.13 21.35 20.74
CA TYR D 299 -5.13 20.30 20.93
C TYR D 299 -4.60 19.17 21.80
N SER D 300 -5.49 18.62 22.62
CA SER D 300 -5.20 17.43 23.40
C SER D 300 -5.66 16.22 22.60
N ILE D 301 -4.70 15.36 22.25
CA ILE D 301 -5.00 14.12 21.55
C ILE D 301 -5.88 13.24 22.41
N SER D 302 -5.55 13.14 23.69
N SER D 302 -5.64 13.03 23.69
CA SER D 302 -6.37 12.33 24.55
CA SER D 302 -6.55 12.24 24.52
C SER D 302 -7.83 12.84 24.63
C SER D 302 -7.94 12.83 24.65
N GLU D 303 -8.00 14.16 24.71
CA GLU D 303 -9.36 14.75 24.75
C GLU D 303 -10.10 14.50 23.42
N LEU D 304 -9.44 14.76 22.30
CA LEU D 304 -10.03 14.40 21.02
C LEU D 304 -10.48 12.94 20.99
N LEU D 305 -9.64 12.02 21.49
CA LEU D 305 -10.01 10.59 21.46
C LEU D 305 -11.07 10.24 22.45
N SER D 306 -11.21 11.02 23.53
CA SER D 306 -12.24 10.78 24.53
C SER D 306 -13.63 10.79 23.89
N LYS D 307 -13.75 11.43 22.75
CA LYS D 307 -15.07 11.56 22.15
C LYS D 307 -15.49 10.44 21.24
N ARG D 308 -14.72 9.36 21.13
CA ARG D 308 -15.18 8.24 20.29
C ARG D 308 -16.46 7.65 20.91
N THR D 309 -17.39 7.23 20.05
CA THR D 309 -18.56 6.47 20.48
C THR D 309 -18.80 5.28 19.56
N LYS D 310 -19.63 4.36 20.02
CA LYS D 310 -19.99 3.18 19.24
C LYS D 310 -20.60 3.68 17.93
N GLU D 311 -21.46 4.67 18.03
CA GLU D 311 -22.18 5.09 16.86
C GLU D 311 -21.27 5.87 15.93
N LEU D 312 -20.49 6.80 16.47
CA LEU D 312 -19.53 7.50 15.61
C LEU D 312 -18.53 6.51 14.96
N ASP D 313 -17.98 5.59 15.74
CA ASP D 313 -17.02 4.64 15.17
C ASP D 313 -17.62 3.94 13.95
N LYS D 314 -18.88 3.57 14.06
CA LYS D 314 -19.57 2.80 13.03
C LYS D 314 -19.67 3.64 11.75
N LYS D 315 -20.04 4.90 11.93
CA LYS D 315 -20.14 5.79 10.80
C LYS D 315 -18.75 6.01 10.20
N ILE D 316 -17.75 6.23 11.05
CA ILE D 316 -16.37 6.37 10.54
C ILE D 316 -15.96 5.19 9.64
N ILE D 317 -16.14 3.98 10.11
CA ILE D 317 -15.72 2.79 9.35
C ILE D 317 -16.50 2.73 8.02
N GLU D 318 -17.78 3.09 8.09
CA GLU D 318 -18.59 3.08 6.89
C GLU D 318 -18.02 4.07 5.88
N LEU D 319 -17.67 5.28 6.30
CA LEU D 319 -17.18 6.25 5.33
C LEU D 319 -15.77 5.84 4.85
N TRP D 320 -14.96 5.28 5.74
CA TRP D 320 -13.65 4.88 5.32
C TRP D 320 -13.77 3.74 4.28
N GLU D 321 -14.71 2.85 4.48
CA GLU D 321 -14.86 1.78 3.54
C GLU D 321 -15.32 2.40 2.20
N LYS D 322 -16.14 3.43 2.27
CA LYS D 322 -16.64 4.04 1.05
C LYS D 322 -15.50 4.76 0.31
N TYR D 323 -14.81 5.71 0.96
CA TYR D 323 -13.76 6.51 0.28
C TYR D 323 -12.43 5.79 0.03
N ILE D 324 -12.02 4.99 0.99
CA ILE D 324 -10.65 4.45 0.98
C ILE D 324 -10.66 2.95 0.77
N GLY D 325 -11.54 2.27 1.50
CA GLY D 325 -11.59 0.82 1.53
C GLY D 325 -10.84 0.34 2.75
N LEU D 326 -11.29 -0.79 3.32
CA LEU D 326 -10.60 -1.40 4.48
C LEU D 326 -9.34 -2.18 4.09
N LYS D 327 -9.34 -2.73 2.87
CA LYS D 327 -8.12 -3.33 2.31
C LYS D 327 -7.10 -2.22 2.01
N ILE D 328 -5.84 -2.44 2.38
CA ILE D 328 -4.80 -1.48 2.05
C ILE D 328 -4.34 -1.90 0.66
N ILE D 329 -4.52 -1.03 -0.33
CA ILE D 329 -4.27 -1.40 -1.71
C ILE D 329 -3.10 -0.59 -2.27
N TYR D 330 -2.40 -1.22 -3.21
CA TYR D 330 -1.26 -0.55 -3.81
C TYR D 330 -1.70 0.60 -4.70
N ASP D 331 -0.97 1.71 -4.56
CA ASP D 331 -1.28 2.99 -5.18
C ASP D 331 0.07 3.47 -5.68
N SER D 332 0.20 3.87 -6.96
CA SER D 332 1.52 4.28 -7.48
C SER D 332 1.62 5.76 -7.76
N ASP D 333 0.72 6.56 -7.19
CA ASP D 333 0.84 8.02 -7.30
C ASP D 333 2.09 8.40 -6.52
N THR D 334 2.70 9.55 -6.84
CA THR D 334 3.85 10.07 -6.11
C THR D 334 3.49 10.23 -4.64
N PHE D 335 4.50 10.15 -3.75
CA PHE D 335 4.29 10.23 -2.32
C PHE D 335 3.68 11.55 -1.83
N ASP D 336 4.09 12.65 -2.43
CA ASP D 336 3.49 13.93 -2.09
C ASP D 336 2.00 13.97 -2.43
N ILE D 337 1.58 13.21 -3.44
CA ILE D 337 0.17 13.22 -3.86
C ILE D 337 -0.53 12.30 -2.91
N GLN D 338 0.12 11.20 -2.57
CA GLN D 338 -0.52 10.31 -1.62
C GLN D 338 -0.78 11.00 -0.28
N PHE D 339 0.16 11.88 0.12
CA PHE D 339 0.03 12.67 1.34
C PHE D 339 -1.27 13.43 1.29
N THR D 340 -1.46 14.17 0.18
CA THR D 340 -2.59 15.07 0.08
C THR D 340 -3.91 14.29 -0.01
N SER D 341 -3.90 13.21 -0.77
CA SER D 341 -5.11 12.41 -0.93
C SER D 341 -5.61 11.83 0.42
N ARG D 342 -4.71 11.21 1.17
CA ARG D 342 -5.14 10.54 2.39
C ARG D 342 -5.63 11.56 3.41
N ARG D 343 -4.91 12.69 3.52
CA ARG D 343 -5.41 13.80 4.38
C ARG D 343 -6.76 14.37 3.90
N PHE D 344 -6.99 14.34 2.60
CA PHE D 344 -8.25 14.86 2.08
C PHE D 344 -9.41 14.00 2.62
N TYR D 345 -9.24 12.68 2.55
CA TYR D 345 -10.27 11.78 3.02
C TYR D 345 -10.46 11.77 4.52
N ILE D 346 -9.36 11.97 5.26
CA ILE D 346 -9.47 11.95 6.73
C ILE D 346 -10.32 13.18 7.09
N GLU D 347 -9.96 14.33 6.53
CA GLU D 347 -10.71 15.56 6.76
C GLU D 347 -12.20 15.49 6.35
N LYS D 348 -12.46 14.87 5.20
CA LYS D 348 -13.82 14.68 4.69
C LYS D 348 -14.69 13.80 5.58
N ILE D 349 -14.14 12.65 5.95
CA ILE D 349 -14.84 11.78 6.91
C ILE D 349 -15.14 12.52 8.26
N TYR D 350 -14.13 13.18 8.82
CA TYR D 350 -14.28 13.89 10.11
C TYR D 350 -15.41 14.95 9.98
N ASN D 351 -15.36 15.73 8.90
CA ASN D 351 -16.42 16.72 8.64
C ASN D 351 -17.79 16.07 8.51
N GLU D 352 -17.85 14.88 7.94
CA GLU D 352 -19.14 14.26 7.75
C GLU D 352 -19.81 13.76 9.05
N LEU D 353 -19.02 13.57 10.10
CA LEU D 353 -19.55 13.18 11.41
C LEU D 353 -20.37 14.29 12.07
N ASN D 354 -20.13 15.52 11.65
CA ASN D 354 -20.81 16.68 12.21
C ASN D 354 -20.69 16.74 13.74
N ILE D 355 -19.62 17.35 14.22
CA ILE D 355 -19.41 17.45 15.67
C ILE D 355 -18.64 18.71 16.06
N GLN G 7 -10.07 -15.98 53.97
CA GLN G 7 -11.27 -15.42 54.58
C GLN G 7 -11.82 -14.19 53.83
N ILE G 8 -12.84 -13.56 54.44
CA ILE G 8 -13.69 -12.63 53.72
C ILE G 8 -13.85 -11.31 54.45
N GLN G 9 -13.85 -10.22 53.68
CA GLN G 9 -14.20 -8.90 54.22
C GLN G 9 -15.58 -8.55 53.69
N HIS G 10 -16.38 -7.90 54.52
CA HIS G 10 -17.68 -7.46 54.07
C HIS G 10 -17.70 -5.95 53.95
N ILE G 11 -17.89 -5.46 52.73
CA ILE G 11 -17.81 -4.05 52.51
C ILE G 11 -19.21 -3.54 52.21
N ALA G 12 -19.68 -2.54 52.95
CA ALA G 12 -20.97 -1.97 52.67
C ALA G 12 -20.84 -0.96 51.52
N ILE G 13 -21.73 -1.10 50.54
CA ILE G 13 -21.72 -0.18 49.42
C ILE G 13 -23.03 0.62 49.42
N VAL G 14 -22.91 1.93 49.29
CA VAL G 14 -24.06 2.80 49.44
C VAL G 14 -24.18 3.71 48.24
N GLY G 15 -25.40 3.85 47.73
CA GLY G 15 -25.62 4.66 46.57
C GLY G 15 -25.39 6.14 46.87
N SER G 16 -26.39 6.78 47.44
CA SER G 16 -26.45 8.24 47.55
C SER G 16 -26.98 8.57 48.96
N VAL G 17 -26.21 9.35 49.71
CA VAL G 17 -26.47 9.54 51.14
C VAL G 17 -27.46 10.66 51.43
N HIS G 18 -27.25 11.81 50.80
CA HIS G 18 -28.22 12.88 50.90
C HIS G 18 -28.42 13.41 52.29
N GLY G 19 -27.32 13.56 52.99
CA GLY G 19 -27.33 14.16 54.31
C GLY G 19 -28.04 13.34 55.37
N LYS G 20 -28.33 12.08 55.08
CA LYS G 20 -29.00 11.23 56.03
C LYS G 20 -28.04 10.23 56.70
N TYR G 21 -27.00 10.75 57.34
CA TYR G 21 -25.97 9.87 57.88
C TYR G 21 -26.45 9.03 59.05
N ARG G 22 -27.22 9.63 59.95
CA ARG G 22 -27.67 8.84 61.11
C ARG G 22 -28.44 7.61 60.65
N GLU G 23 -29.33 7.83 59.70
CA GLU G 23 -30.18 6.75 59.19
CA GLU G 23 -30.17 6.77 59.15
C GLU G 23 -29.33 5.69 58.49
N MET G 24 -28.30 6.12 57.76
CA MET G 24 -27.42 5.17 57.06
C MET G 24 -26.70 4.27 58.05
N TYR G 25 -26.15 4.89 59.10
CA TYR G 25 -25.32 4.17 60.06
C TYR G 25 -26.24 3.28 60.90
N ARG G 26 -27.46 3.77 61.14
CA ARG G 26 -28.49 2.94 61.77
C ARG G 26 -28.68 1.68 60.94
N GLN G 27 -28.93 1.80 59.62
CA GLN G 27 -29.10 0.59 58.82
C GLN G 27 -27.90 -0.33 58.82
N LEU G 28 -26.70 0.25 58.64
CA LEU G 28 -25.49 -0.58 58.68
C LEU G 28 -25.34 -1.38 59.98
N SER G 29 -25.57 -0.72 61.14
CA SER G 29 -25.45 -1.43 62.42
C SER G 29 -26.49 -2.53 62.51
N GLU G 30 -27.65 -2.25 61.95
CA GLU G 30 -28.70 -3.26 61.95
C GLU G 30 -28.24 -4.46 61.18
N TYR G 31 -27.56 -4.24 60.06
CA TYR G 31 -27.10 -5.39 59.29
C TYR G 31 -26.11 -6.28 60.07
N GLU G 32 -25.16 -5.63 60.76
CA GLU G 32 -24.20 -6.34 61.59
C GLU G 32 -24.96 -7.15 62.66
N LYS G 33 -25.83 -6.46 63.40
CA LYS G 33 -26.57 -7.10 64.46
C LYS G 33 -27.36 -8.30 63.96
N SER G 34 -27.98 -8.13 62.80
CA SER G 34 -28.94 -9.11 62.28
C SER G 34 -28.25 -10.32 61.65
N THR G 35 -27.15 -10.07 60.95
CA THR G 35 -26.45 -11.10 60.21
C THR G 35 -25.24 -11.60 60.97
N GLY G 36 -24.82 -10.86 61.99
CA GLY G 36 -23.64 -11.22 62.76
C GLY G 36 -22.33 -10.95 62.01
N LYS G 37 -22.42 -10.46 60.78
CA LYS G 37 -21.22 -10.07 60.00
C LYS G 37 -20.56 -8.79 60.49
N GLU G 38 -19.25 -8.72 60.35
CA GLU G 38 -18.60 -7.49 60.67
C GLU G 38 -18.39 -6.68 59.38
N ILE G 39 -18.77 -5.41 59.42
CA ILE G 39 -18.50 -4.56 58.26
C ILE G 39 -17.03 -4.11 58.30
N SER G 40 -16.28 -4.18 57.17
CA SER G 40 -14.87 -3.77 57.22
C SER G 40 -14.79 -2.27 57.06
N PHE G 41 -15.53 -1.79 56.09
CA PHE G 41 -15.64 -0.38 55.85
C PHE G 41 -16.81 -0.12 54.87
N VAL G 42 -17.06 1.16 54.61
CA VAL G 42 -18.23 1.57 53.89
C VAL G 42 -17.76 2.43 52.72
N ILE G 43 -18.32 2.18 51.54
CA ILE G 43 -18.09 3.01 50.37
C ILE G 43 -19.40 3.71 50.01
N CYS G 44 -19.37 5.05 49.81
CA CYS G 44 -20.55 5.82 49.42
C CYS G 44 -20.29 6.49 48.09
N THR G 45 -21.24 6.39 47.16
CA THR G 45 -21.03 6.92 45.84
C THR G 45 -21.68 8.27 45.52
N GLY G 46 -21.68 9.19 46.49
CA GLY G 46 -21.95 10.58 46.14
C GLY G 46 -23.20 11.19 46.77
N ASP G 47 -23.46 12.44 46.41
CA ASP G 47 -24.47 13.31 47.01
C ASP G 47 -24.39 13.26 48.51
N MET G 48 -23.18 13.55 49.00
CA MET G 48 -22.81 13.41 50.41
C MET G 48 -23.26 14.62 51.28
N GLN G 49 -23.39 15.78 50.64
CA GLN G 49 -23.97 16.95 51.30
C GLN G 49 -23.21 17.29 52.61
N THR G 50 -21.89 17.45 52.51
CA THR G 50 -21.08 17.63 53.70
C THR G 50 -21.01 19.08 54.13
N LEU G 51 -22.17 19.66 54.44
CA LEU G 51 -22.25 21.07 54.81
C LEU G 51 -21.84 21.19 56.26
N ARG G 52 -20.76 21.91 56.52
CA ARG G 52 -20.24 22.09 57.88
C ARG G 52 -21.15 22.96 58.74
N TYR G 53 -21.62 24.06 58.18
CA TYR G 53 -22.44 24.99 58.98
C TYR G 53 -23.35 25.71 57.97
N GLU G 54 -24.22 26.62 58.44
CA GLU G 54 -25.31 27.19 57.60
C GLU G 54 -24.72 27.89 56.40
N ALA G 55 -23.61 28.57 56.60
CA ALA G 55 -23.04 29.33 55.48
C ALA G 55 -22.76 28.49 54.23
N ASP G 56 -22.54 27.19 54.42
CA ASP G 56 -22.17 26.31 53.30
C ASP G 56 -23.36 26.04 52.38
N LEU G 57 -24.58 26.28 52.85
CA LEU G 57 -25.76 26.11 51.98
C LEU G 57 -25.66 26.90 50.65
N VAL G 58 -24.92 27.99 50.66
CA VAL G 58 -24.61 28.68 49.42
C VAL G 58 -23.99 27.76 48.37
N TYR G 59 -23.34 26.67 48.79
CA TYR G 59 -22.62 25.86 47.81
C TYR G 59 -23.38 24.61 47.35
N LEU G 60 -24.61 24.47 47.84
CA LEU G 60 -25.42 23.28 47.57
C LEU G 60 -26.37 23.63 46.44
N LYS G 61 -26.25 22.94 45.30
CA LYS G 61 -26.94 23.34 44.06
C LYS G 61 -28.31 22.64 44.03
N VAL G 62 -29.35 23.35 44.45
CA VAL G 62 -30.71 22.80 44.56
C VAL G 62 -31.72 23.95 44.54
N PRO G 63 -32.98 23.64 44.20
CA PRO G 63 -34.00 24.69 44.31
C PRO G 63 -34.31 24.89 45.79
N PRO G 64 -34.93 26.03 46.12
CA PRO G 64 -35.13 26.43 47.51
C PRO G 64 -35.67 25.32 48.42
N LYS G 65 -36.55 24.50 47.87
CA LYS G 65 -37.22 23.43 48.56
C LYS G 65 -36.26 22.42 49.24
N TYR G 66 -35.08 22.23 48.66
CA TYR G 66 -34.14 21.26 49.25
C TYR G 66 -32.89 21.95 49.87
N LYS G 67 -33.00 23.23 50.22
CA LYS G 67 -31.92 23.94 50.94
C LYS G 67 -31.99 23.61 52.41
N GLN G 68 -31.35 22.48 52.77
CA GLN G 68 -31.43 21.87 54.08
C GLN G 68 -30.06 21.37 54.51
N MET G 69 -29.74 21.56 55.79
CA MET G 69 -28.46 21.08 56.34
C MET G 69 -28.20 19.55 56.32
N GLY G 70 -29.23 18.72 56.56
CA GLY G 70 -29.00 17.30 56.76
C GLY G 70 -28.22 17.06 58.06
N ASP G 71 -27.65 15.87 58.16
CA ASP G 71 -27.04 15.31 59.38
C ASP G 71 -25.56 15.61 59.50
N PHE G 72 -24.92 15.97 58.39
CA PHE G 72 -23.43 16.02 58.37
C PHE G 72 -22.85 16.87 59.50
N HIS G 73 -23.43 18.05 59.72
CA HIS G 73 -22.87 18.97 60.68
C HIS G 73 -22.74 18.35 62.08
N LEU G 74 -23.56 17.34 62.40
CA LEU G 74 -23.48 16.68 63.70
C LEU G 74 -22.15 15.91 63.77
N TYR G 75 -21.77 15.32 62.66
CA TYR G 75 -20.56 14.54 62.63
C TYR G 75 -19.36 15.47 62.66
N TYR G 76 -19.45 16.54 61.84
CA TYR G 76 -18.44 17.58 61.77
C TYR G 76 -18.19 18.16 63.17
N GLU G 77 -19.27 18.34 63.93
CA GLU G 77 -19.26 18.96 65.24
C GLU G 77 -18.81 17.96 66.31
N GLY G 78 -18.82 16.69 65.97
CA GLY G 78 -18.52 15.63 66.95
C GLY G 78 -19.70 15.20 67.84
N LYS G 79 -20.88 15.76 67.55
CA LYS G 79 -22.08 15.37 68.24
C LYS G 79 -22.39 13.91 67.91
N GLU G 80 -22.18 13.54 66.64
CA GLU G 80 -22.28 12.13 66.27
C GLU G 80 -20.90 11.64 65.82
N LYS G 81 -20.74 10.32 65.77
CA LYS G 81 -19.45 9.73 65.43
C LYS G 81 -19.66 8.51 64.52
N ALA G 82 -19.14 8.59 63.31
CA ALA G 82 -19.27 7.49 62.35
C ALA G 82 -18.67 6.23 62.90
N PRO G 83 -19.46 5.16 62.96
CA PRO G 83 -18.96 3.89 63.52
C PRO G 83 -18.07 3.10 62.58
N TYR G 84 -17.98 3.50 61.31
CA TYR G 84 -17.17 2.75 60.35
C TYR G 84 -16.43 3.72 59.45
N LEU G 85 -15.22 3.33 59.06
CA LEU G 85 -14.51 4.10 58.05
C LEU G 85 -15.35 4.10 56.76
N THR G 86 -15.59 5.32 56.28
CA THR G 86 -16.50 5.54 55.17
C THR G 86 -15.75 6.34 54.11
N LEU G 87 -15.65 5.74 52.93
CA LEU G 87 -14.87 6.33 51.86
C LEU G 87 -15.87 6.77 50.82
N PHE G 88 -15.65 7.90 50.17
CA PHE G 88 -16.67 8.40 49.28
C PHE G 88 -16.13 9.35 48.20
N ILE G 89 -16.90 9.44 47.11
CA ILE G 89 -16.71 10.46 46.06
C ILE G 89 -17.83 11.48 46.09
N GLY G 90 -17.68 12.54 45.32
CA GLY G 90 -18.62 13.65 45.28
C GLY G 90 -19.63 13.37 44.18
N GLY G 91 -20.86 13.83 44.39
CA GLY G 91 -21.91 13.70 43.39
C GLY G 91 -22.31 15.09 42.88
N ASN G 92 -23.62 15.29 42.72
CA ASN G 92 -24.14 16.56 42.22
C ASN G 92 -24.78 17.41 43.31
N HIS G 93 -24.99 16.81 44.47
CA HIS G 93 -25.69 17.42 45.60
C HIS G 93 -24.65 17.51 46.71
N GLU G 94 -23.80 18.53 46.71
CA GLU G 94 -22.65 18.56 47.62
C GLU G 94 -22.43 19.94 48.17
N SER G 95 -21.72 20.01 49.30
CA SER G 95 -21.12 21.28 49.72
C SER G 95 -19.84 21.46 48.87
N SER G 96 -19.99 22.01 47.66
CA SER G 96 -18.93 21.93 46.66
C SER G 96 -17.67 22.71 47.03
N ASN G 97 -17.83 23.77 47.82
CA ASN G 97 -16.66 24.47 48.38
C ASN G 97 -15.75 23.53 49.20
N VAL G 98 -16.36 22.74 50.08
CA VAL G 98 -15.61 21.81 50.93
C VAL G 98 -14.82 20.85 50.05
N LEU G 99 -15.50 20.30 49.06
CA LEU G 99 -14.86 19.30 48.21
C LEU G 99 -13.72 19.91 47.38
N LEU G 100 -13.85 21.18 47.03
CA LEU G 100 -12.82 21.86 46.26
C LEU G 100 -11.57 22.12 47.11
N HIS G 101 -11.73 22.58 48.37
CA HIS G 101 -10.60 22.67 49.32
C HIS G 101 -9.92 21.30 49.43
N LEU G 102 -10.75 20.26 49.38
CA LEU G 102 -10.24 18.91 49.54
C LEU G 102 -10.08 18.17 48.21
N TYR G 103 -9.69 18.89 47.14
CA TYR G 103 -9.67 18.27 45.81
C TYR G 103 -8.58 17.19 45.74
N ASN G 104 -7.55 17.29 46.61
CA ASN G 104 -6.54 16.22 46.67
C ASN G 104 -6.89 15.20 47.74
N GLY G 105 -8.19 15.14 48.04
CA GLY G 105 -8.68 14.18 49.01
C GLY G 105 -8.59 14.72 50.41
N GLY G 106 -9.26 14.06 51.37
CA GLY G 106 -9.16 14.52 52.76
C GLY G 106 -10.29 13.99 53.65
N PHE G 107 -10.04 13.90 54.95
CA PHE G 107 -11.13 13.61 55.89
C PHE G 107 -12.00 14.87 56.10
N VAL G 108 -13.32 14.75 55.88
CA VAL G 108 -14.21 15.82 56.22
C VAL G 108 -14.57 15.74 57.72
N CYS G 109 -14.35 14.59 58.35
CA CYS G 109 -14.52 14.47 59.79
C CYS G 109 -14.04 13.10 60.09
N PHE G 110 -14.03 12.73 61.37
CA PHE G 110 -13.55 11.43 61.80
C PHE G 110 -14.29 10.32 61.02
N ASN G 111 -13.50 9.43 60.47
CA ASN G 111 -14.01 8.28 59.77
C ASN G 111 -14.72 8.51 58.42
N MET G 112 -14.70 9.73 57.88
CA MET G 112 -15.24 9.99 56.53
C MET G 112 -14.17 10.62 55.65
N TYR G 113 -13.71 9.85 54.67
CA TYR G 113 -12.60 10.24 53.79
C TYR G 113 -13.12 10.43 52.34
N TYR G 114 -12.95 11.63 51.83
CA TYR G 114 -13.26 11.97 50.44
C TYR G 114 -12.03 11.73 49.54
N LEU G 115 -12.24 11.02 48.43
CA LEU G 115 -11.12 10.66 47.54
C LEU G 115 -10.67 11.81 46.64
N GLY G 116 -11.35 12.97 46.74
CA GLY G 116 -10.94 14.15 45.99
C GLY G 116 -11.58 14.14 44.61
N VAL G 117 -11.14 15.05 43.76
CA VAL G 117 -11.61 15.04 42.38
C VAL G 117 -11.53 13.64 41.75
N CYS G 118 -10.41 12.96 41.97
CA CYS G 118 -10.23 11.58 41.59
C CYS G 118 -8.95 11.15 42.30
N SER G 119 -8.84 9.84 42.60
CA SER G 119 -7.60 9.25 43.10
C SER G 119 -7.75 7.74 43.17
N CYS G 120 -6.69 7.05 43.56
CA CYS G 120 -6.82 5.64 43.87
C CYS G 120 -6.33 5.46 45.31
N ILE G 121 -7.03 4.69 46.13
CA ILE G 121 -6.51 4.36 47.49
C ILE G 121 -6.30 2.86 47.64
N ASN G 122 -5.67 2.47 48.73
CA ASN G 122 -5.50 1.07 49.05
C ASN G 122 -6.12 0.78 50.39
N ILE G 123 -6.73 -0.37 50.54
CA ILE G 123 -7.16 -0.80 51.85
C ILE G 123 -7.44 -2.27 51.77
N ASN G 124 -7.03 -3.00 52.80
CA ASN G 124 -7.18 -4.44 52.79
C ASN G 124 -6.77 -5.15 51.50
N GLY G 125 -5.71 -4.70 50.82
CA GLY G 125 -5.24 -5.41 49.64
C GLY G 125 -6.01 -5.06 48.38
N LEU G 126 -6.92 -4.10 48.50
CA LEU G 126 -7.74 -3.66 47.38
C LEU G 126 -7.23 -2.31 46.84
N ARG G 127 -7.34 -2.09 45.51
CA ARG G 127 -7.03 -0.78 44.95
C ARG G 127 -8.35 -0.17 44.53
N ILE G 128 -8.66 1.02 45.04
CA ILE G 128 -9.99 1.59 44.81
C ILE G 128 -9.86 2.95 44.11
N VAL G 129 -10.48 3.05 42.94
CA VAL G 129 -10.48 4.31 42.22
C VAL G 129 -11.79 5.05 42.43
N GLY G 130 -11.72 6.38 42.45
CA GLY G 130 -12.88 7.25 42.58
C GLY G 130 -12.90 8.37 41.55
N VAL G 131 -14.06 8.60 40.92
CA VAL G 131 -14.23 9.72 39.96
C VAL G 131 -15.42 10.58 40.43
N SER G 132 -15.16 11.80 40.91
CA SER G 132 -16.27 12.60 41.44
C SER G 132 -17.05 13.34 40.34
N GLY G 133 -18.31 13.66 40.68
CA GLY G 133 -19.12 14.60 39.93
C GLY G 133 -20.07 13.90 38.97
N ILE G 134 -20.74 14.72 38.16
CA ILE G 134 -21.56 14.23 37.04
C ILE G 134 -21.19 15.05 35.82
N TYR G 135 -21.55 14.51 34.67
CA TYR G 135 -21.11 15.00 33.38
C TYR G 135 -21.99 16.13 32.84
N LYS G 136 -21.35 17.24 32.50
CA LYS G 136 -22.01 18.24 31.68
C LYS G 136 -21.00 18.71 30.63
N SER G 137 -21.35 18.53 29.36
CA SER G 137 -20.38 18.76 28.31
C SER G 137 -19.87 20.19 28.34
N PHE G 138 -20.74 21.16 28.65
CA PHE G 138 -20.33 22.56 28.59
C PHE G 138 -19.24 22.95 29.61
N ASP G 139 -19.13 22.17 30.69
CA ASP G 139 -18.16 22.45 31.78
C ASP G 139 -16.91 21.56 31.78
N GLU G 140 -16.89 20.61 30.84
CA GLU G 140 -15.87 19.58 30.72
C GLU G 140 -14.42 20.05 30.70
N LYS G 141 -14.21 21.19 30.04
CA LYS G 141 -12.87 21.77 29.85
C LYS G 141 -12.62 22.97 30.73
N LYS G 142 -13.53 23.26 31.63
CA LYS G 142 -13.41 24.40 32.54
C LYS G 142 -12.45 24.07 33.70
N PRO G 143 -11.53 25.01 34.00
CA PRO G 143 -10.64 24.80 35.15
C PRO G 143 -11.45 24.95 36.45
N TYR G 144 -10.83 24.64 37.57
CA TYR G 144 -11.40 24.99 38.85
C TYR G 144 -10.79 26.33 39.20
N THR G 145 -11.61 27.24 39.70
CA THR G 145 -11.04 28.50 40.17
C THR G 145 -11.06 28.49 41.71
N TYR G 146 -9.93 28.89 42.31
CA TYR G 146 -9.77 28.83 43.77
C TYR G 146 -9.33 30.20 44.29
N PRO G 147 -9.82 30.61 45.46
CA PRO G 147 -10.73 29.87 46.36
C PRO G 147 -12.17 29.86 45.80
N PRO G 148 -13.05 29.04 46.40
CA PRO G 148 -14.41 29.00 45.81
C PRO G 148 -15.23 30.28 45.97
N SER G 149 -16.18 30.51 45.05
CA SER G 149 -17.08 31.67 45.08
C SER G 149 -18.44 31.11 44.81
N PRO G 150 -19.47 31.73 45.41
CA PRO G 150 -20.86 31.30 45.31
C PRO G 150 -21.31 31.16 43.88
N ASN G 151 -20.82 32.01 42.96
CA ASN G 151 -21.21 31.86 41.57
C ASN G 151 -20.85 30.51 40.96
N ASP G 152 -19.89 29.81 41.54
CA ASP G 152 -19.52 28.51 40.98
C ASP G 152 -20.39 27.34 41.52
N VAL G 153 -21.45 27.68 42.28
CA VAL G 153 -22.36 26.66 42.81
C VAL G 153 -22.74 25.69 41.70
N VAL G 154 -22.96 26.27 40.52
CA VAL G 154 -23.59 25.51 39.42
C VAL G 154 -22.62 24.72 38.58
N SER G 155 -21.31 24.96 38.70
CA SER G 155 -20.36 24.22 37.90
C SER G 155 -19.34 23.33 38.68
N LEU G 156 -19.13 23.63 39.96
CA LEU G 156 -18.05 22.93 40.70
C LEU G 156 -18.17 21.41 40.61
N PHE G 157 -19.40 20.90 40.65
CA PHE G 157 -19.61 19.47 40.68
C PHE G 157 -19.61 18.76 39.32
N HIS G 158 -19.24 19.45 38.26
CA HIS G 158 -19.18 18.80 36.94
C HIS G 158 -17.83 18.16 36.67
N THR G 159 -17.85 16.86 36.34
CA THR G 159 -16.62 16.07 36.12
C THR G 159 -15.85 16.69 34.95
N ARG G 160 -14.55 16.89 35.17
CA ARG G 160 -13.65 17.43 34.14
C ARG G 160 -13.03 16.30 33.32
N ASN G 161 -12.89 16.56 32.04
CA ASN G 161 -12.29 15.63 31.10
C ASN G 161 -10.87 15.14 31.51
N TYR G 162 -10.08 16.03 32.13
CA TYR G 162 -8.67 15.70 32.47
C TYR G 162 -8.50 14.52 33.42
N VAL G 163 -9.53 14.21 34.19
CA VAL G 163 -9.46 13.08 35.10
C VAL G 163 -9.19 11.81 34.31
N ILE G 164 -9.61 11.75 33.04
CA ILE G 164 -9.30 10.54 32.31
C ILE G 164 -7.77 10.33 32.22
N GLN G 165 -7.03 11.39 31.89
CA GLN G 165 -5.54 11.28 31.84
C GLN G 165 -4.88 10.95 33.22
N MET G 166 -5.42 11.52 34.29
CA MET G 166 -4.89 11.30 35.65
C MET G 166 -5.03 9.86 36.07
N LEU G 167 -6.10 9.20 35.59
CA LEU G 167 -6.39 7.86 36.04
C LEU G 167 -5.99 6.79 35.05
N SER G 168 -5.74 7.13 33.78
CA SER G 168 -5.70 6.06 32.77
C SER G 168 -4.59 5.01 32.92
N ASN G 169 -3.46 5.32 33.56
CA ASN G 169 -2.37 4.32 33.66
C ASN G 169 -2.48 3.37 34.88
N LEU G 170 -3.48 3.63 35.75
CA LEU G 170 -3.54 3.00 37.08
C LEU G 170 -3.78 1.48 37.15
N SER G 171 -4.15 0.86 36.04
N SER G 171 -4.18 0.86 36.04
CA SER G 171 -4.32 -0.59 36.00
CA SER G 171 -4.33 -0.59 35.98
C SER G 171 -3.10 -1.30 35.37
C SER G 171 -3.10 -1.30 35.40
N GLN G 172 -2.03 -0.55 35.14
CA GLN G 172 -0.82 -1.13 34.54
C GLN G 172 -0.07 -2.07 35.45
N SER G 173 0.17 -1.70 36.71
CA SER G 173 0.93 -2.60 37.55
C SER G 173 0.07 -3.74 38.09
N SER G 174 -1.23 -3.49 38.27
CA SER G 174 -2.17 -4.52 38.69
C SER G 174 -3.58 -3.99 38.48
N GLN G 175 -4.58 -4.87 38.57
CA GLN G 175 -5.94 -4.48 38.19
C GLN G 175 -6.51 -3.63 39.32
N ILE G 176 -7.45 -2.76 38.98
CA ILE G 176 -8.18 -1.97 39.96
C ILE G 176 -9.33 -2.87 40.41
N ASP G 177 -9.47 -3.08 41.72
CA ASP G 177 -10.55 -3.87 42.26
C ASP G 177 -11.92 -3.22 42.11
N ILE G 178 -12.01 -1.94 42.48
CA ILE G 178 -13.28 -1.22 42.49
C ILE G 178 -13.03 0.17 42.02
N SER G 179 -13.91 0.67 41.15
CA SER G 179 -13.93 2.08 40.78
C SER G 179 -15.32 2.61 41.15
N LEU G 180 -15.38 3.87 41.56
CA LEU G 180 -16.58 4.53 42.08
C LEU G 180 -16.85 5.76 41.23
N SER G 181 -18.11 5.98 40.84
CA SER G 181 -18.48 7.27 40.26
C SER G 181 -19.90 7.57 40.69
N HIS G 182 -20.33 8.78 40.40
CA HIS G 182 -21.67 9.18 40.80
C HIS G 182 -22.65 8.84 39.70
N ASP G 183 -22.56 9.54 38.57
CA ASP G 183 -23.37 9.11 37.40
C ASP G 183 -22.77 7.84 36.74
N TRP G 184 -23.61 7.06 36.06
CA TRP G 184 -23.18 5.83 35.38
C TRP G 184 -22.23 6.05 34.20
N PRO G 185 -21.31 5.08 33.96
CA PRO G 185 -20.53 5.10 32.72
C PRO G 185 -21.53 5.05 31.55
N GLN G 186 -21.37 5.95 30.58
CA GLN G 186 -22.30 6.04 29.44
C GLN G 186 -22.46 4.69 28.74
N GLY G 187 -23.71 4.30 28.49
CA GLY G 187 -23.97 3.05 27.77
C GLY G 187 -24.09 1.78 28.62
N ILE G 188 -23.59 1.80 29.86
CA ILE G 188 -23.60 0.56 30.66
C ILE G 188 -25.04 0.08 30.89
N VAL G 189 -25.99 1.02 30.83
CA VAL G 189 -27.39 0.69 31.04
C VAL G 189 -27.80 -0.49 30.14
N MET G 190 -27.29 -0.47 28.90
CA MET G 190 -27.68 -1.51 27.96
C MET G 190 -27.14 -2.90 28.28
N LYS G 191 -26.18 -2.98 29.21
CA LYS G 191 -25.53 -4.26 29.49
C LYS G 191 -26.16 -5.08 30.63
N GLY G 192 -27.28 -4.64 31.18
CA GLY G 192 -28.00 -5.48 32.14
C GLY G 192 -29.41 -5.73 31.65
N ASN G 193 -30.31 -6.12 32.56
CA ASN G 193 -31.69 -6.34 32.21
C ASN G 193 -32.46 -5.02 32.12
N TYR G 194 -32.22 -4.29 31.04
CA TYR G 194 -32.74 -2.94 30.96
C TYR G 194 -34.27 -2.90 30.83
N LYS G 195 -34.84 -3.92 30.18
CA LYS G 195 -36.31 -3.99 30.08
C LYS G 195 -36.91 -3.89 31.45
N GLN G 196 -36.38 -4.68 32.38
CA GLN G 196 -36.88 -4.65 33.76
C GLN G 196 -36.59 -3.32 34.47
N LEU G 197 -35.42 -2.76 34.19
CA LEU G 197 -35.12 -1.42 34.71
C LEU G 197 -36.20 -0.43 34.29
N TYR G 198 -36.53 -0.42 33.01
CA TYR G 198 -37.52 0.50 32.49
C TYR G 198 -38.94 0.25 33.03
N ARG G 199 -39.30 -1.00 33.29
CA ARG G 199 -40.63 -1.26 33.89
C ARG G 199 -40.76 -0.58 35.24
N PHE G 200 -39.68 -0.59 36.01
CA PHE G 200 -39.72 0.02 37.32
C PHE G 200 -39.32 1.51 37.37
N GLN G 201 -38.65 2.00 36.34
CA GLN G 201 -38.51 3.45 36.19
C GLN G 201 -38.49 3.90 34.74
N PRO G 202 -39.70 4.08 34.14
CA PRO G 202 -39.72 4.46 32.72
C PRO G 202 -38.91 5.73 32.46
N GLY G 203 -38.79 6.60 33.47
CA GLY G 203 -38.01 7.82 33.32
C GLY G 203 -36.61 7.59 32.72
N PHE G 204 -36.00 6.44 33.05
CA PHE G 204 -34.66 6.12 32.54
C PHE G 204 -34.62 5.73 31.06
N LYS G 205 -35.78 5.35 30.52
CA LYS G 205 -35.82 4.95 29.10
C LYS G 205 -35.46 6.17 28.25
N LYS G 206 -35.78 7.35 28.74
CA LYS G 206 -35.63 8.56 27.95
C LYS G 206 -34.27 8.80 27.24
N ASP G 207 -33.15 8.75 27.97
CA ASP G 207 -31.84 8.95 27.34
C ASP G 207 -31.37 7.74 26.55
N GLY G 208 -32.09 6.63 26.71
CA GLY G 208 -31.75 5.41 25.98
C GLY G 208 -30.34 4.94 26.25
N ALA G 209 -29.69 4.35 25.25
CA ALA G 209 -28.31 3.89 25.39
C ALA G 209 -27.32 5.03 25.79
N SER G 210 -27.65 6.27 25.48
CA SER G 210 -26.72 7.36 25.71
C SER G 210 -26.72 7.80 27.19
N LEU G 211 -27.52 7.11 28.01
CA LEU G 211 -27.60 7.43 29.43
C LEU G 211 -26.23 7.37 30.11
N GLY G 212 -25.88 8.38 30.90
CA GLY G 212 -24.64 8.31 31.69
C GLY G 212 -23.49 9.18 31.20
N SER G 213 -22.33 9.04 31.82
CA SER G 213 -21.21 9.95 31.57
C SER G 213 -20.20 9.38 30.57
N PRO G 214 -19.89 10.15 29.53
CA PRO G 214 -18.85 9.60 28.63
C PRO G 214 -17.47 9.52 29.30
N ILE G 215 -17.24 10.36 30.29
CA ILE G 215 -15.93 10.36 30.96
C ILE G 215 -15.78 9.05 31.74
N ASN G 216 -16.82 8.71 32.53
CA ASN G 216 -16.82 7.43 33.23
C ASN G 216 -16.76 6.23 32.29
N LYS G 217 -17.37 6.36 31.12
CA LYS G 217 -17.31 5.28 30.13
C LYS G 217 -15.85 5.04 29.69
N VAL G 218 -15.13 6.12 29.39
CA VAL G 218 -13.74 6.02 28.96
C VAL G 218 -12.88 5.39 30.05
N ILE G 219 -13.09 5.83 31.29
CA ILE G 219 -12.32 5.26 32.41
C ILE G 219 -12.62 3.77 32.61
N LEU G 220 -13.89 3.37 32.51
CA LEU G 220 -14.24 1.98 32.68
C LEU G 220 -13.56 1.11 31.62
N ASN G 221 -13.61 1.57 30.37
CA ASN G 221 -12.96 0.90 29.27
C ASN G 221 -11.44 0.82 29.44
N THR G 222 -10.83 1.81 30.08
CA THR G 222 -9.37 1.88 30.16
C THR G 222 -8.87 1.02 31.31
N LEU G 223 -9.58 1.07 32.43
CA LEU G 223 -9.14 0.47 33.67
C LEU G 223 -9.70 -0.95 33.87
N LYS G 224 -10.85 -1.20 33.25
CA LYS G 224 -11.53 -2.49 33.39
C LYS G 224 -11.49 -3.08 34.83
N PRO G 225 -11.99 -2.32 35.81
CA PRO G 225 -11.93 -2.74 37.22
C PRO G 225 -12.80 -3.98 37.37
N LYS G 226 -12.62 -4.76 38.45
CA LYS G 226 -13.50 -5.91 38.72
C LYS G 226 -14.93 -5.46 39.00
N TYR G 227 -15.06 -4.36 39.73
CA TYR G 227 -16.34 -3.73 40.03
C TYR G 227 -16.39 -2.26 39.63
N TRP G 228 -17.56 -1.80 39.19
CA TRP G 228 -17.82 -0.38 39.10
C TRP G 228 -19.13 -0.10 39.80
N ILE G 229 -19.13 0.86 40.71
CA ILE G 229 -20.30 1.16 41.55
C ILE G 229 -20.70 2.61 41.33
N SER G 230 -22.01 2.88 41.13
CA SER G 230 -22.48 4.24 40.87
C SER G 230 -23.77 4.58 41.62
N GLY G 231 -23.93 5.87 41.93
CA GLY G 231 -24.92 6.26 42.91
C GLY G 231 -25.98 7.29 42.52
N HIS G 232 -25.91 7.90 41.34
CA HIS G 232 -26.78 9.03 41.00
C HIS G 232 -28.23 8.66 40.62
N MET G 233 -28.43 7.47 40.08
CA MET G 233 -29.78 6.96 39.79
C MET G 233 -30.38 6.17 40.93
N HIS G 234 -31.61 6.52 41.27
CA HIS G 234 -32.32 5.90 42.38
C HIS G 234 -32.89 4.55 42.02
N CYS G 235 -32.07 3.51 42.12
CA CYS G 235 -32.47 2.16 41.80
C CYS G 235 -31.36 1.21 42.17
N GLU G 236 -31.67 -0.08 42.11
CA GLU G 236 -30.68 -1.13 42.13
C GLU G 236 -30.55 -1.60 40.70
N TYR G 237 -29.32 -1.78 40.19
CA TYR G 237 -29.15 -2.32 38.86
C TYR G 237 -27.78 -2.97 38.74
N HIS G 238 -27.69 -4.07 37.98
CA HIS G 238 -26.42 -4.78 37.81
C HIS G 238 -26.28 -5.06 36.36
N ALA G 239 -25.05 -5.03 35.88
CA ALA G 239 -24.77 -5.21 34.47
C ALA G 239 -23.35 -5.71 34.37
N GLU G 240 -22.96 -6.21 33.20
CA GLU G 240 -21.57 -6.69 33.00
C GLU G 240 -20.99 -6.08 31.75
N GLU G 241 -19.75 -5.60 31.83
CA GLU G 241 -19.07 -5.09 30.66
C GLU G 241 -17.68 -5.70 30.70
N GLY G 242 -17.45 -6.70 29.84
CA GLY G 242 -16.18 -7.39 29.90
C GLY G 242 -16.02 -7.95 31.30
N PRO G 243 -14.83 -7.81 31.90
CA PRO G 243 -14.56 -8.32 33.25
C PRO G 243 -15.15 -7.45 34.37
N THR G 244 -15.84 -6.36 34.02
CA THR G 244 -16.31 -5.42 35.03
C THR G 244 -17.78 -5.70 35.44
N HIS G 245 -18.02 -5.91 36.73
CA HIS G 245 -19.38 -6.02 37.26
C HIS G 245 -19.84 -4.63 37.69
N PHE G 246 -20.90 -4.13 37.06
CA PHE G 246 -21.37 -2.79 37.36
C PHE G 246 -22.52 -2.94 38.34
N ILE G 247 -22.52 -2.08 39.35
CA ILE G 247 -23.57 -2.11 40.36
C ILE G 247 -24.07 -0.72 40.62
N ALA G 248 -25.38 -0.48 40.44
CA ALA G 248 -25.97 0.82 40.79
C ALA G 248 -26.79 0.71 42.08
N LEU G 249 -26.76 1.76 42.91
CA LEU G 249 -27.49 1.74 44.18
C LEU G 249 -28.36 2.96 44.40
N GLY G 250 -29.38 2.79 45.26
CA GLY G 250 -30.34 3.85 45.53
C GLY G 250 -29.96 4.85 46.62
N LYS G 251 -30.97 5.62 47.01
CA LYS G 251 -30.84 6.76 47.90
C LYS G 251 -31.23 6.35 49.31
N ILE G 252 -30.39 6.69 50.28
CA ILE G 252 -30.64 6.30 51.70
C ILE G 252 -32.06 6.78 52.04
N GLY G 253 -32.83 5.90 52.67
CA GLY G 253 -34.25 6.14 52.86
C GLY G 253 -35.03 5.08 52.11
N TYR G 254 -34.46 4.58 51.00
CA TYR G 254 -35.10 3.55 50.19
C TYR G 254 -34.35 2.22 50.29
N LYS G 255 -35.09 1.13 50.10
CA LYS G 255 -34.61 -0.23 50.28
C LYS G 255 -33.56 -0.69 49.26
N ASN G 256 -33.34 0.09 48.20
CA ASN G 256 -32.30 -0.28 47.26
C ASN G 256 -30.99 0.51 47.44
N ALA G 257 -30.84 1.19 48.59
CA ALA G 257 -29.71 2.12 48.82
C ALA G 257 -28.38 1.47 49.20
N ILE G 258 -28.45 0.33 49.86
CA ILE G 258 -27.25 -0.29 50.49
C ILE G 258 -27.13 -1.73 50.05
N SER G 259 -25.94 -2.15 49.66
CA SER G 259 -25.73 -3.55 49.32
C SER G 259 -24.40 -3.89 49.97
N TYR G 260 -24.01 -5.17 49.94
CA TYR G 260 -22.76 -5.63 50.56
C TYR G 260 -21.90 -6.44 49.59
N LEU G 261 -20.59 -6.18 49.55
CA LEU G 261 -19.69 -7.02 48.76
C LEU G 261 -18.92 -7.93 49.70
N ASP G 262 -18.97 -9.22 49.45
CA ASP G 262 -18.24 -10.18 50.25
C ASP G 262 -17.05 -10.66 49.44
N LEU G 263 -15.88 -10.09 49.75
CA LEU G 263 -14.66 -10.15 48.91
C LEU G 263 -13.54 -10.84 49.69
N PRO G 264 -12.67 -11.62 48.99
CA PRO G 264 -11.55 -12.26 49.67
C PRO G 264 -10.74 -11.23 50.42
N LEU G 265 -10.32 -11.61 51.62
CA LEU G 265 -9.48 -10.77 52.45
C LEU G 265 -8.09 -11.40 52.51
N LYS G 266 -7.16 -10.90 51.70
CA LYS G 266 -5.78 -11.40 51.74
C LYS G 266 -5.04 -10.89 52.97
N GLN G 267 -5.05 -9.58 53.19
CA GLN G 267 -4.43 -9.00 54.37
C GLN G 267 -5.30 -7.85 54.87
N LYS G 268 -5.33 -7.62 56.17
CA LYS G 268 -6.05 -6.48 56.74
C LYS G 268 -5.04 -5.35 56.92
N THR G 269 -5.17 -4.31 56.10
CA THR G 269 -4.22 -3.18 56.08
C THR G 269 -4.99 -1.90 56.19
N ASP G 270 -4.41 -0.92 56.89
CA ASP G 270 -5.04 0.38 57.05
C ASP G 270 -5.16 1.11 55.73
N LEU G 271 -6.05 2.09 55.70
CA LEU G 271 -6.24 2.98 54.55
C LEU G 271 -4.91 3.66 54.18
N GLU G 272 -4.47 3.45 52.93
CA GLU G 272 -3.23 4.05 52.43
C GLU G 272 -3.42 4.72 51.07
N TYR G 273 -2.52 5.64 50.77
CA TYR G 273 -2.44 6.23 49.43
C TYR G 273 -1.88 5.18 48.48
N ASP G 274 -2.50 5.01 47.31
CA ASP G 274 -1.98 4.08 46.33
C ASP G 274 -0.67 4.67 45.71
N LYS G 275 0.41 3.88 45.68
CA LYS G 275 1.72 4.41 45.19
C LYS G 275 1.69 4.94 43.74
N ASP G 276 1.13 4.13 42.83
CA ASP G 276 0.94 4.65 41.45
C ASP G 276 0.17 5.97 41.40
N TRP G 277 -0.93 6.08 42.14
CA TRP G 277 -1.65 7.36 42.20
C TRP G 277 -0.73 8.47 42.72
N VAL G 278 -0.05 8.22 43.85
CA VAL G 278 0.90 9.21 44.34
C VAL G 278 1.92 9.69 43.29
N CYS G 279 2.53 8.75 42.59
CA CYS G 279 3.43 9.19 41.49
C CYS G 279 2.77 10.13 40.48
N ASN G 280 1.56 9.76 40.04
CA ASN G 280 0.84 10.60 39.07
C ASN G 280 0.62 11.97 39.62
N LEU G 281 0.19 12.03 40.88
CA LEU G 281 -0.10 13.28 41.51
C LEU G 281 1.15 14.15 41.52
N ILE G 282 2.28 13.58 41.92
CA ILE G 282 3.47 14.40 41.99
C ILE G 282 3.91 14.83 40.57
N MET G 283 3.85 13.91 39.62
CA MET G 283 4.42 14.17 38.29
C MET G 283 3.59 15.17 37.51
N THR G 284 2.32 15.37 37.90
CA THR G 284 1.51 16.39 37.26
C THR G 284 1.54 17.70 38.00
N TRP G 285 2.32 17.82 39.09
CA TRP G 285 2.34 19.14 39.75
C TRP G 285 2.44 20.37 38.81
N PRO G 286 3.34 20.32 37.81
CA PRO G 286 3.49 21.55 37.01
C PRO G 286 2.14 22.03 36.49
N ALA G 287 1.21 21.08 36.29
CA ALA G 287 -0.10 21.42 35.72
C ALA G 287 -1.02 22.02 36.77
N PHE G 288 -0.64 21.89 38.04
CA PHE G 288 -1.50 22.34 39.17
C PHE G 288 -0.86 23.45 39.97
N SER G 289 0.29 23.94 39.49
CA SER G 289 1.12 24.92 40.22
C SER G 289 0.53 26.33 40.47
N ASN G 290 -0.51 26.71 39.73
CA ASN G 290 -1.18 27.98 40.00
C ASN G 290 -2.38 27.75 40.92
N LYS G 291 -2.29 28.20 42.17
CA LYS G 291 -3.27 27.80 43.15
C LYS G 291 -4.66 28.42 42.87
N ALA G 292 -4.72 29.41 41.96
CA ALA G 292 -5.98 30.11 41.76
C ALA G 292 -6.75 29.57 40.56
N GLN G 293 -6.13 28.67 39.82
CA GLN G 293 -6.72 28.14 38.60
C GLN G 293 -5.95 26.93 38.11
N PHE G 294 -6.58 25.77 38.22
CA PHE G 294 -5.94 24.49 37.92
C PHE G 294 -7.01 23.50 37.45
N PRO G 295 -6.62 22.53 36.62
CA PRO G 295 -5.24 22.51 36.13
C PRO G 295 -5.08 23.49 34.99
N ASP G 296 -3.84 23.68 34.57
CA ASP G 296 -3.50 24.57 33.45
C ASP G 296 -3.30 23.70 32.20
N LEU G 297 -4.32 23.67 31.33
CA LEU G 297 -4.37 22.63 30.29
C LEU G 297 -3.47 22.95 29.09
N SER G 298 -2.77 24.07 29.18
CA SER G 298 -1.66 24.31 28.27
C SER G 298 -0.56 23.29 28.57
N TYR G 299 -0.68 22.54 29.67
CA TYR G 299 0.17 21.35 29.83
C TYR G 299 -0.59 20.15 29.33
N SER G 300 0.15 19.14 28.92
CA SER G 300 -0.45 17.85 28.60
C SER G 300 -0.26 16.91 29.79
N ILE G 301 -1.34 16.62 30.53
CA ILE G 301 -1.28 15.65 31.63
C ILE G 301 -0.54 14.40 31.17
N SER G 302 -1.00 13.87 30.03
CA SER G 302 -0.47 12.59 29.52
C SER G 302 1.06 12.65 29.28
N GLU G 303 1.52 13.76 28.71
CA GLU G 303 2.96 13.91 28.48
C GLU G 303 3.70 14.08 29.81
N LEU G 304 3.11 14.80 30.77
CA LEU G 304 3.73 14.90 32.10
C LEU G 304 3.88 13.50 32.70
N LEU G 305 2.85 12.69 32.52
CA LEU G 305 2.84 11.34 33.07
C LEU G 305 3.78 10.40 32.34
N SER G 306 4.07 10.69 31.06
CA SER G 306 5.00 9.81 30.35
C SER G 306 6.42 9.84 30.92
N LYS G 307 6.73 10.89 31.69
CA LYS G 307 8.06 11.00 32.28
C LYS G 307 8.28 10.10 33.49
N ARG G 308 7.25 9.35 33.89
CA ARG G 308 7.41 8.48 35.07
C ARG G 308 8.47 7.38 34.81
N THR G 309 9.29 7.10 35.80
CA THR G 309 10.24 6.01 35.66
C THR G 309 10.31 5.30 36.98
N LYS G 310 10.92 4.12 36.95
CA LYS G 310 10.92 3.26 38.12
C LYS G 310 11.76 3.89 39.23
N GLU G 311 12.83 4.55 38.83
CA GLU G 311 13.68 5.24 39.80
C GLU G 311 13.00 6.49 40.37
N LEU G 312 12.37 7.26 39.48
CA LEU G 312 11.67 8.47 39.91
C LEU G 312 10.53 8.10 40.85
N ASP G 313 9.71 7.11 40.44
CA ASP G 313 8.65 6.55 41.29
C ASP G 313 9.19 6.16 42.65
N LYS G 314 10.27 5.40 42.68
CA LYS G 314 10.74 4.93 43.97
C LYS G 314 11.11 6.12 44.87
N LYS G 315 11.64 7.16 44.23
CA LYS G 315 12.10 8.31 44.96
C LYS G 315 10.89 9.14 45.41
N ILE G 316 9.83 9.12 44.62
CA ILE G 316 8.63 9.90 44.93
C ILE G 316 7.99 9.27 46.18
N ILE G 317 7.90 7.95 46.19
CA ILE G 317 7.26 7.23 47.28
C ILE G 317 8.08 7.37 48.58
N GLU G 318 9.40 7.36 48.46
CA GLU G 318 10.24 7.59 49.63
C GLU G 318 9.94 9.00 50.21
N LEU G 319 9.88 10.03 49.36
CA LEU G 319 9.65 11.38 49.89
C LEU G 319 8.24 11.56 50.40
N TRP G 320 7.28 10.93 49.72
CA TRP G 320 5.90 11.00 50.20
C TRP G 320 5.86 10.38 51.58
N GLU G 321 6.50 9.23 51.74
CA GLU G 321 6.40 8.56 53.01
C GLU G 321 7.02 9.47 54.07
N LYS G 322 8.03 10.23 53.64
CA LYS G 322 8.70 11.14 54.54
C LYS G 322 7.81 12.30 54.99
N TYR G 323 7.21 13.02 54.05
CA TYR G 323 6.57 14.24 54.42
C TYR G 323 5.13 14.05 54.84
N ILE G 324 4.47 13.09 54.20
CA ILE G 324 3.03 12.93 54.33
C ILE G 324 2.71 11.60 55.02
N GLY G 325 3.45 10.55 54.66
CA GLY G 325 3.22 9.20 55.13
C GLY G 325 2.32 8.44 54.16
N LEU G 326 2.43 7.11 54.13
CA LEU G 326 1.65 6.31 53.20
C LEU G 326 0.26 6.02 53.74
N LYS G 327 0.14 5.91 55.08
CA LYS G 327 -1.18 5.81 55.69
C LYS G 327 -1.96 7.10 55.51
N ILE G 328 -3.25 6.99 55.16
CA ILE G 328 -4.08 8.19 55.13
C ILE G 328 -4.62 8.40 56.55
N ILE G 329 -4.28 9.52 57.19
CA ILE G 329 -4.64 9.67 58.61
C ILE G 329 -5.55 10.85 58.86
N TYR G 330 -6.31 10.80 59.95
CA TYR G 330 -7.25 11.87 60.20
C TYR G 330 -6.52 13.15 60.61
N ASP G 331 -6.90 14.26 59.99
CA ASP G 331 -6.28 15.55 60.22
C ASP G 331 -7.46 16.50 60.50
N SER G 332 -7.48 17.15 61.65
CA SER G 332 -8.64 18.00 61.97
C SER G 332 -8.37 19.46 61.67
N ASP G 333 -7.34 19.77 60.89
CA ASP G 333 -7.11 21.15 60.52
C ASP G 333 -8.26 21.55 59.58
N THR G 334 -8.50 22.85 59.42
CA THR G 334 -9.60 23.30 58.55
C THR G 334 -9.21 23.05 57.10
N PHE G 335 -10.23 22.93 56.26
CA PHE G 335 -9.98 22.40 54.94
C PHE G 335 -9.15 23.37 54.10
N ASP G 336 -9.37 24.67 54.24
CA ASP G 336 -8.56 25.62 53.47
C ASP G 336 -7.06 25.44 53.83
N ILE G 337 -6.78 25.07 55.07
CA ILE G 337 -5.40 24.80 55.50
C ILE G 337 -4.92 23.46 54.94
N GLN G 338 -5.79 22.47 55.00
CA GLN G 338 -5.45 21.21 54.38
C GLN G 338 -5.10 21.39 52.91
N PHE G 339 -5.83 22.24 52.21
CA PHE G 339 -5.60 22.47 50.79
C PHE G 339 -4.17 22.92 50.60
N THR G 340 -3.78 23.91 51.41
CA THR G 340 -2.47 24.55 51.22
C THR G 340 -1.33 23.58 51.55
N SER G 341 -1.50 22.93 52.70
CA SER G 341 -0.52 21.98 53.23
C SER G 341 -0.24 20.90 52.23
N ARG G 342 -1.30 20.25 51.71
CA ARG G 342 -1.07 19.12 50.82
C ARG G 342 -0.37 19.56 49.52
N ARG G 343 -0.81 20.68 48.95
CA ARG G 343 -0.11 21.23 47.79
C ARG G 343 1.34 21.57 48.15
N PHE G 344 1.56 22.06 49.35
CA PHE G 344 2.92 22.42 49.77
C PHE G 344 3.87 21.23 49.62
N TYR G 345 3.44 20.05 50.07
CA TYR G 345 4.28 18.83 50.03
C TYR G 345 4.36 18.17 48.65
N ILE G 346 3.27 18.23 47.90
CA ILE G 346 3.33 17.81 46.49
C ILE G 346 4.41 18.61 45.74
N GLU G 347 4.35 19.92 45.88
CA GLU G 347 5.31 20.82 45.24
C GLU G 347 6.73 20.55 45.77
N LYS G 348 6.86 20.40 47.08
CA LYS G 348 8.16 20.11 47.67
C LYS G 348 8.74 18.79 47.11
N ILE G 349 7.93 17.75 47.05
CA ILE G 349 8.42 16.49 46.50
C ILE G 349 8.81 16.66 45.01
N TYR G 350 7.92 17.25 44.21
CA TYR G 350 8.21 17.46 42.79
C TYR G 350 9.56 18.19 42.59
N ASN G 351 9.75 19.28 43.32
CA ASN G 351 10.96 20.08 43.20
C ASN G 351 12.23 19.31 43.53
N GLU G 352 12.13 18.41 44.49
CA GLU G 352 13.25 17.63 44.97
C GLU G 352 13.69 16.56 43.98
N LEU G 353 12.85 16.30 43.00
CA LEU G 353 13.15 15.27 42.01
C LEU G 353 14.28 15.71 41.08
N ASN G 354 14.24 16.99 40.70
CA ASN G 354 15.27 17.62 39.87
C ASN G 354 15.05 17.45 38.37
N ILE G 355 13.80 17.26 37.97
CA ILE G 355 13.47 17.03 36.58
C ILE G 355 12.85 18.26 35.92
N GLN J 7 -17.72 -25.38 8.09
CA GLN J 7 -17.17 -26.72 7.91
C GLN J 7 -16.14 -26.71 6.77
N ILE J 8 -15.20 -27.66 6.74
CA ILE J 8 -14.25 -27.67 5.63
C ILE J 8 -13.81 -29.05 5.09
N GLN J 9 -13.39 -29.08 3.82
CA GLN J 9 -12.95 -30.34 3.19
C GLN J 9 -11.49 -30.28 2.76
N HIS J 10 -10.81 -31.41 2.90
CA HIS J 10 -9.41 -31.50 2.52
C HIS J 10 -9.30 -32.31 1.23
N ILE J 11 -8.83 -31.68 0.16
CA ILE J 11 -8.79 -32.32 -1.15
C ILE J 11 -7.31 -32.49 -1.54
N ALA J 12 -6.89 -33.72 -1.77
CA ALA J 12 -5.50 -33.93 -2.17
C ALA J 12 -5.38 -33.70 -3.68
N ILE J 13 -4.41 -32.90 -4.08
CA ILE J 13 -4.20 -32.64 -5.48
C ILE J 13 -2.83 -33.16 -5.85
N VAL J 14 -2.77 -33.86 -6.98
CA VAL J 14 -1.60 -34.61 -7.37
C VAL J 14 -1.21 -34.29 -8.81
N GLY J 15 0.10 -34.25 -9.07
CA GLY J 15 0.61 -34.08 -10.43
C GLY J 15 0.71 -35.41 -11.18
N SER J 16 1.82 -35.64 -11.90
CA SER J 16 1.95 -36.85 -12.72
C SER J 16 2.06 -38.15 -11.88
N VAL J 17 1.13 -39.09 -12.08
CA VAL J 17 1.18 -40.31 -11.29
C VAL J 17 2.11 -41.36 -11.88
N HIS J 18 2.15 -41.48 -13.20
N HIS J 18 2.22 -41.37 -13.20
CA HIS J 18 3.10 -42.38 -13.87
CA HIS J 18 3.07 -42.33 -13.93
C HIS J 18 3.06 -43.81 -13.38
C HIS J 18 3.06 -43.75 -13.37
N GLY J 19 1.85 -44.27 -13.11
CA GLY J 19 1.64 -45.62 -12.63
C GLY J 19 2.22 -45.94 -11.25
N LYS J 20 2.62 -44.91 -10.48
CA LYS J 20 3.01 -45.19 -9.08
C LYS J 20 1.82 -45.06 -8.11
N TYR J 21 0.76 -45.82 -8.36
CA TYR J 21 -0.44 -45.72 -7.51
C TYR J 21 -0.17 -46.14 -6.04
N ARG J 22 0.56 -47.22 -5.83
CA ARG J 22 0.71 -47.71 -4.46
C ARG J 22 1.41 -46.63 -3.65
N GLU J 23 2.44 -46.07 -4.27
CA GLU J 23 3.23 -45.02 -3.66
C GLU J 23 2.44 -43.72 -3.41
N MET J 24 1.72 -43.23 -4.42
CA MET J 24 0.81 -42.12 -4.18
C MET J 24 -0.06 -42.36 -2.94
N TYR J 25 -0.74 -43.49 -2.91
CA TYR J 25 -1.70 -43.69 -1.84
C TYR J 25 -0.99 -43.83 -0.51
N ARG J 26 0.26 -44.27 -0.54
CA ARG J 26 1.00 -44.42 0.72
C ARG J 26 1.20 -43.04 1.30
N GLN J 27 1.60 -42.16 0.42
CA GLN J 27 1.94 -40.80 0.76
C GLN J 27 0.71 -40.05 1.30
N LEU J 28 -0.45 -40.32 0.70
CA LEU J 28 -1.70 -39.71 1.17
C LEU J 28 -2.10 -40.29 2.54
N SER J 29 -1.95 -41.59 2.72
CA SER J 29 -2.23 -42.20 4.00
C SER J 29 -1.36 -41.50 5.05
N GLU J 30 -0.12 -41.24 4.68
CA GLU J 30 0.82 -40.64 5.62
C GLU J 30 0.44 -39.25 6.10
N TYR J 31 -0.34 -38.56 5.27
CA TYR J 31 -0.78 -37.21 5.59
C TYR J 31 -1.97 -37.26 6.54
N GLU J 32 -2.89 -38.20 6.29
CA GLU J 32 -3.99 -38.38 7.22
C GLU J 32 -3.45 -38.74 8.61
N LYS J 33 -2.58 -39.74 8.68
CA LYS J 33 -2.07 -40.19 9.96
C LYS J 33 -1.26 -39.09 10.67
N SER J 34 -0.50 -38.30 9.92
CA SER J 34 0.38 -37.36 10.58
C SER J 34 -0.30 -36.04 10.95
N THR J 35 -1.55 -35.86 10.56
CA THR J 35 -2.19 -34.59 10.79
C THR J 35 -3.60 -34.70 11.35
N GLY J 36 -4.13 -35.92 11.34
CA GLY J 36 -5.49 -36.12 11.82
C GLY J 36 -6.55 -35.67 10.82
N LYS J 37 -6.13 -34.99 9.74
CA LYS J 37 -7.11 -34.57 8.72
C LYS J 37 -7.65 -35.75 7.90
N GLU J 38 -8.93 -35.68 7.55
CA GLU J 38 -9.55 -36.69 6.70
C GLU J 38 -9.48 -36.17 5.25
N ILE J 39 -8.98 -37.00 4.33
CA ILE J 39 -8.98 -36.65 2.91
C ILE J 39 -10.38 -36.91 2.38
N SER J 40 -11.02 -35.88 1.85
CA SER J 40 -12.35 -36.06 1.25
C SER J 40 -12.34 -36.78 -0.10
N PHE J 41 -11.43 -36.37 -0.99
CA PHE J 41 -11.17 -37.11 -2.23
C PHE J 41 -9.86 -36.60 -2.84
N VAL J 42 -9.45 -37.19 -3.98
CA VAL J 42 -8.15 -36.90 -4.59
C VAL J 42 -8.35 -36.46 -6.04
N ILE J 43 -7.56 -35.50 -6.50
CA ILE J 43 -7.62 -35.12 -7.88
C ILE J 43 -6.24 -35.30 -8.46
N CYS J 44 -6.17 -35.93 -9.64
CA CYS J 44 -4.87 -36.17 -10.26
C CYS J 44 -4.89 -35.53 -11.62
N THR J 45 -3.78 -34.91 -12.01
CA THR J 45 -3.74 -34.16 -13.26
C THR J 45 -3.04 -34.85 -14.43
N GLY J 46 -3.03 -36.18 -14.45
CA GLY J 46 -2.62 -36.87 -15.66
C GLY J 46 -1.37 -37.73 -15.63
N ASP J 47 -1.03 -38.26 -16.80
CA ASP J 47 -0.04 -39.35 -16.93
C ASP J 47 -0.37 -40.51 -15.99
N MET J 48 -1.60 -41.01 -16.11
CA MET J 48 -2.16 -41.98 -15.19
C MET J 48 -1.73 -43.41 -15.52
N GLN J 49 -1.40 -43.64 -16.79
CA GLN J 49 -0.94 -44.95 -17.29
C GLN J 49 -1.83 -46.09 -16.81
N THR J 50 -3.12 -46.01 -17.17
CA THR J 50 -4.11 -46.97 -16.68
C THR J 50 -4.11 -48.15 -17.64
N LEU J 51 -2.98 -48.83 -17.73
CA LEU J 51 -2.89 -50.05 -18.55
C LEU J 51 -3.51 -51.27 -17.80
N ARG J 52 -4.51 -51.90 -18.40
CA ARG J 52 -5.29 -52.95 -17.76
C ARG J 52 -4.48 -54.23 -17.77
N TYR J 53 -3.80 -54.45 -18.89
CA TYR J 53 -3.05 -55.70 -19.10
C TYR J 53 -2.02 -55.48 -20.19
N GLU J 54 -1.17 -56.48 -20.43
CA GLU J 54 0.02 -56.32 -21.27
C GLU J 54 -0.29 -55.78 -22.63
N ALA J 55 -1.40 -56.22 -23.20
CA ALA J 55 -1.77 -55.77 -24.55
C ALA J 55 -1.80 -54.26 -24.64
N ASP J 56 -2.14 -53.62 -23.54
CA ASP J 56 -2.32 -52.14 -23.53
C ASP J 56 -1.02 -51.34 -23.68
N LEU J 57 0.11 -52.03 -23.52
CA LEU J 57 1.41 -51.33 -23.63
C LEU J 57 1.56 -50.60 -24.95
N VAL J 58 0.95 -51.19 -25.96
CA VAL J 58 1.02 -50.71 -27.33
C VAL J 58 0.55 -49.24 -27.45
N TYR J 59 -0.27 -48.82 -26.50
CA TYR J 59 -0.93 -47.52 -26.57
C TYR J 59 -0.31 -46.49 -25.65
N LEU J 60 0.74 -46.88 -24.93
CA LEU J 60 1.49 -46.00 -24.05
C LEU J 60 2.64 -45.35 -24.83
N LYS J 61 2.59 -44.02 -25.00
CA LYS J 61 3.53 -43.37 -25.90
C LYS J 61 4.77 -42.92 -25.10
N VAL J 62 5.74 -43.82 -25.02
CA VAL J 62 6.93 -43.63 -24.16
C VAL J 62 8.08 -44.34 -24.81
N PRO J 63 9.30 -43.92 -24.47
CA PRO J 63 10.44 -44.59 -25.08
C PRO J 63 10.60 -45.98 -24.48
N PRO J 64 11.26 -46.89 -25.21
CA PRO J 64 11.40 -48.29 -24.81
C PRO J 64 11.63 -48.47 -23.31
N LYS J 65 12.59 -47.77 -22.73
CA LYS J 65 12.91 -48.00 -21.32
C LYS J 65 11.71 -47.83 -20.41
N TYR J 66 10.74 -47.02 -20.84
CA TYR J 66 9.56 -46.81 -19.99
C TYR J 66 8.35 -47.69 -20.35
N LYS J 67 8.53 -48.61 -21.30
CA LYS J 67 7.46 -49.59 -21.60
C LYS J 67 7.28 -50.60 -20.46
N GLN J 68 6.68 -50.16 -19.36
CA GLN J 68 6.27 -51.06 -18.31
C GLN J 68 4.85 -50.81 -17.82
N MET J 69 4.35 -51.81 -17.12
CA MET J 69 2.97 -51.85 -16.64
C MET J 69 2.66 -50.88 -15.52
N GLY J 70 3.59 -50.58 -14.63
CA GLY J 70 3.23 -49.71 -13.51
C GLY J 70 2.21 -50.42 -12.61
N ASP J 71 1.57 -49.72 -11.67
CA ASP J 71 0.74 -50.39 -10.65
C ASP J 71 -0.71 -50.53 -11.09
N PHE J 72 -1.12 -49.74 -12.07
CA PHE J 72 -2.57 -49.67 -12.33
C PHE J 72 -3.24 -51.04 -12.36
N HIS J 73 -2.61 -52.00 -13.03
CA HIS J 73 -3.30 -53.29 -13.28
C HIS J 73 -3.65 -54.02 -12.01
N LEU J 74 -2.90 -53.75 -10.94
CA LEU J 74 -3.19 -54.37 -9.65
C LEU J 74 -4.56 -53.89 -9.13
N TYR J 75 -4.88 -52.62 -9.38
CA TYR J 75 -6.17 -52.09 -8.92
C TYR J 75 -7.27 -52.62 -9.84
N TYR J 76 -6.99 -52.60 -11.15
CA TYR J 76 -7.90 -53.16 -12.14
C TYR J 76 -8.25 -54.62 -11.82
N GLU J 77 -7.27 -55.36 -11.31
CA GLU J 77 -7.45 -56.79 -11.02
C GLU J 77 -8.13 -56.99 -9.67
N GLY J 78 -8.18 -55.96 -8.85
CA GLY J 78 -8.77 -56.04 -7.53
C GLY J 78 -7.77 -56.50 -6.48
N LYS J 79 -6.50 -56.72 -6.87
CA LYS J 79 -5.47 -57.10 -5.90
C LYS J 79 -5.24 -55.95 -4.92
N GLU J 80 -5.29 -54.72 -5.47
CA GLU J 80 -5.25 -53.50 -4.66
C GLU J 80 -6.56 -52.76 -4.81
N LYS J 81 -6.89 -51.93 -3.84
CA LYS J 81 -8.12 -51.16 -3.85
C LYS J 81 -7.82 -49.72 -3.46
N ALA J 82 -8.29 -48.77 -4.25
CA ALA J 82 -8.00 -47.34 -4.02
C ALA J 82 -8.72 -46.92 -2.73
N PRO J 83 -8.01 -46.34 -1.75
CA PRO J 83 -8.77 -46.05 -0.53
C PRO J 83 -9.50 -44.70 -0.53
N TYR J 84 -9.25 -43.85 -1.53
CA TYR J 84 -9.97 -42.57 -1.67
C TYR J 84 -10.52 -42.50 -3.08
N LEU J 85 -11.70 -41.91 -3.22
CA LEU J 85 -12.25 -41.62 -4.55
C LEU J 85 -11.23 -40.71 -5.19
N THR J 86 -10.79 -41.11 -6.39
CA THR J 86 -9.76 -40.38 -7.18
C THR J 86 -10.36 -39.96 -8.53
N LEU J 87 -10.32 -38.65 -8.82
CA LEU J 87 -10.87 -38.12 -10.08
C LEU J 87 -9.69 -37.73 -10.93
N PHE J 88 -9.67 -38.05 -12.22
CA PHE J 88 -8.47 -37.69 -12.97
C PHE J 88 -8.77 -37.29 -14.41
N ILE J 89 -7.81 -36.61 -15.03
CA ILE J 89 -7.86 -36.35 -16.46
C ILE J 89 -6.70 -37.05 -17.09
N GLY J 90 -6.68 -37.07 -18.42
CA GLY J 90 -5.61 -37.74 -19.10
C GLY J 90 -4.51 -36.78 -19.45
N GLY J 91 -3.28 -37.29 -19.47
CA GLY J 91 -2.10 -36.52 -19.89
C GLY J 91 -1.49 -37.08 -21.14
N ASN J 92 -0.16 -37.19 -21.18
CA ASN J 92 0.46 -37.60 -22.42
C ASN J 92 1.04 -39.01 -22.41
N HIS J 93 1.08 -39.63 -21.22
CA HIS J 93 1.52 -40.98 -20.99
C HIS J 93 0.34 -41.75 -20.40
N GLU J 94 -0.45 -42.36 -21.29
CA GLU J 94 -1.73 -42.97 -20.94
C GLU J 94 -1.88 -44.24 -21.73
N SER J 95 -2.71 -45.14 -21.20
CA SER J 95 -3.26 -46.20 -22.04
C SER J 95 -4.36 -45.53 -22.88
N SER J 96 -3.99 -44.91 -24.00
CA SER J 96 -4.91 -43.99 -24.71
C SER J 96 -6.12 -44.67 -25.29
N ASN J 97 -5.98 -45.96 -25.60
CA ASN J 97 -7.14 -46.77 -26.02
C ASN J 97 -8.21 -46.83 -24.91
N VAL J 98 -7.82 -47.17 -23.67
CA VAL J 98 -8.74 -47.08 -22.51
C VAL J 98 -9.47 -45.74 -22.45
N LEU J 99 -8.72 -44.66 -22.53
CA LEU J 99 -9.29 -43.33 -22.34
C LEU J 99 -10.25 -42.98 -23.50
N LEU J 100 -9.94 -43.40 -24.72
CA LEU J 100 -10.90 -43.16 -25.82
C LEU J 100 -12.23 -43.92 -25.59
N HIS J 101 -12.17 -45.19 -25.21
CA HIS J 101 -13.43 -45.92 -24.89
C HIS J 101 -14.21 -45.10 -23.86
N LEU J 102 -13.50 -44.51 -22.91
CA LEU J 102 -14.13 -43.73 -21.85
C LEU J 102 -14.15 -42.21 -22.12
N TYR J 103 -14.23 -41.82 -23.41
CA TYR J 103 -14.16 -40.40 -23.75
C TYR J 103 -15.31 -39.58 -23.15
N ASN J 104 -16.44 -40.24 -22.86
CA ASN J 104 -17.50 -39.60 -22.08
C ASN J 104 -17.34 -39.88 -20.57
N GLY J 105 -16.10 -40.13 -20.12
CA GLY J 105 -15.83 -40.39 -18.70
C GLY J 105 -16.14 -41.82 -18.29
N GLY J 106 -15.67 -42.24 -17.12
CA GLY J 106 -15.99 -43.59 -16.64
C GLY J 106 -15.02 -44.04 -15.58
N PHE J 107 -15.44 -44.97 -14.72
CA PHE J 107 -14.52 -45.55 -13.75
C PHE J 107 -13.60 -46.53 -14.50
N VAL J 108 -12.31 -46.38 -14.29
CA VAL J 108 -11.38 -47.35 -14.89
C VAL J 108 -11.22 -48.51 -13.90
N CYS J 109 -11.51 -48.25 -12.62
CA CYS J 109 -11.60 -49.30 -11.64
C CYS J 109 -12.22 -48.67 -10.40
N PHE J 110 -12.44 -49.49 -9.37
CA PHE J 110 -13.10 -48.98 -8.17
C PHE J 110 -12.41 -47.72 -7.64
N ASN J 111 -13.22 -46.70 -7.36
CA ASN J 111 -12.72 -45.45 -6.78
C ASN J 111 -11.81 -44.63 -7.70
N MET J 112 -11.72 -45.01 -8.97
CA MET J 112 -10.95 -44.16 -9.92
C MET J 112 -11.80 -43.71 -11.10
N TYR J 113 -12.08 -42.42 -11.17
CA TYR J 113 -13.05 -41.98 -12.20
C TYR J 113 -12.36 -41.02 -13.13
N TYR J 114 -12.37 -41.33 -14.43
CA TYR J 114 -11.80 -40.46 -15.48
C TYR J 114 -12.90 -39.53 -15.94
N LEU J 115 -12.60 -38.23 -15.98
CA LEU J 115 -13.57 -37.24 -16.45
C LEU J 115 -13.79 -37.19 -17.95
N GLY J 116 -13.08 -38.05 -18.70
CA GLY J 116 -13.18 -38.05 -20.15
C GLY J 116 -12.32 -37.04 -20.91
N VAL J 117 -12.60 -36.86 -22.20
CA VAL J 117 -11.94 -35.84 -23.03
C VAL J 117 -12.06 -34.50 -22.32
N CYS J 118 -13.29 -34.19 -21.89
CA CYS J 118 -13.52 -33.10 -20.97
C CYS J 118 -14.90 -33.31 -20.37
N SER J 119 -15.13 -32.70 -19.23
CA SER J 119 -16.47 -32.57 -18.69
C SER J 119 -16.44 -31.72 -17.45
N CYS J 120 -17.62 -31.60 -16.83
CA CYS J 120 -17.73 -30.97 -15.51
C CYS J 120 -18.40 -31.97 -14.59
N ILE J 121 -17.93 -32.14 -13.37
CA ILE J 121 -18.61 -33.01 -12.39
C ILE J 121 -19.05 -32.23 -11.15
N ASN J 122 -19.92 -32.83 -10.33
CA ASN J 122 -20.27 -32.21 -9.05
C ASN J 122 -19.87 -33.11 -7.88
N ILE J 123 -19.14 -32.55 -6.91
CA ILE J 123 -18.94 -33.24 -5.65
C ILE J 123 -18.85 -32.27 -4.48
N ASN J 124 -19.53 -32.61 -3.39
CA ASN J 124 -19.48 -31.80 -2.15
C ASN J 124 -19.75 -30.32 -2.39
N GLY J 125 -20.68 -30.02 -3.28
CA GLY J 125 -21.04 -28.64 -3.56
C GLY J 125 -20.08 -27.94 -4.50
N LEU J 126 -19.05 -28.64 -4.94
CA LEU J 126 -18.08 -28.03 -5.84
C LEU J 126 -18.39 -28.36 -7.32
N ARG J 127 -18.12 -27.44 -8.24
CA ARG J 127 -18.15 -27.84 -9.63
C ARG J 127 -16.73 -27.95 -10.18
N ILE J 128 -16.40 -29.09 -10.76
CA ILE J 128 -15.03 -29.33 -11.20
C ILE J 128 -15.01 -29.68 -12.68
N VAL J 129 -14.16 -28.99 -13.44
CA VAL J 129 -14.03 -29.27 -14.87
C VAL J 129 -12.69 -29.96 -15.12
N GLY J 130 -12.63 -30.86 -16.11
CA GLY J 130 -11.35 -31.47 -16.48
C GLY J 130 -11.08 -31.32 -17.96
N VAL J 131 -9.83 -31.06 -18.36
CA VAL J 131 -9.49 -31.01 -19.79
C VAL J 131 -8.28 -31.92 -20.09
N SER J 132 -8.48 -33.02 -20.82
CA SER J 132 -7.40 -34.02 -20.92
C SER J 132 -6.44 -33.66 -22.05
N GLY J 133 -5.24 -34.24 -22.00
CA GLY J 133 -4.31 -34.18 -23.14
C GLY J 133 -3.27 -33.08 -23.05
N ILE J 134 -2.38 -33.04 -24.04
CA ILE J 134 -1.50 -31.91 -24.23
C ILE J 134 -1.66 -31.39 -25.65
N TYR J 135 -1.22 -30.15 -25.86
CA TYR J 135 -1.53 -29.45 -27.11
C TYR J 135 -0.46 -29.70 -28.19
N LYS J 136 -0.91 -30.09 -29.37
CA LYS J 136 -0.05 -30.10 -30.55
C LYS J 136 -0.86 -29.48 -31.66
N SER J 137 -0.37 -28.37 -32.23
CA SER J 137 -1.20 -27.62 -33.16
C SER J 137 -1.63 -28.47 -34.34
N PHE J 138 -0.77 -29.36 -34.83
CA PHE J 138 -1.16 -30.15 -36.01
C PHE J 138 -2.33 -31.12 -35.74
N ASP J 139 -2.60 -31.44 -34.48
CA ASP J 139 -3.69 -32.38 -34.19
C ASP J 139 -4.99 -31.75 -33.63
N GLU J 140 -5.00 -30.43 -33.46
CA GLU J 140 -6.08 -29.81 -32.67
C GLU J 140 -7.43 -29.88 -33.38
N LYS J 141 -7.41 -30.14 -34.70
CA LYS J 141 -8.62 -30.26 -35.50
C LYS J 141 -8.79 -31.71 -35.98
N LYS J 142 -8.04 -32.63 -35.41
CA LYS J 142 -8.13 -34.04 -35.87
C LYS J 142 -9.31 -34.70 -35.17
N PRO J 143 -10.09 -35.51 -35.91
CA PRO J 143 -11.14 -36.16 -35.12
C PRO J 143 -10.53 -37.37 -34.42
N TYR J 144 -11.33 -38.03 -33.59
CA TYR J 144 -10.92 -39.29 -33.02
C TYR J 144 -11.49 -40.33 -33.98
N THR J 145 -10.70 -41.37 -34.28
CA THR J 145 -11.21 -42.50 -35.07
C THR J 145 -11.38 -43.68 -34.13
N TYR J 146 -12.45 -44.47 -34.30
CA TYR J 146 -12.80 -45.47 -33.29
C TYR J 146 -13.26 -46.72 -34.00
N PRO J 147 -12.89 -47.91 -33.48
CA PRO J 147 -12.18 -48.14 -32.22
C PRO J 147 -10.70 -47.79 -32.32
N PRO J 148 -10.01 -47.74 -31.15
CA PRO J 148 -8.60 -47.34 -31.11
C PRO J 148 -7.77 -48.20 -32.06
N SER J 149 -6.77 -47.59 -32.67
CA SER J 149 -5.79 -48.33 -33.47
C SER J 149 -4.39 -48.01 -33.01
N PRO J 150 -3.51 -49.05 -32.94
CA PRO J 150 -2.16 -48.74 -32.46
C PRO J 150 -1.48 -47.62 -33.24
N ASN J 151 -1.87 -47.44 -34.49
CA ASN J 151 -1.31 -46.37 -35.32
C ASN J 151 -1.56 -44.99 -34.74
N ASP J 152 -2.47 -44.90 -33.78
CA ASP J 152 -2.82 -43.59 -33.28
C ASP J 152 -2.19 -43.30 -31.92
N VAL J 153 -1.23 -44.15 -31.51
CA VAL J 153 -0.58 -43.99 -30.21
C VAL J 153 -0.04 -42.58 -30.03
N VAL J 154 0.44 -41.98 -31.12
CA VAL J 154 1.11 -40.68 -31.04
C VAL J 154 0.17 -39.47 -31.02
N SER J 155 -1.08 -39.64 -31.45
CA SER J 155 -1.97 -38.51 -31.56
C SER J 155 -3.16 -38.54 -30.60
N LEU J 156 -3.52 -39.73 -30.12
CA LEU J 156 -4.73 -39.86 -29.32
C LEU J 156 -4.76 -38.90 -28.14
N PHE J 157 -3.61 -38.55 -27.58
CA PHE J 157 -3.64 -37.76 -26.35
C PHE J 157 -3.49 -36.25 -26.60
N HIS J 158 -3.56 -35.83 -27.86
CA HIS J 158 -3.39 -34.39 -28.18
C HIS J 158 -4.73 -33.67 -28.05
N THR J 159 -4.75 -32.62 -27.25
CA THR J 159 -6.02 -31.97 -26.95
C THR J 159 -6.61 -31.38 -28.22
N ARG J 160 -7.91 -31.68 -28.46
CA ARG J 160 -8.65 -31.09 -29.58
C ARG J 160 -9.24 -29.72 -29.26
N ASN J 161 -9.18 -28.82 -30.24
CA ASN J 161 -9.83 -27.50 -30.18
C ASN J 161 -11.31 -27.50 -29.75
N TYR J 162 -12.08 -28.46 -30.25
CA TYR J 162 -13.51 -28.53 -29.94
C TYR J 162 -13.86 -28.50 -28.45
N VAL J 163 -12.96 -28.96 -27.57
CA VAL J 163 -13.28 -28.90 -26.14
C VAL J 163 -13.60 -27.47 -25.66
N ILE J 164 -13.03 -26.47 -26.29
CA ILE J 164 -13.36 -25.09 -25.88
C ILE J 164 -14.89 -24.85 -26.02
N GLN J 165 -15.47 -25.20 -27.16
CA GLN J 165 -16.89 -24.99 -27.39
C GLN J 165 -17.78 -25.86 -26.50
N MET J 166 -17.27 -27.02 -26.08
CA MET J 166 -18.05 -27.93 -25.24
C MET J 166 -18.14 -27.37 -23.86
N LEU J 167 -17.13 -26.59 -23.50
CA LEU J 167 -17.05 -26.13 -22.12
C LEU J 167 -17.36 -24.64 -21.93
N SER J 168 -17.40 -23.90 -23.03
N SER J 168 -17.39 -23.87 -23.02
CA SER J 168 -17.45 -22.43 -22.96
CA SER J 168 -17.42 -22.41 -22.89
C SER J 168 -18.58 -21.86 -22.09
C SER J 168 -18.61 -21.81 -22.11
N ASN J 169 -19.75 -22.49 -22.11
CA ASN J 169 -20.92 -21.94 -21.42
C ASN J 169 -21.09 -22.38 -19.97
N LEU J 170 -20.10 -23.08 -19.43
CA LEU J 170 -20.33 -23.75 -18.16
C LEU J 170 -20.35 -22.82 -16.96
N SER J 171 -19.87 -21.59 -17.06
CA SER J 171 -19.95 -20.75 -15.86
C SER J 171 -21.08 -19.72 -15.94
N GLN J 172 -21.96 -19.86 -16.91
CA GLN J 172 -23.09 -18.94 -16.92
C GLN J 172 -24.02 -19.05 -15.70
N SER J 173 -24.27 -20.25 -15.21
CA SER J 173 -25.21 -20.42 -14.12
C SER J 173 -24.58 -20.23 -12.73
N SER J 174 -23.36 -20.74 -12.56
CA SER J 174 -22.59 -20.55 -11.32
C SER J 174 -21.09 -20.69 -11.57
N GLN J 175 -20.28 -20.42 -10.56
CA GLN J 175 -18.84 -20.47 -10.77
C GLN J 175 -18.36 -21.91 -10.96
N ILE J 176 -17.23 -22.08 -11.64
CA ILE J 176 -16.47 -23.34 -11.62
C ILE J 176 -15.47 -23.21 -10.48
N ASP J 177 -15.45 -24.16 -9.54
CA ASP J 177 -14.53 -24.04 -8.42
C ASP J 177 -13.11 -24.41 -8.83
N ILE J 178 -13.01 -25.52 -9.56
CA ILE J 178 -11.70 -26.11 -9.91
C ILE J 178 -11.71 -26.58 -11.35
N SER J 179 -10.66 -26.26 -12.10
CA SER J 179 -10.45 -26.82 -13.41
C SER J 179 -9.08 -27.53 -13.41
N LEU J 180 -8.99 -28.61 -14.17
CA LEU J 180 -7.86 -29.55 -14.17
C LEU J 180 -7.39 -29.66 -15.58
N SER J 181 -6.07 -29.54 -15.83
CA SER J 181 -5.56 -29.87 -17.16
C SER J 181 -4.18 -30.54 -16.99
N HIS J 182 -3.66 -31.14 -18.07
CA HIS J 182 -2.29 -31.67 -18.00
C HIS J 182 -1.20 -30.62 -18.29
N ASP J 183 -1.07 -30.18 -19.53
CA ASP J 183 -0.14 -29.05 -19.76
C ASP J 183 -0.71 -27.69 -19.26
N TRP J 184 0.18 -26.76 -18.94
CA TRP J 184 -0.21 -25.47 -18.39
C TRP J 184 -0.98 -24.64 -19.41
N PRO J 185 -1.87 -23.76 -18.92
CA PRO J 185 -2.52 -22.75 -19.76
C PRO J 185 -1.42 -21.85 -20.31
N GLN J 186 -1.35 -21.68 -21.63
CA GLN J 186 -0.31 -20.90 -22.25
C GLN J 186 -0.16 -19.54 -21.56
N GLY J 187 1.08 -19.12 -21.31
CA GLY J 187 1.31 -17.79 -20.75
C GLY J 187 1.29 -17.71 -19.24
N ILE J 188 0.55 -18.62 -18.59
CA ILE J 188 0.40 -18.53 -17.13
C ILE J 188 1.75 -18.55 -16.40
N VAL J 189 2.79 -19.01 -17.08
CA VAL J 189 4.11 -18.99 -16.46
C VAL J 189 4.51 -17.55 -16.07
N MET J 190 4.21 -16.58 -16.94
CA MET J 190 4.52 -15.16 -16.67
C MET J 190 3.81 -14.62 -15.41
N LYS J 191 2.74 -15.28 -14.97
CA LYS J 191 1.94 -14.75 -13.86
C LYS J 191 2.37 -15.12 -12.44
N GLY J 192 3.51 -15.79 -12.31
CA GLY J 192 4.07 -16.08 -11.00
C GLY J 192 5.56 -15.71 -11.03
N ASN J 193 6.33 -16.22 -10.07
CA ASN J 193 7.76 -15.90 -10.02
C ASN J 193 8.63 -16.68 -11.04
N TYR J 194 8.50 -16.35 -12.31
CA TYR J 194 9.21 -17.11 -13.34
C TYR J 194 10.76 -16.97 -13.30
N LYS J 195 11.26 -16.02 -12.52
CA LYS J 195 12.70 -15.91 -12.31
C LYS J 195 13.20 -17.07 -11.45
N GLN J 196 12.63 -17.14 -10.27
CA GLN J 196 12.77 -18.29 -9.38
C GLN J 196 12.61 -19.61 -10.17
N LEU J 197 11.56 -19.66 -11.00
CA LEU J 197 11.22 -20.86 -11.74
C LEU J 197 12.29 -21.24 -12.72
N TYR J 198 12.74 -20.25 -13.50
CA TYR J 198 13.77 -20.48 -14.50
C TYR J 198 15.11 -20.82 -13.84
N ARG J 199 15.25 -20.35 -12.60
CA ARG J 199 16.44 -20.59 -11.80
C ARG J 199 16.56 -22.09 -11.54
N PHE J 200 15.41 -22.73 -11.37
CA PHE J 200 15.31 -24.12 -10.94
C PHE J 200 14.97 -25.06 -12.10
N GLN J 201 14.68 -24.49 -13.25
CA GLN J 201 14.17 -25.26 -14.38
C GLN J 201 14.54 -24.52 -15.65
N PRO J 202 15.85 -24.38 -15.88
CA PRO J 202 16.36 -23.55 -16.99
C PRO J 202 15.79 -24.05 -18.33
N GLY J 203 15.29 -25.28 -18.35
CA GLY J 203 14.68 -25.80 -19.58
C GLY J 203 13.51 -24.97 -20.07
N PHE J 204 12.73 -24.44 -19.14
CA PHE J 204 11.47 -23.78 -19.45
C PHE J 204 11.74 -22.42 -20.08
N LYS J 205 12.76 -21.74 -19.59
CA LYS J 205 13.05 -20.38 -20.03
C LYS J 205 12.95 -20.25 -21.55
N LYS J 206 13.29 -21.31 -22.26
CA LYS J 206 13.43 -21.25 -23.71
C LYS J 206 12.13 -20.95 -24.46
N ASP J 207 11.01 -21.49 -23.98
CA ASP J 207 9.73 -21.26 -24.62
C ASP J 207 9.16 -19.96 -24.09
N GLY J 208 9.77 -19.48 -23.00
CA GLY J 208 9.32 -18.25 -22.36
C GLY J 208 7.81 -18.17 -22.26
N ALA J 209 7.23 -17.15 -22.87
CA ALA J 209 5.83 -16.86 -22.58
C ALA J 209 4.84 -17.59 -23.50
N SER J 210 5.37 -18.34 -24.46
CA SER J 210 4.52 -19.18 -25.32
C SER J 210 4.38 -20.60 -24.73
N LEU J 211 5.05 -20.86 -23.62
CA LEU J 211 5.00 -22.15 -22.92
C LEU J 211 3.54 -22.50 -22.62
N GLY J 212 3.06 -23.63 -23.12
CA GLY J 212 1.79 -24.14 -22.63
C GLY J 212 0.74 -24.28 -23.68
N SER J 213 -0.45 -24.69 -23.26
CA SER J 213 -1.56 -24.96 -24.17
C SER J 213 -2.41 -23.70 -24.42
N PRO J 214 -2.48 -23.27 -25.69
CA PRO J 214 -3.43 -22.20 -26.02
C PRO J 214 -4.86 -22.62 -25.73
N ILE J 215 -5.13 -23.91 -25.75
CA ILE J 215 -6.51 -24.37 -25.56
C ILE J 215 -6.87 -24.18 -24.09
N ASN J 216 -5.96 -24.56 -23.20
CA ASN J 216 -6.21 -24.41 -21.77
C ASN J 216 -6.21 -22.93 -21.32
N LYS J 217 -5.44 -22.10 -22.02
CA LYS J 217 -5.48 -20.65 -21.76
C LYS J 217 -6.88 -20.09 -22.06
N VAL J 218 -7.45 -20.47 -23.19
CA VAL J 218 -8.77 -19.96 -23.57
C VAL J 218 -9.82 -20.41 -22.54
N ILE J 219 -9.72 -21.66 -22.14
CA ILE J 219 -10.68 -22.18 -21.18
C ILE J 219 -10.46 -21.51 -19.85
N LEU J 220 -9.21 -21.22 -19.51
CA LEU J 220 -9.00 -20.56 -18.23
C LEU J 220 -9.65 -19.16 -18.27
N ASN J 221 -9.49 -18.44 -19.39
CA ASN J 221 -10.02 -17.07 -19.51
C ASN J 221 -11.52 -17.05 -19.71
N THR J 222 -12.07 -18.07 -20.34
CA THR J 222 -13.55 -18.21 -20.38
C THR J 222 -14.17 -18.51 -19.02
N LEU J 223 -13.68 -19.55 -18.36
CA LEU J 223 -14.39 -20.05 -17.17
C LEU J 223 -13.98 -19.39 -15.84
N LYS J 224 -12.77 -18.84 -15.79
CA LYS J 224 -12.22 -18.21 -14.57
C LYS J 224 -12.57 -18.93 -13.29
N PRO J 225 -12.09 -20.19 -13.17
CA PRO J 225 -12.39 -21.01 -11.97
C PRO J 225 -11.60 -20.47 -10.80
N LYS J 226 -12.08 -20.71 -9.58
CA LYS J 226 -11.32 -20.30 -8.42
C LYS J 226 -9.91 -20.85 -8.50
N TYR J 227 -9.76 -22.08 -9.05
CA TYR J 227 -8.46 -22.76 -9.14
C TYR J 227 -8.29 -23.43 -10.48
N TRP J 228 -7.06 -23.39 -11.00
CA TRP J 228 -6.68 -24.16 -12.17
C TRP J 228 -5.48 -24.96 -11.75
N ILE J 229 -5.52 -26.28 -11.90
CA ILE J 229 -4.41 -27.13 -11.41
C ILE J 229 -3.88 -27.94 -12.60
N SER J 230 -2.56 -28.01 -12.73
CA SER J 230 -1.95 -28.69 -13.86
C SER J 230 -0.73 -29.50 -13.44
N GLY J 231 -0.43 -30.52 -14.22
CA GLY J 231 0.76 -31.30 -14.00
C GLY J 231 1.75 -31.12 -15.13
N HIS J 232 2.14 -32.22 -15.73
CA HIS J 232 3.05 -32.24 -16.88
C HIS J 232 4.47 -31.73 -16.65
N MET J 233 4.62 -30.64 -15.90
CA MET J 233 5.90 -29.96 -15.81
C MET J 233 6.99 -30.59 -14.92
N HIS J 234 6.62 -31.09 -13.73
CA HIS J 234 7.64 -31.60 -12.81
C HIS J 234 8.27 -30.46 -11.99
N CYS J 235 7.40 -29.67 -11.38
CA CYS J 235 7.77 -28.63 -10.44
C CYS J 235 6.56 -28.24 -9.63
N GLU J 236 6.79 -27.46 -8.57
CA GLU J 236 5.71 -26.82 -7.86
C GLU J 236 5.69 -25.43 -8.48
N TYR J 237 4.55 -24.76 -8.46
CA TYR J 237 4.50 -23.41 -9.01
C TYR J 237 3.13 -22.86 -8.76
N HIS J 238 3.10 -21.56 -8.51
CA HIS J 238 1.88 -20.86 -8.13
C HIS J 238 1.84 -19.67 -9.06
N ALA J 239 0.65 -19.27 -9.49
CA ALA J 239 0.55 -18.03 -10.24
C ALA J 239 -0.87 -17.51 -10.16
N GLU J 240 -1.02 -16.23 -10.41
CA GLU J 240 -2.33 -15.59 -10.29
C GLU J 240 -2.75 -14.94 -11.60
N GLU J 241 -3.94 -15.30 -12.04
CA GLU J 241 -4.51 -14.76 -13.26
C GLU J 241 -5.93 -14.33 -12.94
N GLY J 242 -6.14 -13.02 -12.84
CA GLY J 242 -7.43 -12.53 -12.39
C GLY J 242 -7.83 -13.27 -11.14
N PRO J 243 -9.08 -13.71 -11.07
CA PRO J 243 -9.58 -14.41 -9.88
C PRO J 243 -9.16 -15.87 -9.81
N THR J 244 -8.33 -16.35 -10.74
CA THR J 244 -7.92 -17.75 -10.78
C THR J 244 -6.58 -17.97 -10.06
N HIS J 245 -6.59 -18.83 -9.04
CA HIS J 245 -5.36 -19.32 -8.43
C HIS J 245 -4.80 -20.49 -9.29
N PHE J 246 -3.67 -20.28 -9.97
CA PHE J 246 -3.02 -21.36 -10.72
C PHE J 246 -1.96 -22.10 -9.89
N ILE J 247 -2.01 -23.43 -9.94
CA ILE J 247 -1.10 -24.29 -9.17
C ILE J 247 -0.59 -25.40 -10.12
N ALA J 248 0.73 -25.56 -10.19
CA ALA J 248 1.35 -26.63 -10.97
C ALA J 248 1.99 -27.61 -9.99
N LEU J 249 1.91 -28.92 -10.29
CA LEU J 249 2.38 -29.95 -9.36
C LEU J 249 3.36 -30.89 -10.04
N GLY J 250 4.30 -31.46 -9.28
CA GLY J 250 5.30 -32.33 -9.86
C GLY J 250 4.87 -33.78 -9.88
N LYS J 251 5.83 -34.66 -10.11
CA LYS J 251 5.62 -36.09 -10.37
C LYS J 251 5.74 -36.96 -9.09
N ILE J 252 4.85 -37.94 -8.91
CA ILE J 252 4.93 -38.83 -7.74
C ILE J 252 6.36 -39.41 -7.65
N GLY J 253 6.87 -39.56 -6.42
CA GLY J 253 8.28 -39.86 -6.20
C GLY J 253 9.09 -38.62 -5.79
N TYR J 254 8.49 -37.44 -5.92
CA TYR J 254 9.11 -36.16 -5.45
C TYR J 254 8.18 -35.39 -4.51
N LYS J 255 8.75 -34.54 -3.66
CA LYS J 255 7.92 -33.92 -2.61
C LYS J 255 6.94 -32.88 -3.15
N ASN J 256 7.29 -32.29 -4.31
CA ASN J 256 6.43 -31.29 -4.96
C ASN J 256 5.27 -31.90 -5.76
N ALA J 257 5.03 -33.21 -5.57
CA ALA J 257 4.07 -33.95 -6.41
C ALA J 257 2.64 -33.85 -5.91
N ILE J 258 2.51 -33.68 -4.59
CA ILE J 258 1.21 -33.72 -3.94
C ILE J 258 1.05 -32.46 -3.11
N SER J 259 -0.17 -31.98 -3.00
CA SER J 259 -0.45 -30.81 -2.19
C SER J 259 -1.91 -30.93 -1.79
N TYR J 260 -2.44 -29.93 -1.10
CA TYR J 260 -3.78 -30.03 -0.54
C TYR J 260 -4.55 -28.73 -0.63
N LEU J 261 -5.82 -28.82 -1.01
CA LEU J 261 -6.76 -27.71 -0.99
C LEU J 261 -7.69 -27.85 0.21
N ASP J 262 -7.68 -26.86 1.09
CA ASP J 262 -8.61 -26.88 2.20
C ASP J 262 -9.75 -25.95 1.86
N LEU J 263 -10.86 -26.51 1.38
CA LEU J 263 -11.99 -25.74 0.87
C LEU J 263 -13.16 -25.80 1.83
N PRO J 264 -13.99 -24.75 1.81
CA PRO J 264 -15.22 -24.79 2.60
C PRO J 264 -16.14 -25.89 2.10
N LEU J 265 -16.88 -26.52 3.02
CA LEU J 265 -17.79 -27.61 2.69
C LEU J 265 -19.25 -27.28 3.03
N LYS J 266 -20.00 -26.81 2.03
CA LYS J 266 -21.44 -26.50 2.20
C LYS J 266 -22.13 -27.77 2.67
N GLN J 267 -22.10 -28.74 1.76
CA GLN J 267 -22.90 -29.94 1.79
C GLN J 267 -21.91 -31.06 1.51
N LYS J 268 -22.08 -32.20 2.17
CA LYS J 268 -21.36 -33.37 1.76
C LYS J 268 -22.25 -34.15 0.76
N THR J 269 -21.79 -34.28 -0.49
CA THR J 269 -22.60 -34.85 -1.56
C THR J 269 -21.84 -35.89 -2.40
N ASP J 270 -22.52 -36.95 -2.84
CA ASP J 270 -21.88 -37.95 -3.70
C ASP J 270 -21.46 -37.35 -5.03
N LEU J 271 -20.48 -37.96 -5.68
CA LEU J 271 -20.10 -37.58 -7.05
C LEU J 271 -21.33 -37.62 -7.98
N GLU J 272 -21.60 -36.52 -8.69
CA GLU J 272 -22.67 -36.47 -9.68
C GLU J 272 -22.25 -35.81 -11.00
N TYR J 273 -23.00 -36.12 -12.06
CA TYR J 273 -22.75 -35.43 -13.35
C TYR J 273 -23.24 -34.01 -13.11
N ASP J 274 -22.52 -33.02 -13.65
CA ASP J 274 -22.97 -31.63 -13.58
C ASP J 274 -24.13 -31.46 -14.54
N LYS J 275 -25.17 -30.72 -14.13
CA LYS J 275 -26.38 -30.72 -14.94
C LYS J 275 -26.17 -29.91 -16.22
N ASP J 276 -25.46 -28.79 -16.13
CA ASP J 276 -25.16 -28.06 -17.38
C ASP J 276 -24.32 -28.89 -18.38
N TRP J 277 -23.29 -29.56 -17.86
CA TRP J 277 -22.50 -30.45 -18.72
C TRP J 277 -23.41 -31.50 -19.40
N VAL J 278 -24.32 -32.11 -18.63
CA VAL J 278 -25.17 -33.14 -19.24
C VAL J 278 -25.98 -32.49 -20.38
N CYS J 279 -26.47 -31.28 -20.16
CA CYS J 279 -27.25 -30.66 -21.24
C CYS J 279 -26.40 -30.46 -22.50
N ASN J 280 -25.16 -30.01 -22.32
CA ASN J 280 -24.23 -29.89 -23.43
C ASN J 280 -23.97 -31.24 -24.10
N LEU J 281 -23.87 -32.28 -23.28
CA LEU J 281 -23.49 -33.58 -23.86
C LEU J 281 -24.62 -34.06 -24.78
N ILE J 282 -25.86 -33.94 -24.30
CA ILE J 282 -27.01 -34.34 -25.12
C ILE J 282 -27.17 -33.45 -26.34
N MET J 283 -27.13 -32.13 -26.16
CA MET J 283 -27.43 -31.26 -27.30
C MET J 283 -26.39 -31.34 -28.42
N THR J 284 -25.21 -31.89 -28.13
CA THR J 284 -24.18 -32.03 -29.15
C THR J 284 -24.20 -33.41 -29.84
N TRP J 285 -25.08 -34.28 -29.39
CA TRP J 285 -25.13 -35.65 -29.91
C TRP J 285 -24.95 -35.70 -31.46
N PRO J 286 -25.66 -34.81 -32.20
CA PRO J 286 -25.56 -34.98 -33.66
C PRO J 286 -24.10 -34.96 -34.17
N ALA J 287 -23.19 -34.22 -33.51
CA ALA J 287 -21.83 -34.09 -34.04
C ALA J 287 -21.04 -35.33 -33.64
N PHE J 288 -21.67 -36.15 -32.79
CA PHE J 288 -20.98 -37.32 -32.23
C PHE J 288 -21.64 -38.61 -32.67
N SER J 289 -22.59 -38.52 -33.60
CA SER J 289 -23.45 -39.66 -33.92
C SER J 289 -22.76 -40.77 -34.75
N ASN J 290 -21.60 -40.48 -35.34
CA ASN J 290 -20.89 -41.51 -36.08
C ASN J 290 -19.83 -42.11 -35.17
N LYS J 291 -20.07 -43.33 -34.67
CA LYS J 291 -19.16 -43.94 -33.67
C LYS J 291 -17.73 -44.13 -34.20
N ALA J 292 -17.55 -44.12 -35.51
CA ALA J 292 -16.23 -44.43 -36.09
C ALA J 292 -15.33 -43.20 -36.20
N GLN J 293 -15.95 -42.01 -36.23
CA GLN J 293 -15.19 -40.79 -36.34
C GLN J 293 -15.97 -39.61 -35.75
N PHE J 294 -15.39 -39.00 -34.71
CA PHE J 294 -16.09 -37.95 -33.98
C PHE J 294 -15.07 -36.99 -33.32
N PRO J 295 -15.48 -35.73 -33.07
CA PRO J 295 -16.76 -35.13 -33.54
C PRO J 295 -16.76 -34.89 -35.06
N ASP J 296 -17.97 -34.77 -35.63
CA ASP J 296 -18.11 -34.42 -37.05
C ASP J 296 -18.18 -32.89 -37.06
N LEU J 297 -17.08 -32.22 -37.41
CA LEU J 297 -17.05 -30.77 -37.29
C LEU J 297 -17.61 -30.04 -38.53
N SER J 298 -18.31 -30.78 -39.38
CA SER J 298 -19.17 -30.13 -40.36
C SER J 298 -20.25 -29.38 -39.55
N TYR J 299 -20.59 -29.93 -38.38
CA TYR J 299 -21.52 -29.25 -37.49
C TYR J 299 -20.74 -28.21 -36.72
N SER J 300 -21.44 -27.17 -36.25
CA SER J 300 -20.84 -26.21 -35.33
C SER J 300 -21.24 -26.59 -33.92
N ILE J 301 -20.29 -26.81 -33.03
CA ILE J 301 -20.66 -27.18 -31.67
C ILE J 301 -21.47 -26.02 -31.07
N SER J 302 -21.01 -24.80 -31.38
CA SER J 302 -21.63 -23.61 -30.78
C SER J 302 -23.09 -23.52 -31.18
N GLU J 303 -23.35 -23.73 -32.46
CA GLU J 303 -24.69 -23.70 -33.01
C GLU J 303 -25.55 -24.79 -32.35
N LEU J 304 -25.01 -26.00 -32.21
CA LEU J 304 -25.78 -27.06 -31.52
C LEU J 304 -26.16 -26.60 -30.12
N LEU J 305 -25.22 -25.98 -29.41
CA LEU J 305 -25.51 -25.59 -28.01
C LEU J 305 -26.45 -24.38 -27.92
N SER J 306 -26.52 -23.59 -28.99
CA SER J 306 -27.36 -22.40 -29.01
C SER J 306 -28.81 -22.81 -28.94
N LYS J 307 -29.04 -24.12 -29.09
CA LYS J 307 -30.41 -24.62 -29.14
C LYS J 307 -30.92 -24.94 -27.73
N ARG J 308 -30.04 -24.85 -26.74
CA ARG J 308 -30.45 -25.15 -25.37
C ARG J 308 -31.54 -24.16 -24.92
N THR J 309 -32.55 -24.65 -24.22
CA THR J 309 -33.50 -23.77 -23.58
C THR J 309 -33.75 -24.30 -22.19
N LYS J 310 -34.44 -23.50 -21.39
CA LYS J 310 -34.72 -23.90 -20.02
C LYS J 310 -35.59 -25.16 -19.97
N GLU J 311 -36.61 -25.20 -20.81
CA GLU J 311 -37.53 -26.33 -20.81
C GLU J 311 -36.90 -27.55 -21.46
N LEU J 312 -36.00 -27.31 -22.41
CA LEU J 312 -35.29 -28.44 -22.98
C LEU J 312 -34.32 -29.01 -21.91
N ASP J 313 -33.58 -28.12 -21.22
CA ASP J 313 -32.66 -28.58 -20.18
C ASP J 313 -33.41 -29.36 -19.10
N LYS J 314 -34.60 -28.90 -18.77
CA LYS J 314 -35.37 -29.55 -17.73
C LYS J 314 -35.71 -30.97 -18.18
N LYS J 315 -36.06 -31.11 -19.46
CA LYS J 315 -36.44 -32.42 -19.99
C LYS J 315 -35.20 -33.33 -20.00
N ILE J 316 -34.13 -32.83 -20.59
CA ILE J 316 -32.83 -33.54 -20.53
C ILE J 316 -32.45 -34.11 -19.15
N ILE J 317 -32.46 -33.27 -18.12
CA ILE J 317 -32.05 -33.71 -16.79
C ILE J 317 -33.04 -34.79 -16.29
N GLU J 318 -34.31 -34.59 -16.56
CA GLU J 318 -35.30 -35.59 -16.23
C GLU J 318 -35.01 -36.96 -16.88
N LEU J 319 -34.80 -36.99 -18.20
CA LEU J 319 -34.54 -38.26 -18.87
C LEU J 319 -33.15 -38.84 -18.52
N TRP J 320 -32.16 -37.98 -18.36
CA TRP J 320 -30.87 -38.49 -17.91
C TRP J 320 -31.06 -39.20 -16.60
N GLU J 321 -31.78 -38.54 -15.71
CA GLU J 321 -32.03 -39.11 -14.41
C GLU J 321 -32.66 -40.51 -14.49
N LYS J 322 -33.55 -40.70 -15.46
CA LYS J 322 -34.28 -41.94 -15.60
C LYS J 322 -33.38 -43.09 -16.12
N TYR J 323 -32.67 -42.81 -17.23
CA TYR J 323 -31.91 -43.80 -17.97
C TYR J 323 -30.52 -44.03 -17.38
N ILE J 324 -29.90 -42.97 -16.86
CA ILE J 324 -28.50 -43.02 -16.38
C ILE J 324 -28.33 -42.74 -14.90
N GLY J 325 -29.02 -41.70 -14.42
CA GLY J 325 -28.94 -41.33 -13.03
C GLY J 325 -27.93 -40.20 -12.82
N LEU J 326 -28.21 -39.31 -11.87
CA LEU J 326 -27.32 -38.15 -11.66
C LEU J 326 -26.08 -38.51 -10.86
N LYS J 327 -26.17 -39.58 -10.06
CA LYS J 327 -25.00 -40.05 -9.29
C LYS J 327 -24.08 -40.77 -10.27
N ILE J 328 -22.79 -40.47 -10.21
CA ILE J 328 -21.86 -41.20 -11.09
C ILE J 328 -21.49 -42.45 -10.30
N ILE J 329 -21.93 -43.60 -10.76
CA ILE J 329 -21.73 -44.81 -9.98
C ILE J 329 -20.77 -45.79 -10.63
N TYR J 330 -20.15 -46.63 -9.81
CA TYR J 330 -19.22 -47.63 -10.34
C TYR J 330 -19.95 -48.66 -11.24
N ASP J 331 -19.30 -49.00 -12.35
CA ASP J 331 -19.85 -49.82 -13.43
C ASP J 331 -18.62 -50.60 -13.89
N SER J 332 -18.68 -51.94 -13.86
CA SER J 332 -17.55 -52.81 -14.21
C SER J 332 -17.73 -53.53 -15.53
N ASP J 333 -18.61 -53.04 -16.40
CA ASP J 333 -18.60 -53.53 -17.78
C ASP J 333 -17.28 -53.13 -18.47
N THR J 334 -16.88 -53.87 -19.49
CA THR J 334 -15.60 -53.56 -20.15
C THR J 334 -15.75 -52.21 -20.81
N PHE J 335 -14.63 -51.55 -21.13
CA PHE J 335 -14.76 -50.17 -21.53
C PHE J 335 -15.43 -50.02 -22.90
N ASP J 336 -15.29 -51.02 -23.76
CA ASP J 336 -15.90 -50.97 -25.10
C ASP J 336 -17.43 -51.07 -25.01
N ILE J 337 -17.88 -51.85 -24.02
CA ILE J 337 -19.31 -51.97 -23.73
C ILE J 337 -19.77 -50.64 -23.16
N GLN J 338 -19.00 -50.07 -22.23
CA GLN J 338 -19.37 -48.82 -21.63
C GLN J 338 -19.50 -47.74 -22.66
N PHE J 339 -18.59 -47.73 -23.64
CA PHE J 339 -18.59 -46.72 -24.72
C PHE J 339 -19.95 -46.75 -25.39
N THR J 340 -20.33 -47.95 -25.81
CA THR J 340 -21.58 -48.19 -26.54
C THR J 340 -22.83 -47.84 -25.74
N SER J 341 -22.78 -48.14 -24.46
CA SER J 341 -23.93 -47.98 -23.59
C SER J 341 -24.17 -46.49 -23.31
N ARG J 342 -23.12 -45.74 -22.98
CA ARG J 342 -23.34 -44.32 -22.68
C ARG J 342 -23.82 -43.59 -23.93
N ARG J 343 -23.27 -43.94 -25.08
CA ARG J 343 -23.68 -43.26 -26.30
C ARG J 343 -25.14 -43.61 -26.62
N PHE J 344 -25.54 -44.84 -26.26
CA PHE J 344 -26.89 -45.30 -26.53
C PHE J 344 -27.89 -44.42 -25.82
N TYR J 345 -27.68 -44.22 -24.52
CA TYR J 345 -28.59 -43.35 -23.77
C TYR J 345 -28.53 -41.88 -24.15
N ILE J 346 -27.36 -41.42 -24.58
CA ILE J 346 -27.27 -40.03 -25.03
C ILE J 346 -28.15 -39.82 -26.26
N GLU J 347 -27.98 -40.71 -27.23
CA GLU J 347 -28.78 -40.71 -28.44
C GLU J 347 -30.27 -40.88 -28.11
N LYS J 348 -30.59 -41.82 -27.23
CA LYS J 348 -31.98 -42.03 -26.86
C LYS J 348 -32.59 -40.74 -26.34
N ILE J 349 -31.91 -40.12 -25.38
CA ILE J 349 -32.38 -38.87 -24.78
C ILE J 349 -32.49 -37.74 -25.83
N TYR J 350 -31.45 -37.59 -26.63
CA TYR J 350 -31.51 -36.56 -27.69
C TYR J 350 -32.76 -36.76 -28.58
N ASN J 351 -32.98 -37.99 -29.04
CA ASN J 351 -34.13 -38.28 -29.90
C ASN J 351 -35.51 -38.07 -29.25
N GLU J 352 -35.61 -38.22 -27.94
CA GLU J 352 -36.87 -38.01 -27.25
C GLU J 352 -37.21 -36.53 -27.07
N LEU J 353 -36.24 -35.66 -27.30
CA LEU J 353 -36.48 -34.24 -27.24
C LEU J 353 -37.34 -33.83 -28.43
N ASN J 354 -37.26 -34.63 -29.49
CA ASN J 354 -37.89 -34.32 -30.77
C ASN J 354 -37.55 -32.93 -31.26
N ILE J 355 -36.31 -32.75 -31.69
CA ILE J 355 -35.88 -31.51 -32.29
C ILE J 355 -35.85 -31.66 -33.80
N GLN M 7 -25.95 27.09 -41.09
CA GLN M 7 -25.29 27.00 -39.79
C GLN M 7 -24.53 25.69 -39.56
N ILE M 8 -23.36 25.78 -38.91
CA ILE M 8 -22.56 24.58 -38.61
C ILE M 8 -22.07 24.48 -37.15
N GLN M 9 -22.14 23.27 -36.59
CA GLN M 9 -21.65 23.01 -35.22
C GLN M 9 -20.25 22.41 -35.26
N HIS M 10 -19.39 22.86 -34.34
CA HIS M 10 -18.05 22.29 -34.22
C HIS M 10 -18.00 21.37 -33.00
N ILE M 11 -17.68 20.11 -33.24
CA ILE M 11 -17.73 19.07 -32.22
C ILE M 11 -16.35 18.48 -32.02
N ALA M 12 -15.77 18.73 -30.85
CA ALA M 12 -14.46 18.13 -30.51
C ALA M 12 -14.59 16.62 -30.38
N ILE M 13 -13.65 15.91 -31.02
CA ILE M 13 -13.60 14.46 -30.88
C ILE M 13 -12.27 14.01 -30.30
N VAL M 14 -12.34 13.11 -29.31
CA VAL M 14 -11.19 12.80 -28.44
C VAL M 14 -10.99 11.29 -28.33
N GLY M 15 -9.73 10.87 -28.42
CA GLY M 15 -9.37 9.48 -28.28
C GLY M 15 -9.34 9.14 -26.79
N SER M 16 -8.31 8.45 -26.34
CA SER M 16 -8.27 8.03 -24.94
C SER M 16 -7.90 9.17 -23.99
N VAL M 17 -8.74 9.39 -22.96
CA VAL M 17 -8.49 10.45 -21.98
C VAL M 17 -7.46 10.01 -20.93
N HIS M 18 -7.52 8.75 -20.51
N HIS M 18 -7.61 8.79 -20.42
CA HIS M 18 -6.59 8.21 -19.51
CA HIS M 18 -6.59 8.25 -19.54
C HIS M 18 -6.37 9.15 -18.30
C HIS M 18 -6.39 9.14 -18.30
N GLY M 19 -7.47 9.69 -17.77
CA GLY M 19 -7.39 10.53 -16.58
C GLY M 19 -6.75 11.90 -16.75
N LYS M 20 -6.57 12.39 -17.97
CA LYS M 20 -5.91 13.69 -18.18
C LYS M 20 -6.96 14.70 -18.47
N TYR M 21 -7.94 14.86 -17.57
CA TYR M 21 -8.98 15.84 -17.81
C TYR M 21 -8.49 17.30 -17.89
N ARG M 22 -7.65 17.73 -16.97
CA ARG M 22 -7.26 19.15 -17.01
C ARG M 22 -6.53 19.49 -18.32
N GLU M 23 -5.72 18.56 -18.81
CA GLU M 23 -4.93 18.75 -20.04
C GLU M 23 -5.84 18.74 -21.29
N MET M 24 -6.83 17.86 -21.30
CA MET M 24 -7.77 17.81 -22.42
C MET M 24 -8.50 19.17 -22.58
N TYR M 25 -9.13 19.64 -21.51
CA TYR M 25 -9.95 20.85 -21.60
C TYR M 25 -9.05 22.07 -21.88
N ARG M 26 -7.86 22.06 -21.29
CA ARG M 26 -6.86 23.07 -21.58
C ARG M 26 -6.72 23.15 -23.10
N GLN M 27 -6.40 22.02 -23.74
CA GLN M 27 -6.22 21.94 -25.21
C GLN M 27 -7.43 22.42 -25.98
N LEU M 28 -8.60 21.90 -25.58
CA LEU M 28 -9.84 22.27 -26.22
C LEU M 28 -10.05 23.79 -26.22
N SER M 29 -9.70 24.44 -25.12
CA SER M 29 -9.82 25.90 -24.99
C SER M 29 -8.90 26.66 -25.95
N GLU M 30 -7.67 26.18 -26.06
CA GLU M 30 -6.75 26.70 -27.07
C GLU M 30 -7.43 26.80 -28.44
N TYR M 31 -7.79 25.65 -28.99
CA TYR M 31 -8.54 25.60 -30.21
C TYR M 31 -9.55 26.73 -30.26
N GLU M 32 -10.45 26.81 -29.28
CA GLU M 32 -11.50 27.85 -29.33
C GLU M 32 -10.93 29.24 -29.56
N LYS M 33 -9.85 29.55 -28.85
CA LYS M 33 -9.17 30.84 -28.99
C LYS M 33 -8.45 31.00 -30.31
N SER M 34 -7.66 30.00 -30.68
CA SER M 34 -6.93 30.02 -31.93
C SER M 34 -7.88 30.18 -33.11
N THR M 35 -8.88 29.30 -33.19
CA THR M 35 -9.73 29.20 -34.37
C THR M 35 -10.85 30.22 -34.34
N GLY M 36 -11.02 30.87 -33.18
CA GLY M 36 -12.23 31.64 -32.92
C GLY M 36 -13.51 30.82 -32.89
N LYS M 37 -13.44 29.56 -33.30
CA LYS M 37 -14.65 28.74 -33.39
C LYS M 37 -15.11 28.28 -31.99
N GLU M 38 -16.40 28.02 -31.84
CA GLU M 38 -16.91 27.61 -30.55
C GLU M 38 -17.28 26.12 -30.59
N ILE M 39 -16.88 25.42 -29.54
CA ILE M 39 -17.16 24.00 -29.41
C ILE M 39 -18.61 23.82 -28.91
N SER M 40 -19.43 23.12 -29.70
CA SER M 40 -20.80 22.84 -29.26
C SER M 40 -20.77 21.86 -28.10
N PHE M 41 -19.96 20.80 -28.26
CA PHE M 41 -19.82 19.75 -27.23
C PHE M 41 -18.63 18.85 -27.57
N VAL M 42 -18.34 17.89 -26.69
CA VAL M 42 -17.16 17.04 -26.83
C VAL M 42 -17.58 15.57 -26.77
N ILE M 43 -16.93 14.74 -27.57
CA ILE M 43 -17.19 13.32 -27.59
C ILE M 43 -15.85 12.66 -27.26
N CYS M 44 -15.84 11.74 -26.31
CA CYS M 44 -14.62 11.00 -25.99
C CYS M 44 -14.87 9.55 -26.22
N THR M 45 -13.90 8.88 -26.83
CA THR M 45 -14.08 7.47 -27.18
C THR M 45 -13.50 6.50 -26.13
N GLY M 46 -13.34 6.96 -24.88
CA GLY M 46 -13.10 5.99 -23.83
C GLY M 46 -11.78 6.06 -23.06
N ASP M 47 -11.56 5.03 -22.24
CA ASP M 47 -10.46 5.06 -21.25
C ASP M 47 -10.57 6.27 -20.30
N MET M 48 -11.79 6.48 -19.78
CA MET M 48 -12.16 7.68 -19.01
C MET M 48 -11.64 7.73 -17.57
N GLN M 49 -11.35 6.56 -16.99
CA GLN M 49 -10.72 6.50 -15.67
C GLN M 49 -11.49 7.34 -14.63
N THR M 50 -12.82 7.16 -14.58
CA THR M 50 -13.62 8.01 -13.73
C THR M 50 -13.61 7.48 -12.29
N LEU M 51 -12.44 7.53 -11.69
CA LEU M 51 -12.27 7.11 -10.31
C LEU M 51 -12.74 8.24 -9.39
N ARG M 52 -13.82 8.01 -8.63
CA ARG M 52 -14.41 8.97 -7.70
C ARG M 52 -13.52 9.26 -6.52
N TYR M 53 -12.96 8.21 -5.93
CA TYR M 53 -12.09 8.35 -4.77
C TYR M 53 -11.17 7.12 -4.70
N GLU M 54 -10.24 7.06 -3.73
CA GLU M 54 -9.23 6.00 -3.66
C GLU M 54 -9.76 4.58 -3.77
N ALA M 55 -10.87 4.32 -3.07
CA ALA M 55 -11.48 3.00 -3.07
C ALA M 55 -11.74 2.48 -4.49
N ASP M 56 -12.04 3.36 -5.43
CA ASP M 56 -12.35 2.90 -6.78
C ASP M 56 -11.14 2.27 -7.54
N LEU M 57 -9.92 2.54 -7.07
CA LEU M 57 -8.71 1.95 -7.72
C LEU M 57 -8.80 0.46 -7.93
N VAL M 58 -9.52 -0.19 -7.02
CA VAL M 58 -9.80 -1.63 -7.08
C VAL M 58 -10.36 -2.07 -8.44
N TYR M 59 -11.01 -1.15 -9.14
CA TYR M 59 -11.77 -1.54 -10.34
C TYR M 59 -11.08 -1.04 -11.61
N LEU M 60 -9.92 -0.43 -11.43
CA LEU M 60 -9.09 -0.08 -12.56
C LEU M 60 -8.18 -1.24 -12.95
N LYS M 61 -8.37 -1.83 -14.12
CA LYS M 61 -7.58 -3.00 -14.50
C LYS M 61 -6.30 -2.53 -15.20
N VAL M 62 -5.25 -2.45 -14.38
CA VAL M 62 -3.94 -2.02 -14.75
C VAL M 62 -2.93 -2.77 -13.89
N PRO M 63 -1.69 -2.87 -14.40
CA PRO M 63 -0.57 -3.36 -13.59
C PRO M 63 -0.26 -2.32 -12.53
N PRO M 64 0.32 -2.76 -11.43
CA PRO M 64 0.49 -1.87 -10.28
C PRO M 64 1.02 -0.48 -10.66
N LYS M 65 2.00 -0.41 -11.57
CA LYS M 65 2.65 0.87 -11.86
C LYS M 65 1.67 1.95 -12.33
N TYR M 66 0.54 1.53 -12.88
CA TYR M 66 -0.47 2.48 -13.38
C TYR M 66 -1.68 2.66 -12.47
N LYS M 67 -1.56 2.17 -11.22
CA LYS M 67 -2.63 2.32 -10.22
C LYS M 67 -2.60 3.73 -9.64
N GLN M 68 -3.17 4.67 -10.39
CA GLN M 68 -3.10 6.09 -10.09
C GLN M 68 -4.47 6.74 -10.25
N MET M 69 -4.76 7.81 -9.52
CA MET M 69 -6.10 8.42 -9.56
C MET M 69 -6.41 9.22 -10.83
N GLY M 70 -5.37 9.82 -11.42
CA GLY M 70 -5.63 10.82 -12.43
C GLY M 70 -6.50 12.00 -11.93
N ASP M 71 -7.05 12.74 -12.87
CA ASP M 71 -7.74 14.02 -12.63
C ASP M 71 -9.21 13.90 -12.27
N PHE M 72 -9.82 12.73 -12.53
CA PHE M 72 -11.27 12.74 -12.58
C PHE M 72 -11.85 13.25 -11.26
N HIS M 73 -11.30 12.80 -10.16
CA HIS M 73 -11.88 13.12 -8.84
C HIS M 73 -12.00 14.63 -8.58
N LEU M 74 -11.11 15.40 -9.17
CA LEU M 74 -11.15 16.87 -9.08
C LEU M 74 -12.47 17.40 -9.64
N TYR M 75 -12.93 16.82 -10.74
CA TYR M 75 -14.21 17.25 -11.30
C TYR M 75 -15.36 16.71 -10.46
N TYR M 76 -15.20 15.49 -10.03
CA TYR M 76 -16.23 14.84 -9.24
C TYR M 76 -16.44 15.61 -7.93
N GLU M 77 -15.33 16.06 -7.32
CA GLU M 77 -15.41 16.88 -6.09
C GLU M 77 -15.92 18.32 -6.32
N GLY M 78 -15.83 18.83 -7.56
CA GLY M 78 -16.26 20.20 -7.81
C GLY M 78 -15.12 21.20 -7.77
N LYS M 79 -13.90 20.73 -7.51
CA LYS M 79 -12.71 21.59 -7.59
C LYS M 79 -12.44 22.05 -9.00
N GLU M 80 -12.70 21.19 -9.97
CA GLU M 80 -12.61 21.62 -11.36
C GLU M 80 -14.00 21.41 -11.92
N LYS M 81 -14.31 22.10 -13.02
CA LYS M 81 -15.64 21.99 -13.62
C LYS M 81 -15.44 21.93 -15.11
N ALA M 82 -16.12 20.99 -15.78
CA ALA M 82 -15.89 20.81 -17.21
C ALA M 82 -16.52 21.98 -17.95
N PRO M 83 -15.74 22.68 -18.80
CA PRO M 83 -16.32 23.83 -19.52
C PRO M 83 -17.19 23.44 -20.72
N TYR M 84 -17.21 22.17 -21.09
CA TYR M 84 -18.07 21.75 -22.20
C TYR M 84 -18.81 20.48 -21.84
N LEU M 85 -20.01 20.32 -22.39
CA LEU M 85 -20.73 19.07 -22.18
C LEU M 85 -19.93 18.00 -22.88
N THR M 86 -19.60 16.95 -22.13
CA THR M 86 -18.70 15.92 -22.63
C THR M 86 -19.42 14.55 -22.62
N LEU M 87 -19.59 13.96 -23.80
CA LEU M 87 -20.26 12.65 -23.91
C LEU M 87 -19.21 11.57 -24.09
N PHE M 88 -19.40 10.41 -23.48
CA PHE M 88 -18.36 9.40 -23.62
C PHE M 88 -18.88 8.02 -23.48
N ILE M 89 -18.05 7.07 -23.91
CA ILE M 89 -18.26 5.65 -23.69
C ILE M 89 -17.09 5.12 -22.91
N GLY M 90 -17.25 3.88 -22.45
CA GLY M 90 -16.21 3.25 -21.64
C GLY M 90 -15.22 2.52 -22.53
N GLY M 91 -13.97 2.42 -22.07
CA GLY M 91 -13.03 1.60 -22.80
C GLY M 91 -12.59 0.45 -21.93
N ASN M 92 -11.27 0.27 -21.84
CA ASN M 92 -10.72 -0.83 -21.06
C ASN M 92 -10.00 -0.32 -19.80
N HIS M 93 -9.78 0.97 -19.70
N HIS M 93 -9.74 0.98 -19.73
CA HIS M 93 -9.19 1.59 -18.56
CA HIS M 93 -9.20 1.52 -18.47
C HIS M 93 -10.26 2.43 -17.89
C HIS M 93 -10.21 2.44 -17.85
N GLU M 94 -10.94 1.87 -16.90
CA GLU M 94 -12.11 2.55 -16.31
C GLU M 94 -12.25 2.20 -14.86
N SER M 95 -13.03 3.02 -14.15
CA SER M 95 -13.55 2.65 -12.84
C SER M 95 -14.80 1.85 -13.19
N SER M 96 -14.59 0.57 -13.49
CA SER M 96 -15.64 -0.28 -14.09
C SER M 96 -16.89 -0.42 -13.19
N ASN M 97 -16.68 -0.34 -11.88
CA ASN M 97 -17.80 -0.40 -10.97
C ASN M 97 -18.74 0.80 -11.19
N VAL M 98 -18.16 1.99 -11.37
CA VAL M 98 -18.96 3.19 -11.65
C VAL M 98 -19.79 3.03 -12.92
N LEU M 99 -19.15 2.55 -13.97
CA LEU M 99 -19.84 2.37 -15.25
C LEU M 99 -20.96 1.31 -15.18
N LEU M 100 -20.76 0.28 -14.36
CA LEU M 100 -21.77 -0.76 -14.18
C LEU M 100 -23.02 -0.19 -13.47
N HIS M 101 -22.83 0.57 -12.37
CA HIS M 101 -23.99 1.26 -11.76
C HIS M 101 -24.71 2.09 -12.85
N LEU M 102 -23.94 2.67 -13.76
CA LEU M 102 -24.53 3.57 -14.75
C LEU M 102 -24.71 2.87 -16.10
N TYR M 103 -24.99 1.55 -16.09
CA TYR M 103 -25.02 0.82 -17.34
C TYR M 103 -26.14 1.36 -18.24
N ASN M 104 -27.12 2.02 -17.61
CA ASN M 104 -28.21 2.68 -18.38
C ASN M 104 -27.91 4.18 -18.67
N GLY M 105 -26.62 4.53 -18.69
CA GLY M 105 -26.15 5.88 -18.95
C GLY M 105 -26.23 6.76 -17.70
N GLY M 106 -25.51 7.88 -17.67
CA GLY M 106 -25.69 8.80 -16.53
C GLY M 106 -24.59 9.84 -16.47
N PHE M 107 -24.85 10.94 -15.78
CA PHE M 107 -23.77 11.87 -15.47
C PHE M 107 -22.88 11.36 -14.35
N VAL M 108 -21.57 11.37 -14.60
CA VAL M 108 -20.60 11.02 -13.54
C VAL M 108 -20.23 12.28 -12.75
N CYS M 109 -20.52 13.42 -13.32
CA CYS M 109 -20.31 14.70 -12.68
C CYS M 109 -20.77 15.74 -13.66
N PHE M 110 -20.83 16.98 -13.21
CA PHE M 110 -21.39 18.02 -14.04
C PHE M 110 -20.70 18.02 -15.39
N ASN M 111 -21.52 18.03 -16.45
CA ASN M 111 -21.05 18.13 -17.83
C ASN M 111 -20.38 16.87 -18.44
N MET M 112 -20.38 15.77 -17.70
CA MET M 112 -19.79 14.54 -18.22
C MET M 112 -20.79 13.41 -18.25
N TYR M 113 -21.26 13.08 -19.45
CA TYR M 113 -22.37 12.15 -19.59
C TYR M 113 -21.87 10.84 -20.17
N TYR M 114 -22.12 9.79 -19.42
CA TYR M 114 -21.78 8.45 -19.91
C TYR M 114 -22.97 7.82 -20.65
N LEU M 115 -22.71 7.32 -21.86
CA LEU M 115 -23.76 6.64 -22.65
C LEU M 115 -24.17 5.24 -22.21
N GLY M 116 -23.50 4.67 -21.21
CA GLY M 116 -23.92 3.36 -20.72
C GLY M 116 -23.22 2.20 -21.46
N VAL M 117 -23.62 0.96 -21.19
CA VAL M 117 -23.12 -0.16 -21.99
C VAL M 117 -23.27 0.16 -23.48
N CYS M 118 -24.46 0.62 -23.83
CA CYS M 118 -24.76 1.10 -25.17
C CYS M 118 -26.04 1.93 -25.11
N SER M 119 -26.17 2.86 -26.04
CA SER M 119 -27.37 3.66 -26.16
C SER M 119 -27.29 4.59 -27.35
N CYS M 120 -28.38 5.32 -27.57
CA CYS M 120 -28.42 6.36 -28.58
C CYS M 120 -28.97 7.62 -27.92
N ILE M 121 -28.32 8.74 -28.13
CA ILE M 121 -28.79 9.98 -27.55
C ILE M 121 -29.10 10.91 -28.70
N ASN M 122 -29.71 12.05 -28.41
CA ASN M 122 -29.97 13.07 -29.41
C ASN M 122 -29.33 14.36 -28.98
N ILE M 123 -28.70 15.04 -29.91
CA ILE M 123 -28.21 16.37 -29.63
C ILE M 123 -28.07 17.18 -30.93
N ASN M 124 -28.59 18.40 -30.92
CA ASN M 124 -28.56 19.26 -32.10
C ASN M 124 -28.93 18.59 -33.43
N GLY M 125 -30.04 17.87 -33.47
CA GLY M 125 -30.42 17.18 -34.69
C GLY M 125 -29.69 15.87 -34.96
N LEU M 126 -28.72 15.50 -34.11
CA LEU M 126 -27.94 14.27 -34.37
C LEU M 126 -28.39 13.10 -33.53
N ARG M 127 -28.25 11.91 -34.12
CA ARG M 127 -28.53 10.70 -33.40
C ARG M 127 -27.16 10.03 -33.21
N ILE M 128 -26.82 9.65 -31.97
CA ILE M 128 -25.45 9.24 -31.67
C ILE M 128 -25.46 7.99 -30.84
N VAL M 129 -24.79 6.96 -31.36
CA VAL M 129 -24.75 5.66 -30.74
C VAL M 129 -23.36 5.47 -30.10
N GLY M 130 -23.34 4.85 -28.92
CA GLY M 130 -22.09 4.54 -28.24
C GLY M 130 -22.13 3.06 -27.91
N VAL M 131 -20.98 2.41 -28.08
CA VAL M 131 -20.77 1.02 -27.71
C VAL M 131 -19.52 0.97 -26.87
N SER M 132 -19.71 0.58 -25.60
CA SER M 132 -18.62 0.59 -24.63
C SER M 132 -17.79 -0.72 -24.58
N GLY M 133 -16.56 -0.64 -24.06
CA GLY M 133 -15.79 -1.85 -23.81
C GLY M 133 -14.79 -2.15 -24.94
N ILE M 134 -13.99 -3.17 -24.72
CA ILE M 134 -13.26 -3.78 -25.82
C ILE M 134 -13.61 -5.25 -25.92
N TYR M 135 -13.35 -5.83 -27.08
CA TYR M 135 -13.77 -7.20 -27.35
C TYR M 135 -12.79 -8.25 -26.87
N LYS M 136 -13.33 -9.26 -26.15
CA LYS M 136 -12.66 -10.54 -25.90
C LYS M 136 -13.72 -11.62 -26.13
N SER M 137 -13.48 -12.52 -27.09
CA SER M 137 -14.49 -13.57 -27.41
C SER M 137 -14.84 -14.37 -26.16
N PHE M 138 -13.86 -14.60 -25.30
CA PHE M 138 -14.12 -15.42 -24.15
C PHE M 138 -15.10 -14.79 -23.15
N ASP M 139 -15.37 -13.47 -23.26
CA ASP M 139 -16.33 -12.86 -22.35
C ASP M 139 -17.56 -12.31 -23.04
N GLU M 140 -17.72 -12.58 -24.32
CA GLU M 140 -18.80 -11.84 -25.01
C GLU M 140 -20.21 -12.35 -24.67
N LYS M 141 -20.28 -13.52 -24.05
CA LYS M 141 -21.54 -14.19 -23.78
C LYS M 141 -21.82 -14.18 -22.27
N LYS M 142 -21.01 -13.45 -21.54
CA LYS M 142 -21.11 -13.52 -20.09
C LYS M 142 -22.09 -12.43 -19.63
N PRO M 143 -22.96 -12.74 -18.65
CA PRO M 143 -23.84 -11.67 -18.18
C PRO M 143 -23.07 -10.70 -17.26
N TYR M 144 -23.71 -9.59 -16.91
CA TYR M 144 -23.20 -8.73 -15.86
C TYR M 144 -23.79 -9.23 -14.54
N THR M 145 -22.99 -9.24 -13.48
CA THR M 145 -23.53 -9.54 -12.16
C THR M 145 -23.45 -8.28 -11.32
N TYR M 146 -24.38 -8.15 -10.37
CA TYR M 146 -24.53 -6.87 -9.66
C TYR M 146 -24.91 -7.15 -8.24
N PRO M 147 -24.38 -6.35 -7.28
CA PRO M 147 -23.48 -5.20 -7.36
C PRO M 147 -22.06 -5.59 -7.78
N PRO M 148 -21.26 -4.61 -8.17
CA PRO M 148 -19.89 -4.86 -8.63
C PRO M 148 -19.12 -5.62 -7.59
N SER M 149 -18.33 -6.60 -8.00
CA SER M 149 -17.41 -7.31 -7.10
C SER M 149 -15.95 -7.13 -7.62
N PRO M 150 -14.98 -7.10 -6.70
CA PRO M 150 -13.59 -6.85 -7.12
C PRO M 150 -13.09 -7.91 -8.10
N ASN M 151 -13.56 -9.14 -7.96
CA ASN M 151 -13.20 -10.20 -8.91
C ASN M 151 -13.72 -9.94 -10.31
N ASP M 152 -14.46 -8.85 -10.49
CA ASP M 152 -15.03 -8.58 -11.79
C ASP M 152 -14.11 -7.64 -12.55
N VAL M 153 -13.01 -7.21 -11.92
CA VAL M 153 -12.21 -6.14 -12.48
C VAL M 153 -11.71 -6.49 -13.88
N VAL M 154 -11.46 -7.79 -14.10
CA VAL M 154 -10.82 -8.22 -15.34
C VAL M 154 -11.80 -8.43 -16.49
N SER M 155 -13.09 -8.50 -16.17
CA SER M 155 -14.14 -8.78 -17.16
C SER M 155 -15.18 -7.66 -17.38
N LEU M 156 -15.32 -6.72 -16.46
CA LEU M 156 -16.47 -5.78 -16.57
C LEU M 156 -16.43 -4.98 -17.87
N PHE M 157 -15.23 -4.67 -18.34
CA PHE M 157 -15.11 -3.80 -19.50
C PHE M 157 -15.08 -4.53 -20.85
N HIS M 158 -15.37 -5.83 -20.85
CA HIS M 158 -15.44 -6.56 -22.11
C HIS M 158 -16.83 -6.46 -22.75
N THR M 159 -16.86 -6.08 -24.02
CA THR M 159 -18.10 -5.83 -24.72
C THR M 159 -18.91 -7.14 -24.81
N ARG M 160 -20.18 -7.07 -24.45
CA ARG M 160 -21.08 -8.20 -24.59
C ARG M 160 -21.68 -8.26 -25.96
N ASN M 161 -21.91 -9.46 -26.47
CA ASN M 161 -22.52 -9.64 -27.79
C ASN M 161 -23.98 -9.10 -27.86
N TYR M 162 -24.70 -9.22 -26.75
CA TYR M 162 -26.10 -8.81 -26.74
C TYR M 162 -26.32 -7.38 -27.23
N VAL M 163 -25.31 -6.50 -27.12
CA VAL M 163 -25.51 -5.09 -27.51
C VAL M 163 -25.91 -4.97 -29.00
N ILE M 164 -25.53 -5.99 -29.76
CA ILE M 164 -25.85 -6.03 -31.17
C ILE M 164 -27.38 -6.05 -31.34
N GLN M 165 -28.04 -6.93 -30.60
CA GLN M 165 -29.50 -7.04 -30.65
C GLN M 165 -30.22 -5.82 -30.06
N MET M 166 -29.64 -5.19 -29.02
CA MET M 166 -30.17 -3.91 -28.48
C MET M 166 -30.14 -2.79 -29.49
N LEU M 167 -29.15 -2.83 -30.38
CA LEU M 167 -28.88 -1.64 -31.20
C LEU M 167 -29.35 -1.79 -32.63
N SER M 168 -29.54 -3.04 -33.05
CA SER M 168 -29.70 -3.34 -34.49
C SER M 168 -30.84 -2.56 -35.17
N ASN M 169 -31.99 -2.43 -34.50
CA ASN M 169 -33.12 -1.75 -35.16
C ASN M 169 -33.10 -0.23 -35.13
N LEU M 170 -31.98 0.40 -34.74
CA LEU M 170 -32.00 1.87 -34.49
C LEU M 170 -31.98 2.75 -35.73
N SER M 171 -31.66 2.13 -36.85
CA SER M 171 -31.52 2.80 -38.15
C SER M 171 -32.84 2.78 -38.93
N GLN M 172 -33.82 2.02 -38.46
CA GLN M 172 -35.03 1.73 -39.26
C GLN M 172 -35.79 2.99 -39.68
N SER M 173 -35.89 3.95 -38.76
CA SER M 173 -36.77 5.10 -38.96
C SER M 173 -36.03 6.39 -39.35
N SER M 174 -34.78 6.48 -38.92
CA SER M 174 -33.87 7.45 -39.50
C SER M 174 -32.46 6.91 -39.35
N GLN M 175 -31.52 7.57 -39.98
CA GLN M 175 -30.14 7.13 -39.98
C GLN M 175 -29.52 7.47 -38.63
N ILE M 176 -28.35 6.87 -38.35
CA ILE M 176 -27.54 7.30 -37.20
C ILE M 176 -26.46 8.23 -37.72
N ASP M 177 -26.27 9.41 -37.10
CA ASP M 177 -25.23 10.32 -37.56
C ASP M 177 -23.82 9.88 -37.13
N ILE M 178 -23.66 9.51 -35.86
CA ILE M 178 -22.33 9.11 -35.38
C ILE M 178 -22.44 7.91 -34.47
N SER M 179 -21.48 7.01 -34.57
CA SER M 179 -21.38 5.89 -33.63
C SER M 179 -20.01 5.93 -32.97
N LEU M 180 -19.94 5.68 -31.66
CA LEU M 180 -18.66 5.69 -30.91
C LEU M 180 -18.32 4.31 -30.39
N SER M 181 -17.05 3.94 -30.42
CA SER M 181 -16.63 2.65 -29.87
C SER M 181 -15.24 2.85 -29.32
N HIS M 182 -14.78 1.91 -28.50
CA HIS M 182 -13.41 2.00 -28.02
C HIS M 182 -12.45 1.31 -28.98
N ASP M 183 -12.50 -0.01 -29.05
CA ASP M 183 -11.67 -0.71 -30.02
C ASP M 183 -12.28 -0.56 -31.41
N TRP M 184 -11.46 -0.72 -32.44
CA TRP M 184 -11.91 -0.52 -33.82
C TRP M 184 -12.90 -1.58 -34.29
N PRO M 185 -13.83 -1.19 -35.19
CA PRO M 185 -14.62 -2.28 -35.79
C PRO M 185 -13.67 -3.26 -36.53
N GLN M 186 -13.87 -4.56 -36.34
CA GLN M 186 -12.95 -5.56 -36.90
C GLN M 186 -12.85 -5.47 -38.41
N GLY M 187 -11.63 -5.53 -38.94
CA GLY M 187 -11.45 -5.51 -40.37
C GLY M 187 -11.27 -4.10 -40.91
N ILE M 188 -11.83 -3.09 -40.25
CA ILE M 188 -11.81 -1.73 -40.84
C ILE M 188 -10.39 -1.22 -41.14
N VAL M 189 -9.38 -1.81 -40.51
CA VAL M 189 -8.01 -1.33 -40.77
C VAL M 189 -7.66 -1.54 -42.26
N MET M 190 -8.18 -2.59 -42.89
CA MET M 190 -7.86 -2.82 -44.29
C MET M 190 -8.51 -1.79 -45.25
N LYS M 191 -9.34 -0.91 -44.72
CA LYS M 191 -10.10 0.01 -45.57
C LYS M 191 -9.48 1.40 -45.60
N GLY M 192 -8.32 1.54 -44.96
CA GLY M 192 -7.57 2.78 -45.02
C GLY M 192 -6.19 2.56 -45.61
N ASN M 193 -5.29 3.53 -45.43
CA ASN M 193 -3.92 3.36 -45.90
C ASN M 193 -3.14 2.46 -44.92
N TYR M 194 -3.44 1.17 -44.93
CA TYR M 194 -2.87 0.29 -43.91
C TYR M 194 -1.34 0.29 -43.92
N LYS M 195 -0.77 0.37 -45.11
CA LYS M 195 0.69 0.26 -45.21
C LYS M 195 1.42 1.42 -44.53
N GLN M 196 0.88 2.64 -44.67
CA GLN M 196 1.44 3.79 -43.96
C GLN M 196 1.26 3.64 -42.47
N LEU M 197 0.11 3.12 -42.06
CA LEU M 197 -0.14 2.84 -40.64
C LEU M 197 0.91 1.89 -40.11
N TYR M 198 1.07 0.74 -40.77
CA TYR M 198 2.03 -0.27 -40.35
C TYR M 198 3.43 0.36 -40.27
N ARG M 199 3.79 1.14 -41.28
CA ARG M 199 5.08 1.81 -41.22
C ARG M 199 5.25 2.51 -39.87
N PHE M 200 4.23 3.24 -39.46
CA PHE M 200 4.24 4.02 -38.21
C PHE M 200 3.97 3.25 -36.89
N GLN M 201 3.30 2.11 -36.96
CA GLN M 201 2.91 1.36 -35.77
C GLN M 201 3.05 -0.10 -36.12
N PRO M 202 4.30 -0.54 -36.33
CA PRO M 202 4.45 -1.89 -36.85
C PRO M 202 3.82 -2.95 -35.94
N GLY M 203 3.51 -2.61 -34.69
CA GLY M 203 2.75 -3.52 -33.83
C GLY M 203 1.37 -3.87 -34.39
N PHE M 204 0.79 -2.94 -35.17
CA PHE M 204 -0.57 -3.13 -35.69
C PHE M 204 -0.64 -4.19 -36.78
N LYS M 205 0.52 -4.56 -37.29
CA LYS M 205 0.61 -5.50 -38.40
C LYS M 205 0.30 -6.96 -37.97
N LYS M 206 0.51 -7.27 -36.69
CA LYS M 206 0.35 -8.64 -36.19
C LYS M 206 -1.04 -9.27 -36.38
N ASP M 207 -2.10 -8.56 -35.97
CA ASP M 207 -3.47 -9.10 -36.08
C ASP M 207 -4.04 -9.00 -37.51
N GLY M 208 -3.27 -8.37 -38.40
CA GLY M 208 -3.70 -8.17 -39.77
C GLY M 208 -5.11 -7.61 -39.89
N ALA M 209 -5.91 -8.19 -40.78
CA ALA M 209 -7.29 -7.76 -40.93
C ALA M 209 -8.22 -8.32 -39.82
N SER M 210 -7.75 -9.27 -39.01
CA SER M 210 -8.62 -9.72 -37.94
C SER M 210 -8.65 -8.67 -36.82
N LEU M 211 -7.89 -7.59 -37.01
CA LEU M 211 -7.78 -6.55 -35.99
C LEU M 211 -9.10 -5.84 -35.63
N GLY M 212 -9.41 -5.85 -34.34
CA GLY M 212 -10.52 -5.11 -33.78
C GLY M 212 -11.69 -5.96 -33.32
N SER M 213 -12.83 -5.33 -33.13
CA SER M 213 -13.96 -6.03 -32.52
C SER M 213 -15.00 -6.44 -33.56
N PRO M 214 -15.31 -7.75 -33.62
CA PRO M 214 -16.38 -8.26 -34.50
C PRO M 214 -17.76 -7.68 -34.13
N ILE M 215 -17.97 -7.41 -32.84
CA ILE M 215 -19.23 -6.81 -32.36
C ILE M 215 -19.37 -5.44 -32.98
N ASN M 216 -18.31 -4.66 -32.90
CA ASN M 216 -18.33 -3.34 -33.50
C ASN M 216 -18.48 -3.41 -35.02
N LYS M 217 -17.94 -4.46 -35.62
CA LYS M 217 -18.03 -4.67 -37.08
C LYS M 217 -19.48 -4.81 -37.57
N VAL M 218 -20.23 -5.65 -36.87
CA VAL M 218 -21.62 -6.00 -37.15
C VAL M 218 -22.52 -4.80 -36.89
N ILE M 219 -22.21 -4.06 -35.83
CA ILE M 219 -22.99 -2.86 -35.53
C ILE M 219 -22.79 -1.85 -36.63
N LEU M 220 -21.55 -1.66 -37.05
CA LEU M 220 -21.30 -0.74 -38.15
C LEU M 220 -21.99 -1.23 -39.43
N ASN M 221 -21.84 -2.51 -39.76
CA ASN M 221 -22.54 -3.09 -40.92
C ASN M 221 -24.05 -2.99 -40.78
N THR M 222 -24.56 -3.18 -39.55
CA THR M 222 -26.02 -3.10 -39.35
C THR M 222 -26.55 -1.68 -39.42
N LEU M 223 -25.93 -0.76 -38.67
CA LEU M 223 -26.45 0.62 -38.57
C LEU M 223 -25.95 1.54 -39.69
N LYS M 224 -24.79 1.22 -40.25
CA LYS M 224 -24.24 2.01 -41.35
C LYS M 224 -24.24 3.51 -41.08
N PRO M 225 -23.77 3.91 -39.88
CA PRO M 225 -23.71 5.31 -39.44
C PRO M 225 -22.87 6.14 -40.38
N LYS M 226 -23.00 7.45 -40.28
CA LYS M 226 -22.23 8.37 -41.09
C LYS M 226 -20.79 8.43 -40.71
N TYR M 227 -20.55 8.41 -39.42
CA TYR M 227 -19.19 8.38 -38.87
C TYR M 227 -19.14 7.35 -37.79
N TRP M 228 -18.04 6.60 -37.79
CA TRP M 228 -17.67 5.74 -36.65
C TRP M 228 -16.36 6.28 -36.11
N ILE M 229 -16.32 6.53 -34.80
CA ILE M 229 -15.11 7.11 -34.17
C ILE M 229 -14.63 6.16 -33.07
N SER M 230 -13.34 5.87 -33.04
CA SER M 230 -12.78 4.90 -32.13
C SER M 230 -11.51 5.38 -31.44
N GLY M 231 -11.20 4.84 -30.25
CA GLY M 231 -10.12 5.39 -29.42
C GLY M 231 -9.03 4.51 -28.80
N HIS M 232 -9.11 3.21 -28.99
CA HIS M 232 -8.20 2.31 -28.30
C HIS M 232 -6.74 2.31 -28.83
N MET M 233 -6.57 2.52 -30.13
CA MET M 233 -5.24 2.51 -30.72
C MET M 233 -4.67 3.91 -30.64
N HIS M 234 -3.43 4.02 -30.20
CA HIS M 234 -2.83 5.32 -30.01
C HIS M 234 -2.27 5.88 -31.31
N CYS M 235 -3.15 6.36 -32.18
CA CYS M 235 -2.79 6.85 -33.50
C CYS M 235 -3.94 7.54 -34.21
N GLU M 236 -3.63 8.34 -35.23
CA GLU M 236 -4.64 8.83 -36.14
C GLU M 236 -4.82 7.76 -37.22
N TYR M 237 -6.05 7.57 -37.67
CA TYR M 237 -6.32 6.77 -38.87
C TYR M 237 -7.71 7.11 -39.39
N HIS M 238 -7.89 6.90 -40.70
CA HIS M 238 -9.12 7.20 -41.42
C HIS M 238 -9.40 6.00 -42.32
N ALA M 239 -10.65 5.87 -42.76
CA ALA M 239 -11.04 4.74 -43.60
C ALA M 239 -12.47 4.91 -44.02
N GLU M 240 -12.84 4.26 -45.11
CA GLU M 240 -14.22 4.28 -45.58
C GLU M 240 -14.74 2.85 -45.70
N GLU M 241 -15.92 2.62 -45.15
CA GLU M 241 -16.58 1.32 -45.27
C GLU M 241 -18.02 1.58 -45.66
N GLY M 242 -18.31 1.37 -46.95
CA GLY M 242 -19.60 1.76 -47.48
C GLY M 242 -19.80 3.24 -47.22
N PRO M 243 -21.07 3.61 -46.75
CA PRO M 243 -21.23 5.06 -46.55
C PRO M 243 -20.75 5.54 -45.19
N THR M 244 -19.90 4.78 -44.52
CA THR M 244 -19.42 5.18 -43.20
C THR M 244 -18.02 5.73 -43.21
N HIS M 245 -17.84 6.90 -42.62
CA HIS M 245 -16.53 7.48 -42.43
C HIS M 245 -15.94 7.01 -41.10
N PHE M 246 -14.91 6.18 -41.15
CA PHE M 246 -14.23 5.75 -39.93
C PHE M 246 -13.10 6.69 -39.49
N ILE M 247 -13.06 7.04 -38.21
CA ILE M 247 -11.98 7.91 -37.72
C ILE M 247 -11.43 7.35 -36.41
N ALA M 248 -10.10 7.27 -36.28
CA ALA M 248 -9.50 6.76 -35.05
C ALA M 248 -8.60 7.85 -34.48
N LEU M 249 -8.54 7.91 -33.14
CA LEU M 249 -7.88 9.00 -32.43
C LEU M 249 -6.92 8.49 -31.34
N GLY M 250 -5.88 9.28 -31.09
CA GLY M 250 -4.86 8.93 -30.14
C GLY M 250 -5.21 9.26 -28.69
N LYS M 251 -4.20 9.15 -27.86
CA LYS M 251 -4.31 9.29 -26.41
C LYS M 251 -4.02 10.72 -26.00
N ILE M 252 -4.75 11.23 -25.01
CA ILE M 252 -4.54 12.62 -24.56
C ILE M 252 -3.09 12.85 -24.11
N GLY M 253 -2.48 13.90 -24.63
CA GLY M 253 -1.05 14.13 -24.40
C GLY M 253 -0.20 14.02 -25.66
N TYR M 254 -0.81 13.49 -26.73
CA TYR M 254 -0.17 13.44 -28.05
C TYR M 254 -1.09 14.14 -29.05
N LYS M 255 -0.54 14.62 -30.15
CA LYS M 255 -1.30 15.48 -31.06
C LYS M 255 -2.43 14.77 -31.78
N ASN M 256 -2.29 13.46 -31.94
CA ASN M 256 -3.28 12.67 -32.66
C ASN M 256 -4.53 12.35 -31.83
N ALA M 257 -4.68 13.01 -30.69
CA ALA M 257 -5.72 12.65 -29.73
C ALA M 257 -7.03 13.43 -29.85
N ILE M 258 -7.01 14.57 -30.52
CA ILE M 258 -8.19 15.42 -30.61
C ILE M 258 -8.39 15.95 -32.03
N SER M 259 -9.57 15.73 -32.60
CA SER M 259 -9.90 16.38 -33.88
C SER M 259 -11.27 17.03 -33.74
N TYR M 260 -11.79 17.57 -34.85
CA TYR M 260 -13.06 18.28 -34.82
C TYR M 260 -13.96 17.93 -35.99
N LEU M 261 -15.25 17.79 -35.74
CA LEU M 261 -16.18 17.54 -36.80
C LEU M 261 -17.03 18.77 -36.98
N ASP M 262 -17.08 19.23 -38.23
CA ASP M 262 -17.82 20.42 -38.61
C ASP M 262 -19.06 19.98 -39.37
N LEU M 263 -20.19 19.93 -38.66
CA LEU M 263 -21.35 19.35 -39.26
C LEU M 263 -22.39 20.43 -39.42
N PRO M 264 -23.28 20.25 -40.42
CA PRO M 264 -24.42 21.15 -40.53
C PRO M 264 -25.23 21.12 -39.22
N LEU M 265 -25.84 22.24 -38.91
CA LEU M 265 -26.61 22.35 -37.69
C LEU M 265 -28.07 22.80 -37.96
N LYS M 266 -28.92 21.84 -38.33
CA LYS M 266 -30.31 22.11 -38.67
C LYS M 266 -30.96 22.83 -37.49
N GLN M 267 -31.01 22.11 -36.37
CA GLN M 267 -31.70 22.57 -35.18
C GLN M 267 -30.69 22.56 -34.02
N LYS M 268 -30.83 23.52 -33.11
CA LYS M 268 -30.03 23.49 -31.89
C LYS M 268 -30.79 23.05 -30.63
N THR M 269 -30.49 21.84 -30.15
CA THR M 269 -31.33 21.17 -29.16
C THR M 269 -30.53 20.63 -27.96
N ASP M 270 -31.15 20.59 -26.79
CA ASP M 270 -30.49 20.03 -25.62
C ASP M 270 -30.26 18.54 -25.76
N LEU M 271 -29.32 18.03 -24.98
CA LEU M 271 -29.10 16.59 -24.95
C LEU M 271 -30.42 15.94 -24.53
N GLU M 272 -30.89 14.99 -25.35
CA GLU M 272 -32.09 14.19 -25.04
C GLU M 272 -31.88 12.68 -25.21
N TYR M 273 -32.71 11.87 -24.56
CA TYR M 273 -32.73 10.44 -24.88
C TYR M 273 -33.32 10.23 -26.26
N ASP M 274 -32.77 9.29 -27.02
CA ASP M 274 -33.34 8.90 -28.32
C ASP M 274 -34.63 8.11 -28.13
N LYS M 275 -35.70 8.53 -28.83
CA LYS M 275 -37.01 7.90 -28.64
C LYS M 275 -37.00 6.40 -28.96
N ASP M 276 -36.40 6.02 -30.09
CA ASP M 276 -36.32 4.59 -30.41
C ASP M 276 -35.46 3.83 -29.40
N TRP M 277 -34.32 4.39 -29.05
CA TRP M 277 -33.52 3.75 -27.98
C TRP M 277 -34.42 3.56 -26.78
N VAL M 278 -35.15 4.63 -26.40
CA VAL M 278 -36.05 4.53 -25.22
C VAL M 278 -37.02 3.35 -25.35
N CYS M 279 -37.63 3.20 -26.52
CA CYS M 279 -38.60 2.11 -26.68
C CYS M 279 -37.96 0.75 -26.51
N ASN M 280 -36.78 0.59 -27.10
CA ASN M 280 -36.03 -0.66 -26.98
C ASN M 280 -35.75 -0.98 -25.54
N LEU M 281 -35.42 0.07 -24.81
CA LEU M 281 -34.98 -0.08 -23.44
C LEU M 281 -36.11 -0.58 -22.58
N ILE M 282 -37.31 -0.04 -22.82
CA ILE M 282 -38.48 -0.47 -22.06
C ILE M 282 -38.90 -1.88 -22.47
N MET M 283 -38.93 -2.11 -23.77
CA MET M 283 -39.44 -3.38 -24.27
C MET M 283 -38.55 -4.59 -23.88
N THR M 284 -37.26 -4.34 -23.60
CA THR M 284 -36.42 -5.44 -23.20
C THR M 284 -36.42 -5.65 -21.70
N TRP M 285 -37.22 -4.87 -20.97
CA TRP M 285 -37.19 -4.98 -19.52
C TRP M 285 -37.19 -6.43 -18.99
N PRO M 286 -38.02 -7.31 -19.58
CA PRO M 286 -38.09 -8.66 -19.03
C PRO M 286 -36.73 -9.32 -18.95
N ALA M 287 -35.88 -9.04 -19.95
CA ALA M 287 -34.54 -9.64 -19.96
C ALA M 287 -33.61 -9.12 -18.84
N PHE M 288 -33.95 -7.96 -18.25
CA PHE M 288 -33.08 -7.26 -17.30
C PHE M 288 -33.73 -7.14 -15.95
N SER M 289 -34.78 -7.93 -15.72
CA SER M 289 -35.56 -7.81 -14.48
C SER M 289 -34.88 -8.35 -13.24
N ASN M 290 -33.85 -9.20 -13.41
CA ASN M 290 -33.10 -9.69 -12.23
C ASN M 290 -31.92 -8.73 -12.03
N LYS M 291 -31.94 -7.95 -10.94
CA LYS M 291 -30.96 -6.86 -10.77
C LYS M 291 -29.56 -7.42 -10.48
N ALA M 292 -29.50 -8.71 -10.14
CA ALA M 292 -28.23 -9.31 -9.71
C ALA M 292 -27.48 -9.99 -10.86
N GLN M 293 -28.18 -10.25 -11.95
CA GLN M 293 -27.56 -10.86 -13.10
C GLN M 293 -28.38 -10.55 -14.32
N PHE M 294 -27.79 -9.80 -15.24
CA PHE M 294 -28.50 -9.42 -16.45
C PHE M 294 -27.52 -9.18 -17.57
N PRO M 295 -28.01 -9.23 -18.82
CA PRO M 295 -29.39 -9.64 -19.13
C PRO M 295 -29.60 -11.15 -18.94
N ASP M 296 -30.87 -11.58 -18.89
CA ASP M 296 -31.16 -13.03 -18.91
C ASP M 296 -31.39 -13.37 -20.37
N LEU M 297 -30.46 -14.12 -20.95
CA LEU M 297 -30.55 -14.43 -22.36
C LEU M 297 -31.31 -15.74 -22.59
N SER M 298 -31.94 -16.25 -21.53
CA SER M 298 -32.99 -17.26 -21.74
C SER M 298 -34.12 -16.57 -22.50
N TYR M 299 -34.20 -15.23 -22.41
CA TYR M 299 -35.05 -14.44 -23.32
C TYR M 299 -34.33 -14.14 -24.62
N SER M 300 -35.08 -14.01 -25.71
CA SER M 300 -34.50 -13.46 -26.95
C SER M 300 -34.71 -11.96 -27.00
N ILE M 301 -33.62 -11.21 -27.22
CA ILE M 301 -33.72 -9.74 -27.34
C ILE M 301 -34.49 -9.35 -28.61
N SER M 302 -34.14 -9.96 -29.74
CA SER M 302 -34.89 -9.75 -30.98
C SER M 302 -36.38 -10.05 -30.74
N GLU M 303 -36.66 -11.23 -30.18
CA GLU M 303 -38.02 -11.63 -29.80
C GLU M 303 -38.72 -10.55 -28.95
N LEU M 304 -38.02 -10.04 -27.93
CA LEU M 304 -38.55 -8.99 -27.08
C LEU M 304 -38.84 -7.72 -27.87
N LEU M 305 -37.93 -7.36 -28.77
CA LEU M 305 -38.10 -6.14 -29.55
C LEU M 305 -39.12 -6.28 -30.67
N SER M 306 -39.41 -7.52 -31.06
CA SER M 306 -40.35 -7.71 -32.17
C SER M 306 -41.71 -7.24 -31.69
N LYS M 307 -41.95 -7.31 -30.38
CA LYS M 307 -43.25 -6.89 -29.83
C LYS M 307 -43.51 -5.38 -29.90
N ARG M 308 -42.55 -4.59 -30.42
CA ARG M 308 -42.75 -3.15 -30.53
C ARG M 308 -43.84 -2.89 -31.54
N THR M 309 -44.69 -1.91 -31.25
CA THR M 309 -45.68 -1.45 -32.22
C THR M 309 -45.73 0.05 -32.17
N LYS M 310 -46.40 0.66 -33.13
CA LYS M 310 -46.47 2.12 -33.17
C LYS M 310 -47.17 2.64 -31.91
N GLU M 311 -48.17 1.89 -31.46
CA GLU M 311 -49.00 2.40 -30.37
C GLU M 311 -48.35 2.14 -29.01
N LEU M 312 -47.64 1.04 -28.87
CA LEU M 312 -46.88 0.87 -27.64
C LEU M 312 -45.81 1.98 -27.56
N ASP M 313 -45.21 2.26 -28.71
CA ASP M 313 -44.13 3.23 -28.79
C ASP M 313 -44.63 4.57 -28.27
N LYS M 314 -45.77 5.01 -28.78
CA LYS M 314 -46.36 6.27 -28.37
C LYS M 314 -46.53 6.33 -26.84
N LYS M 315 -47.16 5.30 -26.30
CA LYS M 315 -47.41 5.20 -24.89
C LYS M 315 -46.08 5.22 -24.10
N ILE M 316 -45.09 4.46 -24.57
CA ILE M 316 -43.78 4.46 -23.93
C ILE M 316 -43.19 5.85 -23.78
N ILE M 317 -43.09 6.58 -24.90
CA ILE M 317 -42.47 7.88 -24.88
C ILE M 317 -43.24 8.75 -23.90
N GLU M 318 -44.56 8.71 -24.03
CA GLU M 318 -45.42 9.53 -23.20
C GLU M 318 -45.10 9.32 -21.72
N LEU M 319 -45.00 8.06 -21.31
CA LEU M 319 -44.72 7.68 -19.92
C LEU M 319 -43.29 8.02 -19.52
N TRP M 320 -42.35 7.91 -20.45
CA TRP M 320 -40.98 8.26 -20.16
C TRP M 320 -40.87 9.77 -19.94
N GLU M 321 -41.52 10.52 -20.81
CA GLU M 321 -41.59 11.96 -20.69
CA GLU M 321 -41.53 11.97 -20.66
C GLU M 321 -42.13 12.39 -19.33
N LYS M 322 -43.05 11.57 -18.79
CA LYS M 322 -43.71 11.82 -17.50
C LYS M 322 -42.76 11.60 -16.31
N TYR M 323 -42.27 10.36 -16.22
CA TYR M 323 -41.49 9.92 -15.10
C TYR M 323 -40.05 10.42 -15.13
N ILE M 324 -39.44 10.45 -16.31
CA ILE M 324 -38.01 10.80 -16.42
C ILE M 324 -37.77 12.11 -17.12
N GLY M 325 -38.45 12.30 -18.25
CA GLY M 325 -38.25 13.46 -19.09
C GLY M 325 -37.31 13.11 -20.24
N LEU M 326 -37.58 13.68 -21.41
CA LEU M 326 -36.73 13.37 -22.57
C LEU M 326 -35.40 14.13 -22.52
N LYS M 327 -35.35 15.30 -21.87
CA LYS M 327 -34.05 15.98 -21.71
C LYS M 327 -33.22 15.17 -20.71
N ILE M 328 -31.95 14.97 -21.04
CA ILE M 328 -31.05 14.32 -20.11
C ILE M 328 -30.50 15.34 -19.10
N ILE M 329 -30.99 15.29 -17.88
CA ILE M 329 -30.66 16.30 -16.90
C ILE M 329 -29.69 15.73 -15.87
N TYR M 330 -28.86 16.59 -15.29
CA TYR M 330 -27.92 16.20 -14.25
C TYR M 330 -28.63 15.86 -12.92
N ASP M 331 -28.10 14.83 -12.28
CA ASP M 331 -28.69 14.21 -11.10
C ASP M 331 -27.46 13.89 -10.25
N SER M 332 -27.46 14.28 -8.99
CA SER M 332 -26.27 14.11 -8.21
C SER M 332 -26.44 13.00 -7.19
N ASP M 333 -27.46 12.16 -7.35
CA ASP M 333 -27.56 11.05 -6.43
C ASP M 333 -26.39 10.11 -6.70
N THR M 334 -26.01 9.35 -5.69
CA THR M 334 -24.92 8.39 -5.84
C THR M 334 -25.25 7.39 -6.93
N PHE M 335 -24.22 6.77 -7.47
CA PHE M 335 -24.41 5.94 -8.64
C PHE M 335 -25.26 4.71 -8.36
N ASP M 336 -25.17 4.19 -7.15
CA ASP M 336 -25.96 3.01 -6.78
C ASP M 336 -27.44 3.36 -6.65
N ILE M 337 -27.74 4.58 -6.22
CA ILE M 337 -29.13 5.06 -6.13
C ILE M 337 -29.67 5.36 -7.57
N GLN M 338 -28.84 5.95 -8.43
CA GLN M 338 -29.24 6.08 -9.83
C GLN M 338 -29.58 4.77 -10.55
N PHE M 339 -28.75 3.74 -10.35
CA PHE M 339 -28.97 2.46 -10.96
C PHE M 339 -30.40 2.02 -10.61
N THR M 340 -30.75 2.13 -9.34
CA THR M 340 -32.02 1.57 -8.85
C THR M 340 -33.16 2.39 -9.38
N SER M 341 -32.97 3.70 -9.36
CA SER M 341 -34.02 4.60 -9.82
C SER M 341 -34.36 4.46 -11.31
N ARG M 342 -33.36 4.48 -12.15
CA ARG M 342 -33.64 4.32 -13.57
C ARG M 342 -34.31 2.98 -13.93
N ARG M 343 -33.90 1.90 -13.28
CA ARG M 343 -34.54 0.56 -13.42
C ARG M 343 -35.94 0.52 -12.85
N PHE M 344 -36.20 1.30 -11.81
CA PHE M 344 -37.55 1.41 -11.31
C PHE M 344 -38.48 2.06 -12.34
N TYR M 345 -38.02 3.08 -13.04
CA TYR M 345 -38.91 3.69 -14.03
C TYR M 345 -39.02 2.82 -15.26
N ILE M 346 -37.93 2.14 -15.61
CA ILE M 346 -38.03 1.20 -16.71
C ILE M 346 -39.08 0.12 -16.46
N GLU M 347 -39.04 -0.48 -15.28
CA GLU M 347 -40.00 -1.54 -14.92
C GLU M 347 -41.41 -0.94 -14.89
N LYS M 348 -41.54 0.23 -14.27
CA LYS M 348 -42.85 0.83 -14.09
C LYS M 348 -43.51 1.05 -15.43
N ILE M 349 -42.77 1.65 -16.38
CA ILE M 349 -43.31 1.91 -17.71
C ILE M 349 -43.71 0.59 -18.40
N TYR M 350 -42.78 -0.34 -18.47
CA TYR M 350 -43.11 -1.63 -19.08
C TYR M 350 -44.43 -2.19 -18.54
N ASN M 351 -44.49 -2.41 -17.24
CA ASN M 351 -45.69 -2.96 -16.64
C ASN M 351 -46.96 -2.15 -16.98
N GLU M 352 -46.80 -0.85 -17.18
CA GLU M 352 -47.93 0.02 -17.46
C GLU M 352 -48.51 -0.23 -18.86
N LEU M 353 -47.80 -1.01 -19.66
CA LEU M 353 -48.23 -1.33 -21.01
C LEU M 353 -49.15 -2.54 -20.98
N ASN M 354 -49.12 -3.26 -19.87
CA ASN M 354 -49.93 -4.47 -19.72
C ASN M 354 -49.75 -5.41 -20.90
#